data_7EPD
#
_entry.id   7EPD
#
_cell.length_a   1.00
_cell.length_b   1.00
_cell.length_c   1.00
_cell.angle_alpha   90.00
_cell.angle_beta   90.00
_cell.angle_gamma   90.00
#
_symmetry.space_group_name_H-M   'P 1'
#
loop_
_entity.id
_entity.type
_entity.pdbx_description
1 polymer 'Metabotropic glutamate receptor 2,Peptidylprolyl isomerase'
2 polymer 'Isoform 3 of Metabotropic glutamate receptor 7'
#
loop_
_entity_poly.entity_id
_entity_poly.type
_entity_poly.pdbx_seq_one_letter_code
_entity_poly.pdbx_strand_id
1 'polypeptide(L)'
;DYKDDDDGAPEGPAKKVLTLEGDLVLGGLFPVHQKGGPAEDCGPVNEHRGIQRLEAMLFALDRINRDPHLLPGVRLGAHI
LDSCSKDTHALEQALDFVRASLSRGADGSRHICPDGSYATHGDAPTAITGVIGGSYSDVSIQVANLLRLFQIPQISYAST
SAKLSDKSRYDYFARTVPPDFFQAKAMAEILRFFNWTYVSTVASEGDYGETGIEAFELEARARNICVATSEKVGRAMSRA
AFEGVVRALLQKPSARVAVLFTRSEDARELLAASQRLNASFTWVASDGWGALESVVAGSEGAAEGAITIELASYPISDFA
SYFQSLDPWNNSRNPWFREFWEQRFRCSFRQRDCAAHSLRAVPFEQESKIMFVVNAVYAMAHALHNMHRALCPNTTRLCD
AMRPVNGRRLYKDFVLNVKFDAPFRPADTHNEVRFDRFGDGIGRYNIFTYLRAGSGRYRYQKVGYWAEGLTLDTSLIPWA
SPSAGPLPASRCSEPCLQNEVKSVQPGEVCCWLCIPCQPYEYRLDEFTCADCGLGYWPNASLTGCFELPQEYIRWGDAWA
VGPVTIACLGALATLFVLGVFVRHNATPVVKASGRELCYILLGGVFLCYCMTFIFIAKPSTAVCTLRRLGLGTAFSVCYS
ALLTKTYRIARIFGGAREGAQRPRFISPASQVAICLALISGQLLIVVAWLVVEAPGTGKETAPERREVVTLRCNHRDASM
LGSLAYNVLLIALCTLYAFKTRKCPENFNEAKFIGFTMYTTCIIWLAFLPIFYVTSSDYRVQTTTMCVSVSLSGSVVLGC
LFAPKLYIILFQPQKNVAAAGVQVETISPGDGRTFPKRGQTCVVHYTGMLEDGKKFDSSRDRNKPFKFMLGKQEVIRGWE
EGVAQMSVGQRAKLTISPDYAYGATGHPGIIPPHATLVFDVELLKLEEFLEVLFQGPHHHHHHHHHH
;
A
2 'polypeptide(L)'
;GSWSHPQFEKGSGSWSHPQFEKGSLEVLFQGPGAPQEMYAPHSIRIEGDVTLGGLFPVHAKGPSGVPCGDIKRENGIHRL
EAMLYALDQINSDPNLLPNVTLGARILDTCSRDTYALEQSLTFVQALIQKDTSDVRCTNGEPPVFVKPEKVVGVIGASGS
SVSIMVANILRLFQIPQISYASTAPELSDDRRYDFFSRVVPPDSFQAQAMVDIVKALGWNYVSTLASEGSYGEKGVESFT
QISKEAGGLCIAQSVRIPQERKDRTIDFDRIIKQLLDTPNSRAVVIFANDEDIKQILAAAKRADQVGHFLWVGSDSWGSK
INPLHQHEDIAEGAITIQPKRATVEGFDAYFTSRTLENNRRNVWFAEYWEENFNCKLTISGSKKEDTDRKCTGQERIGKD
SNYEQEGKVQFVIDAVYAMAHALHHMNKDLCADYRGVCPEMEQAGGKKLLKYIRNVNFNGSAGTPVMFNKNGDAPGRYDI
FQYQTTNTSNPGYRLIGQWTDELQLNIEDMQWGKGVREIPASVCTLPCKPGQRKKTQKGTPCCWTCEPCDGYQYQFDEMT
CQHCPYDQRPNENRTGCQDIPIIKLEWHSPWAVIPVFLAMLGIIATIFVMATFIRYNDTPIVRASGRELSYVLLTGIFLC
YIITFLMIAKPDVAVCSFRRVFLGLGMCISYAALLTKTNRIYRIFEQGKKSVTAPRLISPTSQLAITSSLISVQLLGVFI
WFIVDPPNIIIDYDEHKTMNPEQARGVLKCDITDLQIICSLGYSILLMVTCTVYAFKTRGVPENFNEAKYIGFTMYTTCI
VWLAFIPIFFGTAQSAEKLYIQTTTLTISMNLSASVALGMLYMPKVYIIIFHPELNVQKRAAAAILWHEMWHEGLEEASR
LYFGERNVKGMFEVLEPLHAMMERGPQTLKETSFNQAYGRDLMEAQEWCRKYMKSGNVKDLTQAWDLYYHVFRRISKQEF
DYKDDDD
;
B
#
# COMPACT_ATOMS: atom_id res chain seq x y z
N LYS A 15 36.08 -48.67 -6.06
CA LYS A 15 37.01 -49.79 -6.16
C LYS A 15 38.14 -49.48 -7.12
N LYS A 16 37.87 -48.62 -8.09
CA LYS A 16 38.85 -48.20 -9.09
C LYS A 16 39.11 -46.71 -8.94
N VAL A 17 40.39 -46.34 -8.90
CA VAL A 17 40.79 -44.94 -8.75
C VAL A 17 41.92 -44.67 -9.73
N LEU A 18 41.74 -43.64 -10.56
CA LEU A 18 42.77 -43.23 -11.52
C LEU A 18 43.63 -42.14 -10.90
N THR A 19 44.93 -42.37 -10.83
CA THR A 19 45.87 -41.43 -10.25
C THR A 19 47.01 -41.17 -11.24
N LEU A 20 47.51 -39.94 -11.22
CA LEU A 20 48.62 -39.54 -12.08
C LEU A 20 49.67 -38.84 -11.22
N GLU A 21 50.92 -39.26 -11.37
CA GLU A 21 52.00 -38.67 -10.59
C GLU A 21 52.26 -37.24 -11.02
N GLY A 22 52.35 -36.33 -10.06
CA GLY A 22 52.60 -34.93 -10.35
C GLY A 22 53.03 -34.20 -9.10
N ASP A 23 53.61 -33.02 -9.32
CA ASP A 23 54.07 -32.20 -8.20
C ASP A 23 52.89 -31.67 -7.40
N LEU A 24 51.87 -31.15 -8.08
CA LEU A 24 50.65 -30.65 -7.45
C LEU A 24 49.49 -31.40 -8.09
N VAL A 25 49.17 -32.57 -7.55
CA VAL A 25 48.17 -33.44 -8.14
C VAL A 25 46.78 -32.89 -7.88
N LEU A 26 45.95 -32.89 -8.93
CA LEU A 26 44.56 -32.47 -8.84
C LEU A 26 43.69 -33.70 -8.65
N GLY A 27 42.36 -33.51 -8.72
CA GLY A 27 41.42 -34.60 -8.59
C GLY A 27 40.26 -34.43 -9.54
N GLY A 28 39.50 -35.51 -9.69
CA GLY A 28 38.36 -35.50 -10.58
C GLY A 28 37.26 -36.45 -10.16
N LEU A 29 36.00 -36.03 -10.32
CA LEU A 29 34.85 -36.88 -10.03
C LEU A 29 33.93 -36.85 -11.26
N PHE A 30 34.20 -37.73 -12.20
CA PHE A 30 33.39 -37.84 -13.41
C PHE A 30 32.51 -39.08 -13.31
N PRO A 31 31.19 -38.94 -13.41
CA PRO A 31 30.33 -40.14 -13.31
C PRO A 31 30.45 -41.02 -14.54
N VAL A 32 31.12 -42.16 -14.39
CA VAL A 32 31.30 -43.07 -15.51
C VAL A 32 30.14 -44.05 -15.63
N HIS A 33 29.54 -44.46 -14.53
CA HIS A 33 28.40 -45.35 -14.52
C HIS A 33 27.15 -44.58 -14.11
N GLN A 34 26.02 -45.29 -14.09
CA GLN A 34 24.74 -44.73 -13.70
C GLN A 34 24.16 -45.52 -12.54
N LYS A 35 23.14 -44.94 -11.90
CA LYS A 35 22.48 -45.59 -10.76
C LYS A 35 21.77 -46.84 -11.24
N GLY A 36 22.26 -48.01 -10.81
CA GLY A 36 21.67 -49.26 -11.21
C GLY A 36 20.44 -49.65 -10.42
N GLY A 37 20.60 -49.76 -9.10
CA GLY A 37 19.50 -50.13 -8.23
C GLY A 37 19.95 -50.42 -6.82
N PRO A 38 19.04 -50.95 -6.00
CA PRO A 38 19.41 -51.28 -4.62
C PRO A 38 20.39 -52.45 -4.51
N ALA A 39 20.29 -53.43 -5.41
CA ALA A 39 21.16 -54.60 -5.32
C ALA A 39 22.56 -54.29 -5.87
N GLU A 40 22.65 -53.93 -7.14
CA GLU A 40 23.94 -53.64 -7.74
C GLU A 40 24.39 -52.23 -7.39
N ASP A 41 25.71 -52.02 -7.43
CA ASP A 41 26.28 -50.72 -7.11
C ASP A 41 25.96 -49.70 -8.21
N CYS A 42 26.44 -49.98 -9.42
CA CYS A 42 26.18 -49.11 -10.57
C CYS A 42 26.26 -49.93 -11.84
N GLY A 43 25.54 -49.50 -12.86
CA GLY A 43 25.41 -50.25 -14.08
C GLY A 43 26.56 -50.03 -15.04
N PRO A 44 26.31 -50.28 -16.33
CA PRO A 44 27.38 -50.13 -17.32
C PRO A 44 27.75 -48.67 -17.55
N VAL A 45 28.96 -48.47 -18.07
CA VAL A 45 29.45 -47.11 -18.31
C VAL A 45 28.68 -46.47 -19.45
N ASN A 46 28.61 -45.14 -19.44
CA ASN A 46 27.99 -44.38 -20.51
C ASN A 46 29.07 -43.85 -21.45
N GLU A 47 28.77 -43.92 -22.75
CA GLU A 47 29.75 -43.53 -23.76
C GLU A 47 29.88 -42.02 -23.91
N HIS A 48 28.89 -41.25 -23.47
CA HIS A 48 28.84 -39.81 -23.74
C HIS A 48 29.31 -38.95 -22.59
N ARG A 49 28.97 -39.31 -21.35
CA ARG A 49 29.19 -38.44 -20.21
C ARG A 49 30.21 -38.96 -19.20
N GLY A 50 30.76 -40.16 -19.42
CA GLY A 50 31.65 -40.73 -18.42
C GLY A 50 33.08 -40.94 -18.87
N ILE A 51 33.28 -41.22 -20.15
CA ILE A 51 34.60 -41.55 -20.68
C ILE A 51 35.16 -40.43 -21.55
N GLN A 52 34.33 -39.84 -22.42
CA GLN A 52 34.82 -38.81 -23.32
C GLN A 52 35.25 -37.56 -22.56
N ARG A 53 34.52 -37.20 -21.51
CA ARG A 53 34.95 -36.08 -20.67
C ARG A 53 36.20 -36.42 -19.87
N LEU A 54 36.34 -37.68 -19.45
CA LEU A 54 37.54 -38.10 -18.75
C LEU A 54 38.77 -37.99 -19.64
N GLU A 55 38.69 -38.54 -20.85
CA GLU A 55 39.80 -38.39 -21.80
C GLU A 55 40.00 -36.93 -22.19
N ALA A 56 38.93 -36.14 -22.18
CA ALA A 56 39.06 -34.72 -22.48
C ALA A 56 39.91 -34.02 -21.43
N MET A 57 39.59 -34.23 -20.15
CA MET A 57 40.38 -33.61 -19.09
C MET A 57 41.79 -34.17 -19.06
N LEU A 58 41.97 -35.45 -19.41
CA LEU A 58 43.32 -36.01 -19.46
C LEU A 58 44.15 -35.36 -20.56
N PHE A 59 43.56 -35.16 -21.74
CA PHE A 59 44.28 -34.49 -22.82
C PHE A 59 44.56 -33.02 -22.47
N ALA A 60 43.61 -32.37 -21.80
CA ALA A 60 43.84 -30.98 -21.38
C ALA A 60 44.97 -30.89 -20.37
N LEU A 61 45.04 -31.85 -19.43
CA LEU A 61 46.12 -31.85 -18.46
C LEU A 61 47.46 -32.17 -19.13
N ASP A 62 47.45 -33.05 -20.12
CA ASP A 62 48.68 -33.34 -20.86
C ASP A 62 49.16 -32.12 -21.63
N ARG A 63 48.23 -31.36 -22.21
CA ARG A 63 48.59 -30.12 -22.89
C ARG A 63 49.10 -29.09 -21.90
N ILE A 64 48.52 -29.05 -20.71
CA ILE A 64 49.01 -28.15 -19.66
C ILE A 64 50.44 -28.51 -19.28
N ASN A 65 50.73 -29.80 -19.13
CA ASN A 65 52.08 -30.23 -18.78
C ASN A 65 53.09 -29.95 -19.89
N ARG A 66 52.63 -29.86 -21.14
CA ARG A 66 53.50 -29.59 -22.28
C ARG A 66 53.38 -28.16 -22.79
N ASP A 67 52.88 -27.24 -21.95
CA ASP A 67 52.74 -25.85 -22.33
C ASP A 67 53.88 -25.04 -21.73
N PRO A 68 54.77 -24.47 -22.55
CA PRO A 68 55.89 -23.69 -21.97
C PRO A 68 55.45 -22.39 -21.33
N HIS A 69 54.34 -21.81 -21.77
CA HIS A 69 53.87 -20.54 -21.22
C HIS A 69 52.98 -20.71 -20.00
N LEU A 70 52.38 -21.89 -19.82
CA LEU A 70 51.48 -22.15 -18.70
C LEU A 70 52.09 -23.23 -17.82
N LEU A 71 52.40 -22.85 -16.58
CA LEU A 71 52.98 -23.74 -15.57
C LEU A 71 54.26 -24.38 -16.09
N PRO A 72 55.34 -23.62 -16.30
CA PRO A 72 56.56 -24.24 -16.82
C PRO A 72 57.32 -25.04 -15.77
N GLY A 73 57.36 -24.58 -14.53
CA GLY A 73 58.14 -25.24 -13.51
C GLY A 73 57.43 -26.38 -12.80
N VAL A 74 56.15 -26.20 -12.49
CA VAL A 74 55.37 -27.19 -11.76
C VAL A 74 54.49 -27.95 -12.74
N ARG A 75 54.45 -29.27 -12.58
CA ARG A 75 53.61 -30.15 -13.38
C ARG A 75 52.54 -30.73 -12.47
N LEU A 76 51.28 -30.54 -12.85
CA LEU A 76 50.15 -31.02 -12.06
C LEU A 76 49.69 -32.37 -12.56
N GLY A 77 49.29 -33.24 -11.63
CA GLY A 77 48.79 -34.55 -11.94
C GLY A 77 47.28 -34.63 -11.87
N ALA A 78 46.77 -35.82 -11.58
CA ALA A 78 45.34 -36.04 -11.47
C ALA A 78 45.08 -37.25 -10.59
N HIS A 79 44.07 -37.13 -9.72
CA HIS A 79 43.59 -38.23 -8.89
C HIS A 79 42.08 -38.30 -9.10
N ILE A 80 41.66 -38.99 -10.15
CA ILE A 80 40.29 -38.96 -10.63
C ILE A 80 39.55 -40.18 -10.10
N LEU A 81 38.31 -39.97 -9.67
CA LEU A 81 37.46 -41.04 -9.14
C LEU A 81 36.12 -41.01 -9.83
N ASP A 82 35.42 -42.14 -9.79
CA ASP A 82 34.12 -42.29 -10.41
C ASP A 82 33.04 -42.40 -9.33
N SER A 83 31.90 -41.75 -9.56
CA SER A 83 30.82 -41.71 -8.60
C SER A 83 29.67 -42.66 -8.93
N CYS A 84 29.67 -43.26 -10.13
CA CYS A 84 28.61 -44.16 -10.58
C CYS A 84 27.23 -43.50 -10.59
N SER A 85 27.20 -42.17 -10.57
CA SER A 85 25.95 -41.40 -10.60
C SER A 85 25.02 -41.78 -9.45
N LYS A 86 25.58 -41.76 -8.23
CA LYS A 86 24.82 -42.06 -7.03
C LYS A 86 25.15 -41.01 -5.97
N ASP A 87 24.46 -41.10 -4.84
CA ASP A 87 24.67 -40.17 -3.73
C ASP A 87 25.68 -40.72 -2.72
N THR A 88 25.36 -41.86 -2.11
CA THR A 88 26.26 -42.44 -1.12
C THR A 88 27.59 -42.82 -1.75
N HIS A 89 27.56 -43.33 -2.99
CA HIS A 89 28.80 -43.63 -3.70
C HIS A 89 29.60 -42.35 -3.93
N ALA A 90 28.92 -41.26 -4.28
CA ALA A 90 29.61 -39.99 -4.48
C ALA A 90 30.28 -39.53 -3.18
N LEU A 91 29.58 -39.66 -2.05
CA LEU A 91 30.18 -39.29 -0.77
C LEU A 91 31.40 -40.16 -0.47
N GLU A 92 31.26 -41.47 -0.65
CA GLU A 92 32.36 -42.38 -0.33
C GLU A 92 33.57 -42.11 -1.20
N GLN A 93 33.36 -41.75 -2.47
CA GLN A 93 34.49 -41.50 -3.36
C GLN A 93 35.10 -40.12 -3.12
N ALA A 94 34.27 -39.11 -2.86
CA ALA A 94 34.80 -37.77 -2.58
C ALA A 94 35.47 -37.70 -1.21
N LEU A 95 35.19 -38.65 -0.32
CA LEU A 95 35.87 -38.68 0.96
C LEU A 95 37.38 -38.90 0.82
N ASP A 96 37.82 -39.49 -0.29
CA ASP A 96 39.25 -39.76 -0.47
C ASP A 96 40.04 -38.48 -0.66
N PHE A 97 39.47 -37.49 -1.35
CA PHE A 97 40.16 -36.22 -1.54
C PHE A 97 40.51 -35.58 -0.21
N VAL A 98 39.64 -35.73 0.79
CA VAL A 98 39.88 -35.16 2.10
C VAL A 98 40.73 -36.08 2.96
N ARG A 99 40.52 -37.40 2.87
CA ARG A 99 41.36 -38.36 3.57
C ARG A 99 42.83 -38.17 3.20
N ALA A 100 43.10 -37.78 1.95
CA ALA A 100 44.47 -37.47 1.56
C ALA A 100 44.97 -36.18 2.20
N SER A 101 44.07 -35.30 2.63
CA SER A 101 44.44 -34.01 3.22
C SER A 101 44.32 -33.98 4.74
N LEU A 102 43.94 -35.09 5.37
CA LEU A 102 43.81 -35.11 6.82
C LEU A 102 45.18 -35.01 7.48
N SER A 103 45.22 -34.32 8.62
CA SER A 103 46.47 -34.18 9.35
C SER A 103 46.94 -35.52 9.90
N ARG A 104 46.07 -36.23 10.61
CA ARG A 104 46.42 -37.54 11.14
C ARG A 104 46.57 -38.56 10.01
N GLY A 105 45.71 -38.48 8.99
CA GLY A 105 45.77 -39.38 7.87
C GLY A 105 45.17 -40.74 8.14
N ALA A 106 45.80 -41.52 9.01
CA ALA A 106 45.34 -42.86 9.36
C ALA A 106 45.22 -42.97 10.86
N ASP A 107 44.10 -43.51 11.33
CA ASP A 107 43.89 -43.69 12.75
C ASP A 107 44.80 -44.79 13.30
N GLY A 108 45.26 -44.61 14.53
CA GLY A 108 46.14 -45.59 15.15
C GLY A 108 45.43 -46.90 15.39
N SER A 109 46.04 -48.00 14.93
CA SER A 109 45.47 -49.32 15.10
C SER A 109 46.60 -50.35 15.04
N ARG A 110 46.32 -51.52 15.60
CA ARG A 110 47.27 -52.62 15.64
C ARG A 110 46.93 -53.63 14.55
N HIS A 111 47.92 -53.95 13.71
CA HIS A 111 47.70 -54.87 12.62
C HIS A 111 47.65 -56.31 13.13
N ILE A 112 46.77 -57.10 12.51
CA ILE A 112 46.71 -58.52 12.81
C ILE A 112 47.75 -59.32 12.03
N CYS A 113 48.61 -58.65 11.27
CA CYS A 113 49.68 -59.32 10.52
C CYS A 113 50.91 -59.47 11.39
N GLY A 122 50.94 -48.17 4.21
CA GLY A 122 51.86 -48.30 3.11
C GLY A 122 51.93 -47.06 2.23
N ASP A 123 50.91 -46.89 1.39
CA ASP A 123 50.86 -45.73 0.51
C ASP A 123 50.65 -44.45 1.32
N ALA A 124 51.27 -43.37 0.86
CA ALA A 124 51.20 -42.09 1.54
C ALA A 124 50.14 -41.20 0.91
N PRO A 125 49.35 -40.49 1.71
CA PRO A 125 48.34 -39.59 1.13
C PRO A 125 48.98 -38.40 0.45
N THR A 126 48.43 -38.04 -0.72
CA THR A 126 48.92 -36.93 -1.52
C THR A 126 47.87 -35.83 -1.54
N ALA A 127 48.28 -34.63 -1.14
CA ALA A 127 47.34 -33.51 -1.07
C ALA A 127 46.75 -33.21 -2.45
N ILE A 128 45.45 -32.98 -2.49
CA ILE A 128 44.71 -32.75 -3.73
C ILE A 128 44.15 -31.33 -3.67
N THR A 129 44.47 -30.53 -4.68
CA THR A 129 44.01 -29.15 -4.72
C THR A 129 42.67 -29.01 -5.45
N GLY A 130 42.60 -29.50 -6.69
CA GLY A 130 41.41 -29.36 -7.51
C GLY A 130 40.56 -30.62 -7.49
N VAL A 131 39.25 -30.41 -7.47
CA VAL A 131 38.28 -31.51 -7.43
C VAL A 131 37.35 -31.35 -8.63
N ILE A 132 37.91 -30.96 -9.77
CA ILE A 132 37.14 -30.71 -10.98
C ILE A 132 36.29 -31.93 -11.32
N GLY A 133 34.97 -31.76 -11.32
CA GLY A 133 34.08 -32.86 -11.61
C GLY A 133 32.66 -32.55 -11.19
N GLY A 134 31.76 -33.43 -11.59
CA GLY A 134 30.35 -33.30 -11.26
C GLY A 134 29.48 -32.99 -12.46
N SER A 135 28.78 -34.01 -12.97
CA SER A 135 27.88 -33.84 -14.10
C SER A 135 26.43 -33.66 -13.68
N TYR A 136 26.05 -34.11 -12.51
CA TYR A 136 24.67 -34.02 -12.03
C TYR A 136 24.56 -32.95 -10.96
N SER A 137 23.37 -32.84 -10.38
CA SER A 137 23.09 -31.81 -9.38
C SER A 137 23.33 -32.33 -7.96
N ASP A 138 22.85 -33.53 -7.66
CA ASP A 138 22.98 -34.06 -6.30
C ASP A 138 24.43 -34.34 -5.95
N VAL A 139 25.20 -34.92 -6.88
CA VAL A 139 26.59 -35.23 -6.60
C VAL A 139 27.39 -33.95 -6.39
N SER A 140 27.13 -32.92 -7.21
CA SER A 140 27.82 -31.65 -7.03
C SER A 140 27.43 -30.99 -5.72
N ILE A 141 26.14 -31.05 -5.35
CA ILE A 141 25.69 -30.47 -4.09
C ILE A 141 26.40 -31.15 -2.92
N GLN A 142 26.45 -32.48 -2.93
CA GLN A 142 27.06 -33.20 -1.82
C GLN A 142 28.56 -32.94 -1.76
N VAL A 143 29.24 -32.93 -2.92
CA VAL A 143 30.68 -32.70 -2.93
C VAL A 143 31.00 -31.28 -2.46
N ALA A 144 30.21 -30.30 -2.88
CA ALA A 144 30.45 -28.93 -2.44
C ALA A 144 30.17 -28.78 -0.95
N ASN A 145 29.14 -29.47 -0.43
CA ASN A 145 28.87 -29.42 1.00
C ASN A 145 29.99 -30.05 1.80
N LEU A 146 30.60 -31.13 1.28
CA LEU A 146 31.68 -31.78 2.00
C LEU A 146 32.98 -30.97 1.91
N LEU A 147 33.21 -30.31 0.78
CA LEU A 147 34.48 -29.64 0.52
C LEU A 147 34.50 -28.18 0.96
N ARG A 148 33.34 -27.57 1.22
CA ARG A 148 33.31 -26.17 1.62
C ARG A 148 34.03 -25.96 2.95
N LEU A 149 33.97 -26.94 3.84
CA LEU A 149 34.51 -26.82 5.19
C LEU A 149 35.90 -27.40 5.34
N PHE A 150 36.39 -28.17 4.38
CA PHE A 150 37.71 -28.78 4.46
C PHE A 150 38.80 -27.93 3.81
N GLN A 151 38.52 -26.66 3.53
CA GLN A 151 39.49 -25.73 2.95
C GLN A 151 40.08 -26.28 1.65
N ILE A 152 39.20 -26.48 0.68
CA ILE A 152 39.59 -27.06 -0.61
C ILE A 152 38.64 -26.57 -1.69
N PRO A 153 39.15 -26.02 -2.80
CA PRO A 153 38.28 -25.56 -3.87
C PRO A 153 37.76 -26.72 -4.71
N GLN A 154 36.66 -26.44 -5.41
CA GLN A 154 36.03 -27.44 -6.27
C GLN A 154 35.24 -26.72 -7.35
N ILE A 155 35.63 -26.93 -8.60
CA ILE A 155 34.95 -26.33 -9.74
C ILE A 155 34.27 -27.43 -10.55
N SER A 156 33.11 -27.10 -11.11
CA SER A 156 32.31 -28.06 -11.85
C SER A 156 32.27 -27.67 -13.33
N TYR A 157 31.82 -28.62 -14.14
CA TYR A 157 31.68 -28.42 -15.57
C TYR A 157 30.26 -28.59 -16.08
N ALA A 158 29.45 -29.42 -15.43
CA ALA A 158 28.05 -29.62 -15.79
C ALA A 158 27.23 -29.58 -14.50
N SER A 159 26.84 -28.38 -14.08
CA SER A 159 26.00 -28.20 -12.90
C SER A 159 25.15 -26.95 -13.17
N THR A 160 23.95 -27.17 -13.67
CA THR A 160 23.07 -26.08 -14.09
C THR A 160 21.98 -25.76 -13.09
N SER A 161 21.94 -26.46 -11.96
CA SER A 161 20.93 -26.18 -10.94
C SER A 161 21.28 -24.92 -10.17
N ALA A 162 20.25 -24.14 -9.84
CA ALA A 162 20.43 -22.93 -9.06
C ALA A 162 20.59 -23.20 -7.57
N LYS A 163 20.62 -24.47 -7.15
CA LYS A 163 20.77 -24.79 -5.73
C LYS A 163 22.15 -24.43 -5.23
N LEU A 164 23.19 -24.67 -6.03
CA LEU A 164 24.56 -24.34 -5.64
C LEU A 164 24.87 -22.89 -5.98
N SER A 165 24.04 -21.96 -5.50
CA SER A 165 24.26 -20.54 -5.72
C SER A 165 24.44 -19.76 -4.43
N ASP A 166 23.82 -20.18 -3.33
CA ASP A 166 24.00 -19.51 -2.04
C ASP A 166 25.38 -19.84 -1.50
N LYS A 167 26.24 -18.82 -1.39
CA LYS A 167 27.60 -19.04 -0.90
C LYS A 167 27.64 -19.45 0.56
N SER A 168 26.56 -19.19 1.32
CA SER A 168 26.54 -19.61 2.72
C SER A 168 26.51 -21.12 2.86
N ARG A 169 25.97 -21.82 1.86
CA ARG A 169 25.92 -23.28 1.88
C ARG A 169 26.99 -23.93 1.02
N TYR A 170 27.45 -23.25 -0.03
CA TYR A 170 28.51 -23.76 -0.91
C TYR A 170 29.49 -22.62 -1.14
N ASP A 171 30.50 -22.53 -0.27
CA ASP A 171 31.50 -21.46 -0.40
C ASP A 171 32.43 -21.73 -1.57
N TYR A 172 33.12 -22.87 -1.55
CA TYR A 172 34.12 -23.20 -2.57
C TYR A 172 33.42 -23.93 -3.71
N PHE A 173 32.91 -23.17 -4.67
CA PHE A 173 32.27 -23.73 -5.85
C PHE A 173 32.26 -22.67 -6.94
N ALA A 174 32.86 -22.99 -8.09
CA ALA A 174 32.93 -22.06 -9.22
C ALA A 174 32.65 -22.87 -10.49
N ARG A 175 31.37 -22.91 -10.88
CA ARG A 175 30.98 -23.66 -12.06
C ARG A 175 31.35 -22.89 -13.32
N THR A 176 31.88 -23.62 -14.31
CA THR A 176 32.22 -23.01 -15.60
C THR A 176 31.04 -22.98 -16.56
N VAL A 177 29.96 -23.71 -16.26
CA VAL A 177 28.76 -23.73 -17.10
C VAL A 177 27.75 -22.76 -16.49
N PRO A 178 27.07 -21.95 -17.29
CA PRO A 178 26.03 -21.07 -16.74
C PRO A 178 24.79 -21.88 -16.37
N PRO A 179 24.26 -21.68 -15.15
CA PRO A 179 23.06 -22.41 -14.75
C PRO A 179 21.86 -21.99 -15.58
N ASP A 180 20.80 -22.80 -15.48
CA ASP A 180 19.59 -22.56 -16.26
C ASP A 180 18.88 -21.27 -15.84
N PHE A 181 19.07 -20.82 -14.60
CA PHE A 181 18.39 -19.62 -14.16
C PHE A 181 19.08 -18.34 -14.63
N PHE A 182 20.28 -18.43 -15.21
CA PHE A 182 20.86 -17.29 -15.90
C PHE A 182 20.20 -17.02 -17.24
N GLN A 183 19.54 -18.03 -17.82
CA GLN A 183 18.86 -17.85 -19.09
C GLN A 183 17.65 -16.93 -19.00
N ALA A 184 17.22 -16.57 -17.77
CA ALA A 184 16.13 -15.63 -17.63
C ALA A 184 16.49 -14.26 -18.20
N LYS A 185 17.75 -13.86 -18.05
CA LYS A 185 18.20 -12.59 -18.62
C LYS A 185 18.13 -12.62 -20.14
N ALA A 186 18.58 -13.72 -20.75
CA ALA A 186 18.49 -13.83 -22.21
C ALA A 186 17.03 -13.88 -22.67
N MET A 187 16.17 -14.54 -21.90
CA MET A 187 14.75 -14.55 -22.24
C MET A 187 14.16 -13.15 -22.19
N ALA A 188 14.50 -12.38 -21.16
CA ALA A 188 14.02 -11.01 -21.07
C ALA A 188 14.55 -10.15 -22.20
N GLU A 189 15.82 -10.34 -22.57
CA GLU A 189 16.38 -9.60 -23.70
C GLU A 189 15.65 -9.92 -24.99
N ILE A 190 15.36 -11.21 -25.22
CA ILE A 190 14.64 -11.61 -26.42
C ILE A 190 13.24 -11.01 -26.42
N LEU A 191 12.55 -11.07 -25.26
CA LEU A 191 11.18 -10.58 -25.19
C LEU A 191 11.11 -9.07 -25.34
N ARG A 192 12.12 -8.34 -24.88
CA ARG A 192 12.14 -6.90 -25.05
C ARG A 192 12.61 -6.50 -26.44
N PHE A 193 13.38 -7.35 -27.11
CA PHE A 193 13.84 -7.03 -28.45
C PHE A 193 12.68 -7.02 -29.44
N PHE A 194 11.74 -7.95 -29.31
CA PHE A 194 10.59 -8.04 -30.20
C PHE A 194 9.39 -7.27 -29.69
N ASN A 195 9.55 -6.50 -28.60
CA ASN A 195 8.48 -5.68 -28.02
C ASN A 195 7.26 -6.54 -27.66
N TRP A 196 7.48 -7.45 -26.72
CA TRP A 196 6.45 -8.36 -26.24
C TRP A 196 6.24 -8.13 -24.75
N THR A 197 4.98 -8.05 -24.33
CA THR A 197 4.64 -7.71 -22.95
C THR A 197 3.85 -8.80 -22.24
N TYR A 198 2.81 -9.35 -22.88
CA TYR A 198 1.88 -10.27 -22.22
C TYR A 198 2.24 -11.72 -22.49
N VAL A 199 3.53 -12.03 -22.56
CA VAL A 199 3.96 -13.40 -22.82
C VAL A 199 3.56 -14.31 -21.65
N SER A 200 3.22 -15.55 -21.99
CA SER A 200 2.94 -16.58 -21.00
C SER A 200 4.15 -17.50 -20.85
N THR A 201 4.11 -18.33 -19.81
CA THR A 201 5.24 -19.22 -19.53
C THR A 201 4.72 -20.52 -18.95
N VAL A 202 5.57 -21.55 -19.02
CA VAL A 202 5.27 -22.86 -18.47
C VAL A 202 6.57 -23.48 -17.97
N ALA A 203 6.50 -24.13 -16.81
CA ALA A 203 7.68 -24.75 -16.21
C ALA A 203 7.36 -26.16 -15.72
N SER A 204 8.29 -26.77 -15.00
CA SER A 204 8.12 -28.10 -14.45
C SER A 204 7.96 -28.03 -12.93
N GLU A 205 7.40 -29.10 -12.36
CA GLU A 205 7.22 -29.18 -10.93
C GLU A 205 8.50 -29.51 -10.16
N GLY A 206 9.59 -29.81 -10.86
CA GLY A 206 10.85 -30.07 -10.20
C GLY A 206 11.42 -28.83 -9.53
N ASP A 207 12.41 -29.06 -8.67
CA ASP A 207 13.05 -27.95 -7.97
C ASP A 207 13.78 -27.03 -8.94
N TYR A 208 14.53 -27.60 -9.89
CA TYR A 208 15.22 -26.79 -10.88
C TYR A 208 14.23 -25.97 -11.71
N GLY A 209 13.10 -26.58 -12.09
CA GLY A 209 12.09 -25.84 -12.83
C GLY A 209 11.52 -24.68 -12.04
N GLU A 210 11.24 -24.90 -10.76
CA GLU A 210 10.63 -23.84 -9.96
C GLU A 210 11.61 -22.72 -9.69
N THR A 211 12.89 -23.03 -9.45
CA THR A 211 13.84 -21.95 -9.24
C THR A 211 14.13 -21.20 -10.54
N GLY A 212 14.14 -21.91 -11.67
CA GLY A 212 14.31 -21.23 -12.95
C GLY A 212 13.15 -20.30 -13.26
N ILE A 213 11.92 -20.77 -13.02
CA ILE A 213 10.76 -19.91 -13.30
C ILE A 213 10.70 -18.76 -12.30
N GLU A 214 11.17 -18.96 -11.07
CA GLU A 214 11.22 -17.86 -10.12
C GLU A 214 12.23 -16.80 -10.56
N ALA A 215 13.40 -17.23 -11.03
CA ALA A 215 14.36 -16.29 -11.59
C ALA A 215 13.79 -15.59 -12.82
N PHE A 216 12.98 -16.30 -13.60
CA PHE A 216 12.36 -15.70 -14.77
C PHE A 216 11.38 -14.59 -14.36
N GLU A 217 10.53 -14.87 -13.36
CA GLU A 217 9.61 -13.84 -12.88
C GLU A 217 10.38 -12.66 -12.29
N LEU A 218 11.48 -12.93 -11.58
CA LEU A 218 12.28 -11.85 -11.02
C LEU A 218 12.84 -10.96 -12.12
N GLU A 219 13.42 -11.56 -13.16
CA GLU A 219 13.99 -10.79 -14.26
C GLU A 219 12.92 -10.06 -15.04
N ALA A 220 11.73 -10.66 -15.19
CA ALA A 220 10.64 -9.99 -15.89
C ALA A 220 10.13 -8.78 -15.11
N ARG A 221 10.02 -8.92 -13.79
CA ARG A 221 9.65 -7.78 -12.96
C ARG A 221 10.72 -6.70 -12.99
N ALA A 222 11.99 -7.09 -13.08
CA ALA A 222 13.06 -6.12 -13.23
C ALA A 222 12.94 -5.39 -14.57
N ARG A 223 12.54 -6.10 -15.61
CA ARG A 223 12.34 -5.51 -16.94
C ARG A 223 10.92 -5.02 -17.17
N ASN A 224 10.03 -5.19 -16.18
CA ASN A 224 8.63 -4.78 -16.27
C ASN A 224 7.94 -5.47 -17.45
N ILE A 225 7.94 -6.80 -17.40
CA ILE A 225 7.32 -7.64 -18.42
C ILE A 225 6.20 -8.43 -17.76
N CYS A 226 5.01 -8.37 -18.36
CA CYS A 226 3.86 -9.06 -17.81
C CYS A 226 3.94 -10.55 -18.07
N VAL A 227 3.23 -11.32 -17.24
CA VAL A 227 3.17 -12.78 -17.36
C VAL A 227 1.70 -13.18 -17.35
N ALA A 228 1.26 -13.87 -18.40
CA ALA A 228 -0.14 -14.26 -18.50
C ALA A 228 -0.47 -15.39 -17.53
N THR A 229 0.18 -16.54 -17.71
CA THR A 229 -0.04 -17.71 -16.86
C THR A 229 1.30 -18.27 -16.42
N SER A 230 1.29 -18.98 -15.30
CA SER A 230 2.47 -19.64 -14.75
C SER A 230 2.03 -20.97 -14.16
N GLU A 231 2.46 -22.07 -14.79
CA GLU A 231 2.06 -23.40 -14.36
C GLU A 231 3.28 -24.32 -14.35
N LYS A 232 3.15 -25.42 -13.61
CA LYS A 232 4.21 -26.41 -13.47
C LYS A 232 3.66 -27.76 -13.95
N VAL A 233 4.12 -28.18 -15.13
CA VAL A 233 3.71 -29.46 -15.70
C VAL A 233 4.70 -30.53 -15.28
N GLY A 234 4.19 -31.76 -15.12
CA GLY A 234 4.99 -32.87 -14.66
C GLY A 234 5.43 -33.78 -15.80
N ARG A 235 6.04 -34.91 -15.40
CA ARG A 235 6.54 -35.90 -16.34
C ARG A 235 5.86 -37.25 -16.23
N ALA A 236 5.24 -37.56 -15.09
CA ALA A 236 4.55 -38.83 -14.88
C ALA A 236 3.05 -38.72 -15.07
N MET A 237 2.60 -37.85 -15.98
CA MET A 237 1.19 -37.66 -16.26
C MET A 237 0.91 -38.02 -17.71
N SER A 238 -0.33 -38.43 -17.97
CA SER A 238 -0.74 -38.81 -19.32
C SER A 238 -0.92 -37.55 -20.17
N ARG A 239 -1.26 -37.77 -21.44
CA ARG A 239 -1.47 -36.67 -22.37
C ARG A 239 -2.71 -35.85 -22.04
N ALA A 240 -3.62 -36.38 -21.20
CA ALA A 240 -4.81 -35.62 -20.83
C ALA A 240 -4.43 -34.39 -20.01
N ALA A 241 -3.48 -34.52 -19.09
CA ALA A 241 -3.06 -33.37 -18.29
C ALA A 241 -2.37 -32.33 -19.16
N PHE A 242 -1.57 -32.76 -20.13
CA PHE A 242 -0.93 -31.81 -21.04
C PHE A 242 -1.96 -31.10 -21.92
N GLU A 243 -2.96 -31.84 -22.40
CA GLU A 243 -4.06 -31.23 -23.14
C GLU A 243 -4.77 -30.19 -22.27
N GLY A 244 -5.04 -30.53 -21.02
CA GLY A 244 -5.72 -29.59 -20.14
C GLY A 244 -4.92 -28.34 -19.89
N VAL A 245 -3.60 -28.49 -19.67
CA VAL A 245 -2.79 -27.32 -19.33
C VAL A 245 -2.59 -26.44 -20.57
N VAL A 246 -2.44 -27.05 -21.75
CA VAL A 246 -2.30 -26.22 -22.95
C VAL A 246 -3.62 -25.54 -23.28
N ARG A 247 -4.75 -26.18 -22.97
CA ARG A 247 -6.04 -25.52 -23.16
C ARG A 247 -6.21 -24.36 -22.19
N ALA A 248 -5.78 -24.54 -20.94
CA ALA A 248 -5.84 -23.44 -19.98
C ALA A 248 -4.88 -22.32 -20.37
N LEU A 249 -3.80 -22.65 -21.07
CA LEU A 249 -2.87 -21.63 -21.53
C LEU A 249 -3.44 -20.82 -22.70
N LEU A 250 -3.93 -21.50 -23.73
CA LEU A 250 -4.38 -20.81 -24.94
C LEU A 250 -5.83 -20.36 -24.87
N GLN A 251 -6.56 -20.71 -23.80
CA GLN A 251 -7.95 -20.32 -23.67
C GLN A 251 -8.15 -18.86 -23.26
N LYS A 252 -7.09 -18.20 -22.81
CA LYS A 252 -7.14 -16.79 -22.47
C LYS A 252 -6.34 -16.00 -23.51
N PRO A 253 -6.94 -15.70 -24.67
CA PRO A 253 -6.16 -15.10 -25.76
C PRO A 253 -5.97 -13.59 -25.60
N SER A 254 -4.74 -13.19 -25.31
CA SER A 254 -4.37 -11.78 -25.36
C SER A 254 -2.98 -11.57 -25.95
N ALA A 255 -2.32 -12.63 -26.42
CA ALA A 255 -0.98 -12.55 -26.98
C ALA A 255 -0.74 -13.81 -27.79
N ARG A 256 0.36 -13.80 -28.55
CA ARG A 256 0.71 -14.94 -29.41
C ARG A 256 2.04 -15.58 -29.04
N VAL A 257 2.76 -15.05 -28.06
CA VAL A 257 4.08 -15.53 -27.69
C VAL A 257 4.00 -16.18 -26.32
N ALA A 258 4.68 -17.31 -26.16
CA ALA A 258 4.74 -18.04 -24.90
C ALA A 258 6.19 -18.34 -24.56
N VAL A 259 6.40 -18.92 -23.38
CA VAL A 259 7.73 -19.31 -22.92
C VAL A 259 7.69 -20.79 -22.55
N LEU A 260 8.65 -21.55 -23.06
CA LEU A 260 8.78 -22.98 -22.79
C LEU A 260 10.09 -23.19 -22.03
N PHE A 261 9.99 -23.34 -20.71
CA PHE A 261 11.16 -23.55 -19.86
C PHE A 261 11.36 -25.00 -19.47
N THR A 262 10.41 -25.87 -19.76
CA THR A 262 10.51 -27.28 -19.38
C THR A 262 11.59 -27.98 -20.21
N ARG A 263 11.90 -29.21 -19.81
CA ARG A 263 12.93 -30.00 -20.47
C ARG A 263 12.36 -30.63 -21.74
N SER A 264 13.22 -31.37 -22.45
CA SER A 264 12.85 -31.92 -23.74
C SER A 264 11.83 -33.04 -23.61
N GLU A 265 11.98 -33.88 -22.58
CA GLU A 265 11.06 -35.00 -22.39
C GLU A 265 9.61 -34.53 -22.22
N ASP A 266 9.42 -33.38 -21.60
CA ASP A 266 8.09 -32.80 -21.47
C ASP A 266 7.73 -31.91 -22.65
N ALA A 267 8.73 -31.23 -23.24
CA ALA A 267 8.47 -30.36 -24.37
C ALA A 267 7.97 -31.13 -25.59
N ARG A 268 8.46 -32.36 -25.79
CA ARG A 268 7.99 -33.17 -26.91
C ARG A 268 6.49 -33.43 -26.78
N GLU A 269 6.04 -33.90 -25.61
CA GLU A 269 4.63 -34.17 -25.41
C GLU A 269 3.81 -32.88 -25.43
N LEU A 270 4.38 -31.77 -24.95
CA LEU A 270 3.65 -30.50 -25.00
C LEU A 270 3.42 -30.05 -26.43
N LEU A 271 4.44 -30.19 -27.28
CA LEU A 271 4.29 -29.84 -28.69
C LEU A 271 3.34 -30.80 -29.40
N ALA A 272 3.37 -32.08 -29.03
CA ALA A 272 2.39 -33.01 -29.60
C ALA A 272 0.97 -32.63 -29.23
N ALA A 273 0.75 -32.24 -27.97
CA ALA A 273 -0.57 -31.80 -27.55
C ALA A 273 -0.99 -30.53 -28.26
N SER A 274 -0.05 -29.58 -28.44
CA SER A 274 -0.36 -28.36 -29.16
C SER A 274 -0.71 -28.65 -30.61
N GLN A 275 -0.02 -29.61 -31.23
CA GLN A 275 -0.36 -30.03 -32.58
C GLN A 275 -1.74 -30.69 -32.62
N ARG A 276 -2.12 -31.41 -31.56
CA ARG A 276 -3.45 -32.00 -31.50
C ARG A 276 -4.53 -30.91 -31.45
N LEU A 277 -4.19 -29.73 -30.94
CA LEU A 277 -5.14 -28.62 -30.93
C LEU A 277 -5.29 -27.96 -32.31
N ASN A 278 -4.43 -28.31 -33.27
CA ASN A 278 -4.44 -27.73 -34.61
C ASN A 278 -4.22 -26.22 -34.61
N ALA A 279 -3.72 -25.68 -33.49
CA ALA A 279 -3.43 -24.26 -33.38
C ALA A 279 -1.98 -24.10 -32.95
N SER A 280 -1.23 -23.29 -33.70
CA SER A 280 0.19 -23.08 -33.46
C SER A 280 0.49 -21.60 -33.31
N PHE A 281 1.53 -21.29 -32.55
CA PHE A 281 1.98 -19.92 -32.35
C PHE A 281 3.48 -19.96 -32.06
N THR A 282 4.04 -18.81 -31.71
CA THR A 282 5.47 -18.68 -31.45
C THR A 282 5.75 -18.78 -29.96
N TRP A 283 6.95 -19.27 -29.63
CA TRP A 283 7.35 -19.43 -28.24
C TRP A 283 8.86 -19.52 -28.17
N VAL A 284 9.39 -19.23 -26.99
CA VAL A 284 10.83 -19.33 -26.73
C VAL A 284 11.08 -20.60 -25.92
N ALA A 285 12.28 -21.16 -26.09
CA ALA A 285 12.65 -22.42 -25.47
C ALA A 285 13.93 -22.26 -24.67
N SER A 286 14.00 -22.96 -23.54
CA SER A 286 15.19 -22.95 -22.70
C SER A 286 16.20 -23.95 -23.23
N ASP A 287 17.23 -24.25 -22.42
CA ASP A 287 18.27 -25.19 -22.86
C ASP A 287 17.74 -26.60 -23.01
N GLY A 288 16.59 -26.92 -22.42
CA GLY A 288 16.03 -28.25 -22.58
C GLY A 288 15.69 -28.59 -24.01
N TRP A 289 15.20 -27.58 -24.76
CA TRP A 289 14.87 -27.74 -26.16
C TRP A 289 15.78 -26.89 -27.04
N GLY A 290 17.07 -26.89 -26.75
CA GLY A 290 18.04 -26.16 -27.55
C GLY A 290 17.97 -26.49 -29.02
N ALA A 291 18.35 -27.71 -29.38
CA ALA A 291 18.08 -28.22 -30.73
C ALA A 291 17.13 -29.42 -30.68
N LEU A 292 17.53 -30.51 -30.02
CA LEU A 292 16.70 -31.69 -29.77
C LEU A 292 15.81 -32.02 -30.97
N GLU A 293 16.43 -32.05 -32.15
CA GLU A 293 15.66 -32.21 -33.38
C GLU A 293 15.18 -33.63 -33.59
N SER A 294 15.88 -34.62 -33.01
CA SER A 294 15.51 -36.01 -33.24
C SER A 294 14.34 -36.45 -32.38
N VAL A 295 14.19 -35.88 -31.19
CA VAL A 295 13.14 -36.35 -30.28
C VAL A 295 11.79 -35.72 -30.63
N VAL A 296 11.78 -34.51 -31.17
CA VAL A 296 10.53 -33.79 -31.43
C VAL A 296 10.26 -33.69 -32.94
N ALA A 297 10.92 -34.53 -33.74
CA ALA A 297 10.74 -34.49 -35.19
C ALA A 297 9.34 -34.93 -35.62
N GLY A 298 8.53 -35.45 -34.71
CA GLY A 298 7.19 -35.89 -35.10
C GLY A 298 6.25 -34.74 -35.35
N SER A 299 6.31 -33.69 -34.53
CA SER A 299 5.44 -32.53 -34.65
C SER A 299 6.23 -31.41 -35.32
N GLU A 300 6.17 -31.37 -36.65
CA GLU A 300 6.88 -30.35 -37.42
C GLU A 300 6.03 -29.12 -37.70
N GLY A 301 4.71 -29.24 -37.65
CA GLY A 301 3.83 -28.12 -37.94
C GLY A 301 3.67 -27.17 -36.77
N ALA A 302 3.55 -27.71 -35.56
CA ALA A 302 3.37 -26.87 -34.39
C ALA A 302 4.62 -26.03 -34.10
N ALA A 303 5.80 -26.61 -34.28
CA ALA A 303 7.06 -25.93 -34.04
C ALA A 303 7.57 -25.17 -35.26
N GLU A 304 6.68 -24.79 -36.18
CA GLU A 304 7.11 -24.09 -37.39
C GLU A 304 7.78 -22.76 -37.04
N GLY A 305 7.19 -21.99 -36.12
CA GLY A 305 7.79 -20.76 -35.68
C GLY A 305 8.16 -20.78 -34.21
N ALA A 306 9.45 -20.82 -33.91
CA ALA A 306 9.93 -20.89 -32.53
C ALA A 306 11.41 -20.60 -32.49
N ILE A 307 11.85 -19.95 -31.42
CA ILE A 307 13.25 -19.66 -31.18
C ILE A 307 13.67 -20.34 -29.88
N THR A 308 14.83 -20.97 -29.89
CA THR A 308 15.32 -21.75 -28.76
C THR A 308 16.63 -21.15 -28.25
N ILE A 309 17.12 -21.72 -27.15
CA ILE A 309 18.36 -21.29 -26.52
C ILE A 309 19.24 -22.53 -26.31
N GLU A 310 20.47 -22.47 -26.80
CA GLU A 310 21.40 -23.58 -26.71
C GLU A 310 22.79 -23.06 -26.36
N LEU A 311 23.48 -23.79 -25.48
CA LEU A 311 24.84 -23.41 -25.10
C LEU A 311 25.78 -23.50 -26.29
N ALA A 312 26.71 -22.55 -26.36
CA ALA A 312 27.70 -22.55 -27.43
C ALA A 312 28.73 -23.64 -27.18
N SER A 313 28.86 -24.56 -28.13
CA SER A 313 29.79 -25.69 -28.02
C SER A 313 30.57 -25.81 -29.33
N TYR A 314 31.73 -25.16 -29.38
CA TYR A 314 32.56 -25.25 -30.58
C TYR A 314 33.35 -26.56 -30.56
N PRO A 315 33.42 -27.27 -31.69
CA PRO A 315 34.19 -28.52 -31.72
C PRO A 315 35.68 -28.27 -31.54
N ILE A 316 36.33 -29.20 -30.86
CA ILE A 316 37.77 -29.15 -30.61
C ILE A 316 38.43 -30.18 -31.51
N SER A 317 39.23 -29.71 -32.47
CA SER A 317 39.89 -30.62 -33.39
C SER A 317 41.00 -31.42 -32.70
N ASP A 318 41.67 -30.81 -31.71
CA ASP A 318 42.74 -31.51 -31.01
C ASP A 318 42.19 -32.64 -30.16
N PHE A 319 41.13 -32.37 -29.40
CA PHE A 319 40.55 -33.41 -28.55
C PHE A 319 39.97 -34.54 -29.38
N ALA A 320 39.34 -34.22 -30.51
CA ALA A 320 38.77 -35.24 -31.37
C ALA A 320 39.86 -36.14 -31.94
N SER A 321 40.96 -35.54 -32.43
CA SER A 321 42.06 -36.33 -32.96
C SER A 321 42.73 -37.16 -31.86
N TYR A 322 42.77 -36.64 -30.64
CA TYR A 322 43.34 -37.40 -29.53
C TYR A 322 42.48 -38.60 -29.16
N PHE A 323 41.16 -38.38 -29.08
CA PHE A 323 40.25 -39.47 -28.71
C PHE A 323 40.13 -40.52 -29.81
N GLN A 324 40.23 -40.10 -31.08
CA GLN A 324 40.15 -41.07 -32.17
C GLN A 324 41.38 -41.96 -32.24
N SER A 325 42.51 -41.54 -31.68
CA SER A 325 43.75 -42.29 -31.71
C SER A 325 44.08 -42.90 -30.34
N LEU A 326 43.04 -43.35 -29.61
CA LEU A 326 43.21 -43.96 -28.32
C LEU A 326 43.08 -45.47 -28.43
N ASP A 327 44.00 -46.20 -27.81
CA ASP A 327 44.00 -47.66 -27.84
C ASP A 327 44.33 -48.18 -26.45
N PRO A 328 43.66 -49.24 -26.01
CA PRO A 328 43.95 -49.78 -24.67
C PRO A 328 45.37 -50.32 -24.54
N TRP A 329 45.95 -50.85 -25.61
CA TRP A 329 47.31 -51.36 -25.54
C TRP A 329 48.31 -50.23 -25.37
N ASN A 330 48.07 -49.09 -26.01
CA ASN A 330 48.95 -47.93 -25.88
C ASN A 330 48.58 -47.03 -24.72
N ASN A 331 47.31 -47.04 -24.30
CA ASN A 331 46.83 -46.25 -23.18
C ASN A 331 46.11 -47.19 -22.22
N SER A 332 46.87 -47.79 -21.30
CA SER A 332 46.33 -48.74 -20.34
C SER A 332 46.26 -48.16 -18.93
N ARG A 333 46.45 -46.85 -18.78
CA ARG A 333 46.40 -46.23 -17.46
C ARG A 333 44.97 -45.95 -17.00
N ASN A 334 43.97 -46.18 -17.84
CA ASN A 334 42.57 -45.92 -17.51
C ASN A 334 41.77 -47.20 -17.61
N PRO A 335 41.44 -47.85 -16.50
CA PRO A 335 40.63 -49.07 -16.58
C PRO A 335 39.20 -48.81 -17.04
N TRP A 336 38.64 -47.65 -16.69
CA TRP A 336 37.32 -47.29 -17.18
C TRP A 336 37.31 -47.19 -18.71
N PHE A 337 38.39 -46.67 -19.28
CA PHE A 337 38.50 -46.64 -20.74
C PHE A 337 38.57 -48.03 -21.33
N ARG A 338 39.24 -48.96 -20.63
CA ARG A 338 39.29 -50.34 -21.10
C ARG A 338 37.91 -50.98 -21.07
N GLU A 339 37.15 -50.75 -20.00
CA GLU A 339 35.78 -51.29 -19.94
C GLU A 339 34.89 -50.64 -21.00
N PHE A 340 35.10 -49.35 -21.27
CA PHE A 340 34.33 -48.67 -22.31
C PHE A 340 34.66 -49.23 -23.69
N TRP A 341 35.93 -49.54 -23.93
CA TRP A 341 36.31 -50.18 -25.19
C TRP A 341 35.70 -51.57 -25.30
N GLU A 342 35.64 -52.29 -24.18
CA GLU A 342 35.02 -53.62 -24.19
C GLU A 342 33.52 -53.53 -24.45
N GLN A 343 32.87 -52.48 -23.95
CA GLN A 343 31.42 -52.37 -24.10
C GLN A 343 31.03 -51.84 -25.49
N ARG A 344 31.70 -50.79 -25.96
CA ARG A 344 31.35 -50.20 -27.24
C ARG A 344 31.61 -51.16 -28.40
N PHE A 345 32.53 -52.10 -28.23
CA PHE A 345 32.96 -53.05 -29.25
C PHE A 345 32.83 -54.46 -28.73
N ARG A 346 31.64 -54.80 -28.21
CA ARG A 346 31.38 -55.96 -27.36
C ARG A 346 32.21 -57.18 -27.76
N CYS A 347 32.97 -57.69 -26.81
CA CYS A 347 33.92 -58.77 -27.02
C CYS A 347 34.32 -59.30 -25.65
N SER A 348 35.30 -60.20 -25.62
CA SER A 348 35.85 -60.74 -24.39
C SER A 348 37.36 -60.77 -24.47
N PHE A 349 38.02 -60.25 -23.44
CA PHE A 349 39.49 -60.26 -23.43
C PHE A 349 40.05 -61.67 -23.32
N ARG A 350 39.27 -62.62 -22.80
CA ARG A 350 39.71 -64.01 -22.81
C ARG A 350 39.75 -64.59 -24.21
N GLN A 351 38.87 -64.11 -25.09
CA GLN A 351 38.86 -64.54 -26.49
C GLN A 351 39.81 -63.74 -27.37
N ARG A 352 40.27 -62.58 -26.90
CA ARG A 352 41.21 -61.73 -27.63
C ARG A 352 40.67 -61.32 -28.99
N ASP A 353 39.36 -61.05 -29.05
CA ASP A 353 38.71 -60.58 -30.27
C ASP A 353 38.50 -59.08 -30.28
N CYS A 354 38.97 -58.36 -29.26
CA CYS A 354 38.80 -56.92 -29.19
C CYS A 354 39.83 -56.16 -30.01
N ALA A 355 40.96 -56.79 -30.35
CA ALA A 355 41.97 -56.11 -31.16
C ALA A 355 41.50 -55.94 -32.61
N ALA A 356 40.60 -56.81 -33.07
CA ALA A 356 40.11 -56.70 -34.44
C ALA A 356 39.23 -55.46 -34.61
N HIS A 357 38.45 -55.11 -33.60
CA HIS A 357 37.60 -53.94 -33.67
C HIS A 357 38.44 -52.66 -33.62
N SER A 358 38.08 -51.71 -34.46
CA SER A 358 38.78 -50.43 -34.54
C SER A 358 37.83 -49.29 -34.22
N LEU A 359 38.33 -48.29 -33.51
CA LEU A 359 37.52 -47.14 -33.14
C LEU A 359 37.27 -46.19 -34.31
N ARG A 360 38.14 -46.22 -35.33
CA ARG A 360 37.96 -45.34 -36.49
C ARG A 360 36.80 -45.77 -37.37
N ALA A 361 36.32 -47.00 -37.22
CA ALA A 361 35.20 -47.46 -38.05
C ALA A 361 33.92 -46.73 -37.71
N VAL A 362 33.66 -46.49 -36.43
CA VAL A 362 32.46 -45.79 -36.00
C VAL A 362 32.78 -44.30 -35.88
N PRO A 363 31.91 -43.41 -36.37
CA PRO A 363 32.17 -41.98 -36.23
C PRO A 363 32.15 -41.55 -34.77
N PHE A 364 32.88 -40.48 -34.48
CA PHE A 364 33.00 -39.96 -33.12
C PHE A 364 32.12 -38.73 -32.96
N GLU A 365 31.26 -38.74 -31.94
CA GLU A 365 30.33 -37.65 -31.67
C GLU A 365 30.77 -36.94 -30.39
N GLN A 366 31.13 -35.67 -30.53
CA GLN A 366 31.56 -34.86 -29.39
C GLN A 366 30.35 -34.14 -28.79
N GLU A 367 30.29 -34.13 -27.46
CA GLU A 367 29.19 -33.49 -26.75
C GLU A 367 29.55 -32.04 -26.45
N SER A 368 28.73 -31.37 -25.63
CA SER A 368 28.91 -29.96 -25.33
C SER A 368 29.64 -29.71 -24.01
N LYS A 369 30.03 -30.78 -23.29
CA LYS A 369 30.67 -30.63 -21.99
C LYS A 369 32.18 -30.76 -22.03
N ILE A 370 32.75 -31.22 -23.15
CA ILE A 370 34.21 -31.25 -23.28
C ILE A 370 34.78 -29.84 -23.21
N MET A 371 34.13 -28.90 -23.89
CA MET A 371 34.51 -27.50 -23.77
C MET A 371 34.48 -27.05 -22.31
N PHE A 372 33.45 -27.49 -21.56
CA PHE A 372 33.35 -27.08 -20.17
C PHE A 372 34.47 -27.67 -19.31
N VAL A 373 34.79 -28.94 -19.52
CA VAL A 373 35.84 -29.56 -18.70
C VAL A 373 37.20 -28.95 -19.02
N VAL A 374 37.47 -28.67 -20.30
CA VAL A 374 38.77 -28.07 -20.63
C VAL A 374 38.83 -26.63 -20.15
N ASN A 375 37.71 -25.91 -20.21
CA ASN A 375 37.69 -24.55 -19.68
C ASN A 375 37.90 -24.54 -18.17
N ALA A 376 37.32 -25.51 -17.47
CA ALA A 376 37.48 -25.58 -16.01
C ALA A 376 38.92 -25.89 -15.64
N VAL A 377 39.51 -26.91 -16.27
CA VAL A 377 40.89 -27.26 -15.92
C VAL A 377 41.84 -26.15 -16.31
N TYR A 378 41.58 -25.45 -17.42
CA TYR A 378 42.45 -24.34 -17.80
C TYR A 378 42.26 -23.14 -16.88
N ALA A 379 41.04 -22.91 -16.39
CA ALA A 379 40.82 -21.85 -15.41
C ALA A 379 41.58 -22.14 -14.12
N MET A 380 41.53 -23.39 -13.66
CA MET A 380 42.27 -23.74 -12.44
C MET A 380 43.77 -23.64 -12.66
N ALA A 381 44.25 -24.05 -13.84
CA ALA A 381 45.67 -23.94 -14.13
C ALA A 381 46.11 -22.48 -14.18
N HIS A 382 45.27 -21.60 -14.75
CA HIS A 382 45.60 -20.18 -14.80
C HIS A 382 45.57 -19.57 -13.40
N ALA A 383 44.63 -19.99 -12.57
CA ALA A 383 44.60 -19.50 -11.18
C ALA A 383 45.84 -19.95 -10.43
N LEU A 384 46.26 -21.20 -10.62
CA LEU A 384 47.49 -21.68 -9.99
C LEU A 384 48.70 -20.89 -10.48
N HIS A 385 48.77 -20.61 -11.79
CA HIS A 385 49.88 -19.84 -12.33
C HIS A 385 49.90 -18.43 -11.75
N ASN A 386 48.73 -17.80 -11.65
CA ASN A 386 48.65 -16.44 -11.11
C ASN A 386 49.06 -16.42 -9.65
N MET A 387 48.60 -17.37 -8.85
CA MET A 387 48.95 -17.37 -7.44
C MET A 387 50.41 -17.74 -7.23
N HIS A 388 50.98 -18.57 -8.11
CA HIS A 388 52.40 -18.89 -8.01
C HIS A 388 53.26 -17.70 -8.41
N ARG A 389 52.82 -16.91 -9.38
CA ARG A 389 53.55 -15.70 -9.74
C ARG A 389 53.41 -14.62 -8.66
N ALA A 390 52.26 -14.57 -7.98
CA ALA A 390 52.05 -13.58 -6.94
C ALA A 390 52.67 -13.98 -5.61
N LEU A 391 52.97 -15.27 -5.42
CA LEU A 391 53.53 -15.76 -4.16
C LEU A 391 55.05 -15.87 -4.22
N CYS A 392 55.57 -16.63 -5.18
CA CYS A 392 57.01 -16.83 -5.34
C CYS A 392 57.36 -16.83 -6.82
N PRO A 393 57.49 -15.65 -7.43
CA PRO A 393 57.82 -15.60 -8.87
C PRO A 393 59.29 -15.86 -9.17
N ASN A 394 60.19 -15.67 -8.20
CA ASN A 394 61.61 -15.88 -8.45
C ASN A 394 61.89 -17.34 -8.79
N THR A 395 61.19 -18.27 -8.16
CA THR A 395 61.35 -19.69 -8.40
C THR A 395 60.25 -20.19 -9.34
N THR A 396 60.62 -21.10 -10.23
CA THR A 396 59.66 -21.66 -11.18
C THR A 396 58.96 -22.91 -10.64
N ARG A 397 59.63 -23.70 -9.80
CA ARG A 397 59.00 -24.84 -9.16
C ARG A 397 58.29 -24.40 -7.88
N LEU A 398 57.58 -25.34 -7.27
CA LEU A 398 56.83 -25.04 -6.06
C LEU A 398 57.76 -24.61 -4.93
N CYS A 399 57.59 -23.38 -4.47
CA CYS A 399 58.36 -22.88 -3.36
C CYS A 399 57.92 -23.53 -2.06
N ASP A 400 58.71 -23.32 -1.00
CA ASP A 400 58.40 -23.92 0.29
C ASP A 400 57.09 -23.38 0.86
N ALA A 401 56.73 -22.13 0.52
CA ALA A 401 55.48 -21.56 1.01
C ALA A 401 54.28 -22.15 0.28
N MET A 402 54.46 -22.58 -0.97
CA MET A 402 53.36 -23.12 -1.76
C MET A 402 53.23 -24.64 -1.63
N ARG A 403 54.09 -25.29 -0.86
CA ARG A 403 53.96 -26.73 -0.67
C ARG A 403 52.59 -27.12 -0.10
N PRO A 404 52.10 -26.52 1.00
CA PRO A 404 50.70 -26.76 1.37
C PRO A 404 49.78 -25.73 0.75
N VAL A 405 48.74 -26.19 0.05
CA VAL A 405 47.82 -25.29 -0.62
C VAL A 405 46.78 -24.82 0.39
N ASN A 406 46.59 -23.50 0.48
CA ASN A 406 45.62 -22.95 1.42
C ASN A 406 44.19 -23.36 1.05
N GLY A 407 43.87 -23.33 -0.25
CA GLY A 407 42.57 -23.77 -0.73
C GLY A 407 41.46 -22.76 -0.61
N ARG A 408 41.66 -21.64 0.08
CA ARG A 408 40.65 -20.60 0.20
C ARG A 408 41.03 -19.30 -0.49
N ARG A 409 42.27 -18.83 -0.33
CA ARG A 409 42.70 -17.65 -1.06
C ARG A 409 42.83 -17.94 -2.54
N LEU A 410 43.28 -19.15 -2.89
CA LEU A 410 43.35 -19.55 -4.29
C LEU A 410 41.98 -19.49 -4.96
N TYR A 411 40.92 -19.77 -4.23
CA TYR A 411 39.58 -19.72 -4.80
C TYR A 411 39.01 -18.32 -4.78
N LYS A 412 39.22 -17.58 -3.69
CA LYS A 412 38.58 -16.27 -3.54
C LYS A 412 39.24 -15.22 -4.43
N ASP A 413 40.57 -15.22 -4.50
CA ASP A 413 41.29 -14.17 -5.19
C ASP A 413 41.74 -14.54 -6.60
N PHE A 414 41.99 -15.82 -6.87
CA PHE A 414 42.55 -16.24 -8.15
C PHE A 414 41.59 -17.03 -9.02
N VAL A 415 40.85 -17.99 -8.45
CA VAL A 415 39.90 -18.76 -9.25
C VAL A 415 38.74 -17.88 -9.69
N LEU A 416 38.14 -17.15 -8.76
CA LEU A 416 37.00 -16.30 -9.09
C LEU A 416 37.43 -15.15 -9.99
N ASN A 417 38.53 -14.48 -9.66
CA ASN A 417 39.01 -13.34 -10.43
C ASN A 417 40.06 -13.81 -11.45
N VAL A 418 39.56 -14.44 -12.51
CA VAL A 418 40.41 -14.95 -13.58
C VAL A 418 40.02 -14.24 -14.88
N LYS A 419 41.01 -14.08 -15.76
CA LYS A 419 40.82 -13.37 -17.02
C LYS A 419 41.44 -14.12 -18.19
N PHE A 420 41.60 -15.43 -18.07
CA PHE A 420 42.23 -16.21 -19.14
C PHE A 420 41.28 -16.32 -20.34
N ASP A 421 41.89 -16.47 -21.52
CA ASP A 421 41.13 -16.66 -22.74
C ASP A 421 40.89 -18.15 -22.96
N ALA A 422 39.74 -18.48 -23.54
CA ALA A 422 39.37 -19.87 -23.77
C ALA A 422 40.32 -20.51 -24.78
N PRO A 423 41.01 -21.58 -24.43
CA PRO A 423 41.94 -22.21 -25.37
C PRO A 423 41.25 -23.26 -26.23
N PHE A 424 41.99 -23.73 -27.24
CA PHE A 424 41.52 -24.75 -28.18
C PHE A 424 40.22 -24.32 -28.86
N ARG A 425 40.21 -23.08 -29.36
CA ARG A 425 39.05 -22.51 -30.00
C ARG A 425 39.43 -21.95 -31.37
N PRO A 426 38.48 -21.87 -32.29
CA PRO A 426 38.76 -21.22 -33.59
C PRO A 426 39.09 -19.75 -33.39
N ALA A 427 39.84 -19.21 -34.36
CA ALA A 427 40.32 -17.83 -34.25
C ALA A 427 39.19 -16.82 -34.43
N ASP A 428 38.19 -17.13 -35.26
CA ASP A 428 37.15 -16.16 -35.54
C ASP A 428 36.17 -15.98 -34.40
N THR A 429 36.14 -16.91 -33.44
CA THR A 429 35.23 -16.85 -32.30
C THR A 429 35.99 -16.48 -31.03
N HIS A 430 35.35 -15.71 -30.17
CA HIS A 430 35.93 -15.28 -28.91
C HIS A 430 34.95 -15.61 -27.79
N ASN A 431 35.42 -16.38 -26.80
CA ASN A 431 34.58 -16.77 -25.67
C ASN A 431 34.86 -15.92 -24.43
N GLU A 432 36.11 -15.90 -23.97
CA GLU A 432 36.52 -15.15 -22.79
C GLU A 432 35.65 -15.49 -21.58
N VAL A 433 35.71 -16.77 -21.19
CA VAL A 433 34.92 -17.24 -20.05
C VAL A 433 35.56 -16.76 -18.76
N ARG A 434 34.72 -16.35 -17.81
CA ARG A 434 35.18 -15.82 -16.54
C ARG A 434 34.22 -16.27 -15.43
N PHE A 435 34.64 -16.06 -14.19
CA PHE A 435 33.82 -16.39 -13.03
C PHE A 435 33.40 -15.11 -12.34
N ASP A 436 32.12 -15.01 -12.00
CA ASP A 436 31.58 -13.84 -11.34
C ASP A 436 31.74 -13.97 -9.83
N ARG A 437 31.11 -13.06 -9.07
CA ARG A 437 31.22 -13.11 -7.62
C ARG A 437 30.43 -14.25 -7.01
N PHE A 438 29.51 -14.86 -7.77
CA PHE A 438 28.71 -15.97 -7.28
C PHE A 438 29.29 -17.33 -7.65
N GLY A 439 30.50 -17.36 -8.20
CA GLY A 439 31.10 -18.63 -8.61
C GLY A 439 30.42 -19.27 -9.80
N ASP A 440 30.09 -18.48 -10.82
CA ASP A 440 29.40 -18.97 -12.01
C ASP A 440 30.16 -18.53 -13.25
N GLY A 441 30.21 -19.42 -14.25
CA GLY A 441 30.90 -19.10 -15.47
C GLY A 441 30.08 -18.22 -16.39
N ILE A 442 30.78 -17.37 -17.14
CA ILE A 442 30.12 -16.51 -18.13
C ILE A 442 29.60 -17.38 -19.27
N GLY A 443 28.32 -17.21 -19.60
CA GLY A 443 27.65 -18.06 -20.56
C GLY A 443 27.49 -17.41 -21.93
N ARG A 444 27.71 -18.21 -22.97
CA ARG A 444 27.48 -17.80 -24.35
C ARG A 444 26.38 -18.70 -24.92
N TYR A 445 25.21 -18.10 -25.16
CA TYR A 445 24.04 -18.84 -25.63
C TYR A 445 23.80 -18.51 -27.10
N ASN A 446 23.66 -19.54 -27.92
CA ASN A 446 23.32 -19.39 -29.33
C ASN A 446 21.83 -19.62 -29.52
N ILE A 447 21.17 -18.68 -30.18
CA ILE A 447 19.73 -18.74 -30.40
C ILE A 447 19.46 -19.52 -31.68
N PHE A 448 18.80 -20.67 -31.55
CA PHE A 448 18.44 -21.51 -32.68
C PHE A 448 16.94 -21.36 -32.94
N THR A 449 16.58 -21.12 -34.20
CA THR A 449 15.19 -20.99 -34.61
C THR A 449 14.83 -22.09 -35.60
N TYR A 450 13.58 -22.54 -35.52
CA TYR A 450 13.08 -23.57 -36.42
C TYR A 450 12.66 -22.92 -37.73
N LEU A 451 13.45 -23.09 -38.77
CA LEU A 451 13.16 -22.50 -40.08
C LEU A 451 12.25 -23.44 -40.87
N ARG A 452 11.23 -22.86 -41.49
CA ARG A 452 10.29 -23.62 -42.30
C ARG A 452 10.89 -23.86 -43.69
N ALA A 453 11.04 -25.13 -44.05
CA ALA A 453 11.60 -25.52 -45.36
C ALA A 453 10.65 -26.54 -45.97
N GLY A 454 9.68 -26.06 -46.75
CA GLY A 454 8.73 -26.95 -47.39
C GLY A 454 9.36 -27.75 -48.51
N SER A 455 10.27 -27.13 -49.27
CA SER A 455 10.91 -27.84 -50.38
C SER A 455 11.86 -28.92 -49.87
N GLY A 456 12.62 -28.62 -48.82
CA GLY A 456 13.55 -29.58 -48.27
C GLY A 456 13.08 -30.19 -46.97
N ARG A 457 13.95 -30.22 -45.96
CA ARG A 457 13.63 -30.79 -44.66
C ARG A 457 13.72 -29.71 -43.59
N TYR A 458 12.87 -29.85 -42.57
CA TYR A 458 12.86 -28.90 -41.47
C TYR A 458 14.13 -29.04 -40.64
N ARG A 459 14.79 -27.92 -40.35
CA ARG A 459 16.01 -27.93 -39.57
C ARG A 459 16.17 -26.57 -38.90
N TYR A 460 17.07 -26.54 -37.92
CA TYR A 460 17.28 -25.34 -37.12
C TYR A 460 18.20 -24.36 -37.85
N GLN A 461 18.38 -23.18 -37.25
CA GLN A 461 19.24 -22.14 -37.83
C GLN A 461 19.64 -21.19 -36.72
N LYS A 462 20.94 -20.93 -36.60
CA LYS A 462 21.44 -20.00 -35.59
C LYS A 462 21.34 -18.58 -36.11
N VAL A 463 20.82 -17.67 -35.27
CA VAL A 463 20.61 -16.30 -35.64
C VAL A 463 21.54 -15.35 -34.89
N GLY A 464 21.82 -15.61 -33.62
CA GLY A 464 22.66 -14.72 -32.85
C GLY A 464 23.23 -15.41 -31.63
N TYR A 465 24.01 -14.63 -30.87
CA TYR A 465 24.66 -15.11 -29.66
C TYR A 465 24.35 -14.15 -28.52
N TRP A 466 24.59 -14.62 -27.30
CA TRP A 466 24.32 -13.87 -26.07
C TRP A 466 25.56 -13.83 -25.18
N ALA A 467 26.71 -13.48 -25.77
CA ALA A 467 27.94 -13.38 -25.00
C ALA A 467 27.81 -12.31 -23.92
N GLU A 468 27.67 -11.05 -24.31
CA GLU A 468 27.43 -9.95 -23.38
C GLU A 468 26.08 -9.29 -23.60
N GLY A 469 25.77 -8.92 -24.84
CA GLY A 469 24.48 -8.35 -25.16
C GLY A 469 23.83 -9.11 -26.29
N LEU A 470 22.50 -9.03 -26.32
CA LEU A 470 21.73 -9.75 -27.33
C LEU A 470 21.95 -9.10 -28.71
N THR A 471 22.57 -9.86 -29.61
CA THR A 471 22.81 -9.41 -30.98
C THR A 471 22.31 -10.49 -31.93
N LEU A 472 21.15 -10.27 -32.54
CA LEU A 472 20.58 -11.20 -33.50
C LEU A 472 20.01 -10.41 -34.67
N ASP A 473 19.98 -11.04 -35.84
CA ASP A 473 19.48 -10.42 -37.05
C ASP A 473 18.03 -10.86 -37.29
N THR A 474 17.16 -9.88 -37.56
CA THR A 474 15.76 -10.17 -37.82
C THR A 474 15.51 -10.62 -39.26
N SER A 475 16.45 -10.36 -40.17
CA SER A 475 16.26 -10.77 -41.55
C SER A 475 16.33 -12.28 -41.71
N LEU A 476 17.18 -12.95 -40.92
CA LEU A 476 17.28 -14.40 -40.99
C LEU A 476 16.04 -15.09 -40.44
N ILE A 477 15.42 -14.51 -39.42
CA ILE A 477 14.20 -15.08 -38.85
C ILE A 477 13.06 -14.90 -39.84
N PRO A 478 12.27 -15.94 -40.14
CA PRO A 478 11.20 -15.81 -41.15
C PRO A 478 10.14 -14.80 -40.77
N TRP A 479 9.53 -14.96 -39.59
CA TRP A 479 8.43 -14.07 -39.21
C TRP A 479 8.93 -12.67 -38.86
N ALA A 480 10.18 -12.54 -38.42
CA ALA A 480 10.73 -11.23 -38.11
C ALA A 480 11.12 -10.45 -39.36
N SER A 481 11.31 -11.12 -40.49
CA SER A 481 11.64 -10.43 -41.71
C SER A 481 10.43 -9.68 -42.25
N PRO A 482 10.61 -8.44 -42.72
CA PRO A 482 9.45 -7.69 -43.23
C PRO A 482 8.89 -8.23 -44.53
N SER A 483 9.66 -9.03 -45.28
CA SER A 483 9.15 -9.57 -46.54
C SER A 483 8.03 -10.59 -46.30
N ALA A 484 8.22 -11.49 -45.34
CA ALA A 484 7.20 -12.50 -45.06
C ALA A 484 5.98 -11.86 -44.39
N GLY A 485 6.20 -10.89 -43.51
CA GLY A 485 5.12 -10.23 -42.81
C GLY A 485 5.57 -9.64 -41.49
N PRO A 486 4.66 -8.97 -40.80
CA PRO A 486 5.00 -8.38 -39.50
C PRO A 486 5.20 -9.45 -38.44
N LEU A 487 6.12 -9.16 -37.53
CA LEU A 487 6.41 -10.11 -36.46
C LEU A 487 5.22 -10.20 -35.50
N PRO A 488 4.93 -11.39 -34.97
CA PRO A 488 3.81 -11.50 -34.01
C PRO A 488 4.08 -10.69 -32.76
N ALA A 489 3.05 -10.00 -32.29
CA ALA A 489 3.15 -9.14 -31.11
C ALA A 489 2.49 -9.82 -29.92
N SER A 490 2.85 -9.33 -28.73
CA SER A 490 2.32 -9.85 -27.47
C SER A 490 1.75 -8.73 -26.60
N ARG A 491 1.32 -7.64 -27.23
CA ARG A 491 0.72 -6.53 -26.50
C ARG A 491 -0.71 -6.86 -26.12
N CYS A 492 -1.04 -6.72 -24.84
CA CYS A 492 -2.39 -7.00 -24.39
C CYS A 492 -3.38 -5.98 -24.91
N SER A 493 -2.93 -4.76 -25.20
CA SER A 493 -3.79 -3.70 -25.73
C SER A 493 -3.04 -2.97 -26.83
N GLU A 494 -3.78 -2.11 -27.53
CA GLU A 494 -3.23 -1.29 -28.60
C GLU A 494 -3.12 0.16 -28.14
N PRO A 495 -2.06 0.88 -28.55
CA PRO A 495 -1.91 2.27 -28.12
C PRO A 495 -2.97 3.15 -28.76
N CYS A 496 -3.51 4.06 -27.95
CA CYS A 496 -4.54 4.99 -28.39
C CYS A 496 -3.97 6.40 -28.49
N LEU A 497 -4.60 7.21 -29.34
CA LEU A 497 -4.14 8.56 -29.64
C LEU A 497 -4.54 9.52 -28.53
N GLN A 498 -4.45 10.82 -28.78
CA GLN A 498 -4.82 11.81 -27.77
C GLN A 498 -6.33 11.81 -27.59
N ASN A 499 -6.80 10.90 -26.73
CA ASN A 499 -8.23 10.64 -26.53
C ASN A 499 -8.41 10.23 -25.08
N GLU A 500 -9.50 9.51 -24.82
CA GLU A 500 -9.80 9.00 -23.47
C GLU A 500 -8.55 8.44 -22.80
N VAL A 501 -8.44 8.71 -21.50
CA VAL A 501 -7.20 8.52 -20.76
C VAL A 501 -6.95 7.03 -20.51
N LYS A 502 -5.71 6.69 -20.14
CA LYS A 502 -5.39 5.34 -19.71
C LYS A 502 -6.02 5.04 -18.36
N SER A 503 -6.42 3.79 -18.17
CA SER A 503 -7.03 3.38 -16.91
C SER A 503 -6.00 3.35 -15.79
N VAL A 504 -6.49 3.40 -14.55
CA VAL A 504 -5.64 3.38 -13.37
C VAL A 504 -6.10 2.29 -12.43
N GLN A 505 -6.76 1.28 -12.98
CA GLN A 505 -7.26 0.18 -12.16
C GLN A 505 -6.09 -0.66 -11.65
N PRO A 506 -6.10 -1.07 -10.38
CA PRO A 506 -5.01 -1.88 -9.84
C PRO A 506 -5.17 -3.34 -10.25
N GLY A 507 -4.27 -4.18 -9.74
CA GLY A 507 -4.30 -5.60 -10.05
C GLY A 507 -3.59 -5.92 -11.35
N GLU A 508 -4.19 -5.52 -12.46
CA GLU A 508 -3.60 -5.74 -13.79
C GLU A 508 -2.73 -4.55 -14.21
N VAL A 509 -1.77 -4.19 -13.37
CA VAL A 509 -0.87 -3.07 -13.65
C VAL A 509 0.31 -3.46 -14.53
N CYS A 510 0.39 -4.73 -14.95
CA CYS A 510 1.50 -5.15 -15.80
C CYS A 510 1.40 -4.54 -17.19
N CYS A 511 0.23 -4.62 -17.80
CA CYS A 511 -0.03 -3.97 -19.08
C CYS A 511 -1.20 -3.02 -18.93
N TRP A 512 -1.21 -1.97 -19.74
CA TRP A 512 -2.15 -0.87 -19.61
C TRP A 512 -3.23 -0.92 -20.70
N LEU A 513 -4.38 -0.34 -20.38
CA LEU A 513 -5.49 -0.23 -21.31
C LEU A 513 -6.18 1.11 -21.07
N CYS A 514 -6.43 1.87 -22.15
CA CYS A 514 -7.10 3.15 -22.03
C CYS A 514 -8.59 2.98 -22.22
N ILE A 515 -9.37 3.49 -21.27
CA ILE A 515 -10.81 3.27 -21.20
C ILE A 515 -11.54 4.54 -21.59
N PRO A 516 -12.77 4.46 -22.12
CA PRO A 516 -13.45 5.67 -22.61
C PRO A 516 -13.90 6.57 -21.47
N CYS A 517 -13.63 7.87 -21.62
CA CYS A 517 -14.11 8.89 -20.70
C CYS A 517 -15.42 9.48 -21.22
N GLN A 518 -15.88 10.54 -20.57
CA GLN A 518 -16.88 11.41 -21.16
C GLN A 518 -16.27 12.09 -22.38
N PRO A 519 -16.99 12.15 -23.51
CA PRO A 519 -16.38 12.72 -24.73
C PRO A 519 -16.01 14.20 -24.63
N TYR A 520 -16.46 14.90 -23.58
CA TYR A 520 -16.18 16.32 -23.41
C TYR A 520 -15.00 16.59 -22.47
N GLU A 521 -14.03 15.68 -22.41
CA GLU A 521 -12.88 15.83 -21.52
C GLU A 521 -11.60 15.58 -22.29
N TYR A 522 -10.51 16.19 -21.82
CA TYR A 522 -9.19 16.09 -22.43
C TYR A 522 -8.27 15.30 -21.53
N ARG A 523 -7.01 15.18 -21.96
CA ARG A 523 -5.99 14.43 -21.22
C ARG A 523 -5.27 15.39 -20.28
N LEU A 524 -5.72 15.44 -19.02
CA LEU A 524 -5.02 16.24 -18.02
C LEU A 524 -3.69 15.61 -17.65
N ASP A 525 -3.64 14.29 -17.54
CA ASP A 525 -2.42 13.56 -17.25
C ASP A 525 -2.51 12.18 -17.90
N GLU A 526 -1.61 11.28 -17.50
CA GLU A 526 -1.63 9.92 -18.02
C GLU A 526 -2.66 9.04 -17.32
N PHE A 527 -3.19 9.48 -16.18
CA PHE A 527 -4.23 8.74 -15.47
C PHE A 527 -5.42 9.57 -15.06
N THR A 528 -5.32 10.90 -15.08
CA THR A 528 -6.41 11.79 -14.71
C THR A 528 -7.13 12.28 -15.97
N CYS A 529 -8.45 12.23 -15.96
CA CYS A 529 -9.27 12.55 -17.11
C CYS A 529 -10.19 13.71 -16.75
N ALA A 530 -9.70 14.93 -16.98
CA ALA A 530 -10.42 16.16 -16.66
C ALA A 530 -10.73 16.94 -17.93
N ASP A 531 -11.32 18.12 -17.75
CA ASP A 531 -11.68 19.00 -18.86
C ASP A 531 -11.23 20.41 -18.54
N CYS A 532 -10.69 21.09 -19.55
CA CYS A 532 -10.22 22.47 -19.39
C CYS A 532 -10.67 23.37 -20.53
N GLY A 533 -11.55 22.90 -21.41
CA GLY A 533 -12.04 23.72 -22.51
C GLY A 533 -12.41 22.92 -23.73
N LEU A 534 -13.54 23.23 -24.35
CA LEU A 534 -14.02 22.56 -25.54
C LEU A 534 -14.00 23.52 -26.73
N GLY A 535 -14.49 23.03 -27.86
CA GLY A 535 -14.52 23.83 -29.08
C GLY A 535 -13.30 23.70 -29.96
N TYR A 536 -12.12 23.87 -29.40
CA TYR A 536 -10.87 23.78 -30.12
C TYR A 536 -10.05 22.62 -29.57
N TRP A 537 -9.59 21.75 -30.45
CA TRP A 537 -8.81 20.59 -30.04
C TRP A 537 -7.36 21.00 -29.80
N PRO A 538 -6.81 20.77 -28.60
CA PRO A 538 -5.42 21.15 -28.33
C PRO A 538 -4.46 20.27 -29.12
N ASN A 539 -3.66 20.91 -30.00
CA ASN A 539 -2.70 20.16 -30.80
C ASN A 539 -1.53 19.65 -29.97
N ALA A 540 -1.27 20.25 -28.81
CA ALA A 540 -0.17 19.82 -27.97
C ALA A 540 -0.52 18.53 -27.23
N SER A 541 0.47 17.97 -26.53
CA SER A 541 0.25 16.73 -25.81
C SER A 541 -0.59 16.96 -24.56
N LEU A 542 -0.10 17.78 -23.65
CA LEU A 542 -0.82 18.06 -22.40
C LEU A 542 -1.01 19.55 -22.15
N THR A 543 -0.04 20.38 -22.52
CA THR A 543 -0.16 21.81 -22.27
C THR A 543 -1.16 22.45 -23.23
N GLY A 544 -1.66 23.62 -22.84
CA GLY A 544 -2.60 24.35 -23.64
C GLY A 544 -4.04 24.20 -23.17
N CYS A 545 -4.55 25.22 -22.47
CA CYS A 545 -5.92 25.21 -21.98
C CYS A 545 -6.47 26.61 -22.03
N PHE A 546 -7.57 26.79 -22.76
CA PHE A 546 -8.26 28.07 -22.84
C PHE A 546 -9.75 27.82 -23.00
N GLU A 547 -10.54 28.82 -22.63
CA GLU A 547 -11.99 28.69 -22.71
C GLU A 547 -12.44 28.47 -24.16
N LEU A 548 -12.25 29.50 -24.99
CA LEU A 548 -12.61 29.44 -26.41
C LEU A 548 -12.07 30.65 -27.14
N PRO A 549 -11.52 30.48 -28.35
CA PRO A 549 -11.18 31.65 -29.16
C PRO A 549 -12.43 32.31 -29.73
N GLN A 550 -13.17 33.03 -28.89
CA GLN A 550 -14.45 33.57 -29.28
C GLN A 550 -14.28 34.69 -30.31
N GLU A 551 -15.33 34.91 -31.09
CA GLU A 551 -15.36 35.94 -32.12
C GLU A 551 -16.19 37.14 -31.63
N TYR A 552 -16.15 38.20 -32.43
CA TYR A 552 -16.89 39.42 -32.07
C TYR A 552 -18.39 39.23 -32.26
N ILE A 553 -18.80 38.57 -33.34
CA ILE A 553 -20.20 38.35 -33.66
C ILE A 553 -20.50 36.86 -33.57
N ARG A 554 -21.56 36.53 -32.85
CA ARG A 554 -21.99 35.14 -32.67
C ARG A 554 -23.30 34.83 -33.35
N TRP A 555 -24.27 35.74 -33.31
CA TRP A 555 -25.56 35.50 -33.94
C TRP A 555 -25.41 35.44 -35.46
N GLY A 556 -26.14 34.50 -36.07
CA GLY A 556 -26.08 34.34 -37.50
C GLY A 556 -26.70 35.50 -38.25
N ASP A 557 -26.24 35.69 -39.49
CA ASP A 557 -26.75 36.77 -40.31
C ASP A 557 -28.21 36.55 -40.72
N ALA A 558 -28.61 35.28 -40.91
CA ALA A 558 -29.98 35.00 -41.30
C ALA A 558 -30.94 35.28 -40.16
N TRP A 559 -30.57 34.91 -38.93
CA TRP A 559 -31.44 35.16 -37.79
C TRP A 559 -31.50 36.64 -37.44
N ALA A 560 -30.37 37.33 -37.53
CA ALA A 560 -30.32 38.75 -37.23
C ALA A 560 -30.89 39.63 -38.33
N VAL A 561 -31.19 39.05 -39.50
CA VAL A 561 -31.74 39.84 -40.60
C VAL A 561 -33.16 40.30 -40.27
N GLY A 562 -33.92 39.46 -39.58
CA GLY A 562 -35.28 39.79 -39.21
C GLY A 562 -35.35 40.99 -38.28
N PRO A 563 -34.51 41.00 -37.25
CA PRO A 563 -34.51 42.15 -36.34
C PRO A 563 -34.06 43.43 -37.02
N VAL A 564 -33.06 43.36 -37.90
CA VAL A 564 -32.60 44.54 -38.62
C VAL A 564 -33.70 45.05 -39.54
N THR A 565 -34.40 44.15 -40.22
CA THR A 565 -35.50 44.56 -41.09
C THR A 565 -36.64 45.18 -40.30
N ILE A 566 -36.95 44.62 -39.12
CA ILE A 566 -38.00 45.18 -38.29
C ILE A 566 -37.61 46.58 -37.79
N ALA A 567 -36.34 46.75 -37.41
CA ALA A 567 -35.88 48.06 -36.96
C ALA A 567 -35.93 49.07 -38.10
N CYS A 568 -35.54 48.65 -39.31
CA CYS A 568 -35.61 49.55 -40.45
C CYS A 568 -37.05 49.94 -40.78
N LEU A 569 -37.98 48.97 -40.70
CA LEU A 569 -39.38 49.27 -40.95
C LEU A 569 -39.95 50.20 -39.88
N GLY A 570 -39.53 50.03 -38.63
CA GLY A 570 -39.98 50.93 -37.58
C GLY A 570 -39.43 52.33 -37.72
N ALA A 571 -38.16 52.44 -38.14
CA ALA A 571 -37.57 53.76 -38.34
C ALA A 571 -38.17 54.46 -39.55
N LEU A 572 -38.49 53.71 -40.61
CA LEU A 572 -39.10 54.31 -41.79
C LEU A 572 -40.55 54.74 -41.49
N ALA A 573 -41.25 53.98 -40.65
CA ALA A 573 -42.61 54.35 -40.29
C ALA A 573 -42.63 55.60 -39.41
N THR A 574 -41.65 55.73 -38.52
CA THR A 574 -41.58 56.91 -37.67
C THR A 574 -41.20 58.15 -38.48
N LEU A 575 -40.29 58.00 -39.43
CA LEU A 575 -39.91 59.13 -40.28
C LEU A 575 -41.06 59.55 -41.19
N PHE A 576 -41.87 58.60 -41.66
CA PHE A 576 -43.02 58.94 -42.48
C PHE A 576 -44.09 59.65 -41.66
N VAL A 577 -44.27 59.24 -40.41
CA VAL A 577 -45.26 59.89 -39.55
C VAL A 577 -44.78 61.29 -39.17
N LEU A 578 -43.48 61.46 -38.93
CA LEU A 578 -42.96 62.77 -38.60
C LEU A 578 -43.01 63.71 -39.81
N GLY A 579 -42.76 63.18 -41.01
CA GLY A 579 -42.82 64.01 -42.20
C GLY A 579 -44.24 64.42 -42.54
N VAL A 580 -45.21 63.53 -42.30
CA VAL A 580 -46.61 63.85 -42.57
C VAL A 580 -47.12 64.89 -41.59
N PHE A 581 -46.68 64.81 -40.32
CA PHE A 581 -47.09 65.79 -39.33
C PHE A 581 -46.43 67.14 -39.58
N VAL A 582 -45.18 67.13 -40.05
CA VAL A 582 -44.49 68.38 -40.34
C VAL A 582 -45.11 69.07 -41.56
N ARG A 583 -45.46 68.30 -42.58
CA ARG A 583 -46.07 68.88 -43.77
C ARG A 583 -47.48 69.37 -43.47
N HIS A 584 -48.28 68.56 -42.78
CA HIS A 584 -49.64 68.94 -42.40
C HIS A 584 -49.68 69.59 -41.01
N ASN A 585 -48.86 70.63 -40.83
CA ASN A 585 -48.79 71.33 -39.55
C ASN A 585 -49.94 72.31 -39.35
N ALA A 586 -50.67 72.66 -40.40
CA ALA A 586 -51.78 73.59 -40.31
C ALA A 586 -53.13 72.89 -40.16
N THR A 587 -53.13 71.57 -39.96
CA THR A 587 -54.38 70.86 -39.81
C THR A 587 -55.02 71.20 -38.47
N PRO A 588 -56.35 71.27 -38.39
CA PRO A 588 -57.00 71.59 -37.11
C PRO A 588 -56.80 70.53 -36.05
N VAL A 589 -56.57 69.28 -36.44
CA VAL A 589 -56.39 68.21 -35.46
C VAL A 589 -55.05 68.35 -34.75
N VAL A 590 -53.99 68.61 -35.51
CA VAL A 590 -52.67 68.72 -34.92
C VAL A 590 -52.49 70.08 -34.24
N LYS A 591 -53.21 71.10 -34.69
CA LYS A 591 -53.10 72.42 -34.09
C LYS A 591 -53.58 72.41 -32.65
N ALA A 592 -54.74 71.82 -32.40
CA ALA A 592 -55.28 71.70 -31.04
C ALA A 592 -54.86 70.39 -30.40
N SER A 593 -53.55 70.13 -30.38
CA SER A 593 -53.00 68.91 -29.83
C SER A 593 -51.54 69.15 -29.49
N GLY A 594 -50.89 68.10 -28.95
CA GLY A 594 -49.50 68.19 -28.57
C GLY A 594 -48.54 67.96 -29.72
N ARG A 595 -48.37 68.98 -30.58
CA ARG A 595 -47.43 68.88 -31.69
C ARG A 595 -46.02 68.62 -31.20
N GLU A 596 -45.59 69.37 -30.18
CA GLU A 596 -44.29 69.11 -29.57
C GLU A 596 -44.27 67.74 -28.90
N LEU A 597 -45.37 67.36 -28.24
CA LEU A 597 -45.47 66.03 -27.66
C LEU A 597 -45.43 64.96 -28.75
N CYS A 598 -46.07 65.23 -29.89
CA CYS A 598 -46.01 64.28 -31.01
C CYS A 598 -44.60 64.13 -31.54
N TYR A 599 -43.86 65.24 -31.65
CA TYR A 599 -42.47 65.17 -32.10
C TYR A 599 -41.61 64.40 -31.10
N ILE A 600 -41.85 64.62 -29.81
CA ILE A 600 -41.09 63.90 -28.78
C ILE A 600 -41.39 62.40 -28.85
N LEU A 601 -42.67 62.04 -29.06
CA LEU A 601 -43.03 60.64 -29.18
C LEU A 601 -42.42 60.02 -30.42
N LEU A 602 -42.37 60.77 -31.52
CA LEU A 602 -41.74 60.25 -32.75
C LEU A 602 -40.25 60.04 -32.54
N GLY A 603 -39.58 60.98 -31.86
CA GLY A 603 -38.17 60.80 -31.56
C GLY A 603 -37.92 59.61 -30.65
N GLY A 604 -38.79 59.40 -29.67
CA GLY A 604 -38.64 58.26 -28.80
C GLY A 604 -38.88 56.94 -29.50
N VAL A 605 -39.83 56.92 -30.44
CA VAL A 605 -40.08 55.71 -31.23
C VAL A 605 -38.89 55.44 -32.16
N PHE A 606 -38.29 56.50 -32.71
CA PHE A 606 -37.10 56.32 -33.53
C PHE A 606 -35.92 55.83 -32.70
N LEU A 607 -35.84 56.26 -31.43
CA LEU A 607 -34.79 55.76 -30.54
C LEU A 607 -35.00 54.30 -30.18
N CYS A 608 -36.24 53.80 -30.26
CA CYS A 608 -36.49 52.40 -29.97
C CYS A 608 -35.83 51.49 -31.02
N TYR A 609 -35.87 51.90 -32.29
CA TYR A 609 -35.22 51.12 -33.33
C TYR A 609 -33.70 51.12 -33.17
N CYS A 610 -33.14 52.22 -32.66
CA CYS A 610 -31.69 52.27 -32.42
C CYS A 610 -31.30 51.35 -31.27
N MET A 611 -32.14 51.26 -30.23
CA MET A 611 -31.84 50.37 -29.12
C MET A 611 -31.95 48.91 -29.53
N THR A 612 -32.96 48.57 -30.33
CA THR A 612 -33.10 47.20 -30.80
C THR A 612 -31.95 46.81 -31.73
N PHE A 613 -31.46 47.76 -32.54
CA PHE A 613 -30.33 47.48 -33.40
C PHE A 613 -29.04 47.37 -32.60
N ILE A 614 -28.90 48.18 -31.55
CA ILE A 614 -27.72 48.10 -30.71
C ILE A 614 -27.70 46.84 -29.86
N PHE A 615 -28.88 46.28 -29.57
CA PHE A 615 -28.96 45.05 -28.78
C PHE A 615 -28.43 43.84 -29.53
N ILE A 616 -28.25 43.94 -30.85
CA ILE A 616 -27.75 42.83 -31.64
C ILE A 616 -26.34 43.12 -32.16
N ALA A 617 -25.66 44.10 -31.57
CA ALA A 617 -24.30 44.45 -31.96
C ALA A 617 -23.31 43.52 -31.26
N LYS A 618 -22.03 43.86 -31.32
CA LYS A 618 -21.00 43.07 -30.66
C LYS A 618 -21.20 43.12 -29.15
N PRO A 619 -21.47 42.00 -28.49
CA PRO A 619 -21.75 42.04 -27.05
C PRO A 619 -20.49 42.30 -26.24
N SER A 620 -20.62 43.15 -25.23
CA SER A 620 -19.53 43.50 -24.33
C SER A 620 -20.13 44.16 -23.09
N THR A 621 -19.27 44.65 -22.21
CA THR A 621 -19.74 45.33 -21.01
C THR A 621 -20.43 46.65 -21.38
N ALA A 622 -19.70 47.56 -22.02
CA ALA A 622 -20.29 48.82 -22.44
C ALA A 622 -21.47 48.59 -23.36
N VAL A 623 -21.39 47.59 -24.23
CA VAL A 623 -22.49 47.31 -25.16
C VAL A 623 -23.74 46.90 -24.38
N CYS A 624 -23.58 46.02 -23.40
CA CYS A 624 -24.74 45.55 -22.64
C CYS A 624 -25.35 46.67 -21.80
N THR A 625 -24.50 47.47 -21.16
CA THR A 625 -25.03 48.59 -20.37
C THR A 625 -25.73 49.61 -21.26
N LEU A 626 -25.18 49.89 -22.44
CA LEU A 626 -25.83 50.84 -23.35
C LEU A 626 -27.16 50.29 -23.86
N ARG A 627 -27.20 49.00 -24.18
CA ARG A 627 -28.45 48.40 -24.65
C ARG A 627 -29.51 48.44 -23.57
N ARG A 628 -29.14 48.09 -22.33
CA ARG A 628 -30.11 48.15 -21.23
C ARG A 628 -30.58 49.57 -20.98
N LEU A 629 -29.64 50.53 -20.99
CA LEU A 629 -30.01 51.92 -20.75
C LEU A 629 -30.95 52.43 -21.83
N GLY A 630 -30.69 52.09 -23.09
CA GLY A 630 -31.58 52.52 -24.16
C GLY A 630 -32.95 51.86 -24.09
N LEU A 631 -32.99 50.56 -23.83
CA LEU A 631 -34.27 49.86 -23.72
C LEU A 631 -35.10 50.38 -22.56
N GLY A 632 -34.44 50.82 -21.49
CA GLY A 632 -35.17 51.43 -20.39
C GLY A 632 -35.61 52.84 -20.70
N THR A 633 -34.73 53.63 -21.32
CA THR A 633 -35.01 55.05 -21.54
C THR A 633 -36.11 55.26 -22.56
N ALA A 634 -36.06 54.51 -23.68
CA ALA A 634 -37.10 54.67 -24.69
C ALA A 634 -38.47 54.27 -24.14
N PHE A 635 -38.52 53.16 -23.40
CA PHE A 635 -39.77 52.71 -22.82
C PHE A 635 -40.30 53.73 -21.82
N SER A 636 -39.44 54.22 -20.93
CA SER A 636 -39.86 55.22 -19.96
C SER A 636 -40.32 56.50 -20.65
N VAL A 637 -39.67 56.88 -21.74
CA VAL A 637 -40.03 58.11 -22.43
C VAL A 637 -41.41 57.99 -23.06
N CYS A 638 -41.65 56.89 -23.79
CA CYS A 638 -42.97 56.74 -24.43
C CYS A 638 -44.06 56.56 -23.38
N TYR A 639 -43.76 55.85 -22.29
CA TYR A 639 -44.75 55.68 -21.23
C TYR A 639 -45.09 57.01 -20.57
N SER A 640 -44.08 57.84 -20.29
CA SER A 640 -44.34 59.15 -19.70
C SER A 640 -45.11 60.04 -20.67
N ALA A 641 -44.79 59.96 -21.96
CA ALA A 641 -45.51 60.77 -22.95
C ALA A 641 -46.98 60.39 -23.00
N LEU A 642 -47.28 59.09 -23.09
CA LEU A 642 -48.67 58.67 -23.14
C LEU A 642 -49.39 58.96 -21.83
N LEU A 643 -48.69 58.82 -20.71
CA LEU A 643 -49.30 59.12 -19.42
C LEU A 643 -49.65 60.59 -19.30
N THR A 644 -48.75 61.48 -19.75
CA THR A 644 -49.05 62.91 -19.72
C THR A 644 -50.20 63.24 -20.67
N LYS A 645 -50.24 62.59 -21.84
CA LYS A 645 -51.34 62.82 -22.77
C LYS A 645 -52.68 62.44 -22.15
N THR A 646 -52.78 61.23 -21.59
CA THR A 646 -54.02 60.81 -20.96
C THR A 646 -54.35 61.65 -19.74
N TYR A 647 -53.35 62.09 -18.98
CA TYR A 647 -53.62 62.94 -17.82
C TYR A 647 -54.19 64.29 -18.24
N ARG A 648 -53.63 64.89 -19.29
CA ARG A 648 -54.19 66.14 -19.80
C ARG A 648 -55.60 65.93 -20.34
N ILE A 649 -55.83 64.81 -21.03
CA ILE A 649 -57.15 64.55 -21.60
C ILE A 649 -58.18 64.36 -20.49
N ALA A 650 -57.77 63.74 -19.38
CA ALA A 650 -58.70 63.53 -18.28
C ALA A 650 -58.88 64.79 -17.43
N ARG A 651 -57.88 65.68 -17.40
CA ARG A 651 -57.99 66.90 -16.62
C ARG A 651 -58.84 67.94 -17.33
N ILE A 652 -58.57 68.18 -18.62
CA ILE A 652 -59.34 69.17 -19.35
C ILE A 652 -60.75 68.65 -19.65
N PHE A 653 -60.86 67.39 -20.05
CA PHE A 653 -62.15 66.77 -20.37
C PHE A 653 -62.48 65.75 -19.29
N GLY A 654 -63.63 65.93 -18.65
CA GLY A 654 -64.07 65.02 -17.60
C GLY A 654 -65.54 64.69 -17.68
N SER A 667 -49.91 74.27 -19.16
CA SER A 667 -48.81 74.88 -19.92
C SER A 667 -47.93 73.81 -20.55
N PRO A 668 -47.47 74.06 -21.78
CA PRO A 668 -46.60 73.08 -22.45
C PRO A 668 -45.27 72.88 -21.74
N ALA A 669 -44.73 73.93 -21.12
CA ALA A 669 -43.45 73.79 -20.42
C ALA A 669 -43.57 72.83 -19.25
N SER A 670 -44.66 72.91 -18.48
CA SER A 670 -44.85 72.01 -17.36
C SER A 670 -45.01 70.56 -17.83
N GLN A 671 -45.76 70.36 -18.92
CA GLN A 671 -45.93 69.01 -19.45
C GLN A 671 -44.63 68.45 -20.01
N VAL A 672 -43.77 69.31 -20.55
CA VAL A 672 -42.49 68.85 -21.06
C VAL A 672 -41.50 68.58 -19.94
N ALA A 673 -41.61 69.31 -18.83
CA ALA A 673 -40.68 69.11 -17.72
C ALA A 673 -41.09 67.97 -16.81
N ILE A 674 -42.39 67.67 -16.73
CA ILE A 674 -42.83 66.60 -15.84
C ILE A 674 -42.39 65.23 -16.35
N CYS A 675 -42.32 65.05 -17.67
CA CYS A 675 -41.83 63.79 -18.21
C CYS A 675 -40.35 63.60 -17.91
N LEU A 676 -39.57 64.68 -18.01
CA LEU A 676 -38.16 64.61 -17.65
C LEU A 676 -37.98 64.32 -16.16
N ALA A 677 -38.78 64.97 -15.32
CA ALA A 677 -38.72 64.69 -13.89
C ALA A 677 -39.12 63.26 -13.58
N LEU A 678 -40.03 62.68 -14.37
CA LEU A 678 -40.44 61.30 -14.14
C LEU A 678 -39.34 60.34 -14.54
N ILE A 679 -38.73 60.55 -15.71
CA ILE A 679 -37.67 59.64 -16.15
C ILE A 679 -36.39 59.85 -15.35
N SER A 680 -36.25 60.98 -14.66
CA SER A 680 -35.07 61.20 -13.83
C SER A 680 -34.97 60.19 -12.71
N GLY A 681 -36.10 59.72 -12.18
CA GLY A 681 -36.06 58.69 -11.15
C GLY A 681 -35.46 57.40 -11.65
N GLN A 682 -35.92 56.94 -12.82
CA GLN A 682 -35.37 55.72 -13.40
C GLN A 682 -33.90 55.91 -13.78
N LEU A 683 -33.55 57.11 -14.25
CA LEU A 683 -32.15 57.39 -14.58
C LEU A 683 -31.27 57.30 -13.33
N LEU A 684 -31.72 57.90 -12.23
CA LEU A 684 -30.95 57.82 -10.99
C LEU A 684 -30.88 56.38 -10.48
N ILE A 685 -31.96 55.61 -10.65
CA ILE A 685 -31.96 54.21 -10.20
C ILE A 685 -30.93 53.40 -10.98
N VAL A 686 -30.93 53.54 -12.31
CA VAL A 686 -30.00 52.76 -13.12
C VAL A 686 -28.56 53.24 -12.90
N VAL A 687 -28.37 54.54 -12.65
CA VAL A 687 -27.02 55.05 -12.37
C VAL A 687 -26.52 54.49 -11.05
N ALA A 688 -27.40 54.43 -10.03
CA ALA A 688 -27.00 53.86 -8.75
C ALA A 688 -26.67 52.38 -8.87
N TRP A 689 -27.48 51.64 -9.63
CA TRP A 689 -27.18 50.23 -9.84
C TRP A 689 -25.88 50.04 -10.63
N LEU A 690 -25.56 50.96 -11.54
CA LEU A 690 -24.31 50.87 -12.28
C LEU A 690 -23.12 51.13 -11.38
N VAL A 691 -23.19 52.17 -10.54
CA VAL A 691 -22.07 52.48 -9.66
C VAL A 691 -21.99 51.54 -8.47
N VAL A 692 -23.03 50.75 -8.22
CA VAL A 692 -23.00 49.81 -7.10
C VAL A 692 -22.47 48.45 -7.53
N GLU A 693 -22.68 48.05 -8.78
CA GLU A 693 -22.23 46.76 -9.28
C GLU A 693 -21.47 46.98 -10.58
N ALA A 694 -20.21 46.54 -10.61
CA ALA A 694 -19.37 46.69 -11.79
C ALA A 694 -19.41 45.41 -12.61
N PRO A 695 -19.84 45.45 -13.86
CA PRO A 695 -19.87 44.22 -14.67
C PRO A 695 -18.47 43.84 -15.15
N GLY A 696 -18.33 42.56 -15.49
CA GLY A 696 -17.07 42.02 -15.97
C GLY A 696 -17.28 41.16 -17.20
N THR A 697 -16.39 40.19 -17.37
CA THR A 697 -16.42 39.27 -18.51
C THR A 697 -16.34 37.83 -18.00
N GLY A 698 -17.06 37.55 -16.93
CA GLY A 698 -17.11 36.20 -16.39
C GLY A 698 -18.18 35.36 -17.04
N LYS A 699 -17.77 34.31 -17.76
CA LYS A 699 -18.69 33.43 -18.47
C LYS A 699 -18.84 32.12 -17.70
N GLU A 700 -20.07 31.77 -17.37
CA GLU A 700 -20.39 30.52 -16.69
C GLU A 700 -21.26 29.69 -17.63
N THR A 701 -20.78 28.51 -18.00
CA THR A 701 -21.45 27.64 -18.96
C THR A 701 -21.95 26.40 -18.24
N ALA A 702 -23.25 26.15 -18.34
CA ALA A 702 -23.85 24.98 -17.69
C ALA A 702 -23.57 23.70 -18.47
N PRO A 703 -23.79 23.64 -19.78
CA PRO A 703 -23.45 22.41 -20.51
C PRO A 703 -21.95 22.22 -20.63
N GLU A 704 -21.56 20.99 -20.99
CA GLU A 704 -20.15 20.64 -21.11
C GLU A 704 -19.54 21.06 -22.44
N ARG A 705 -20.37 21.45 -23.42
CA ARG A 705 -19.88 21.84 -24.74
C ARG A 705 -20.75 22.99 -25.24
N ARG A 706 -20.23 24.22 -25.14
CA ARG A 706 -20.94 25.39 -25.61
C ARG A 706 -19.94 26.52 -25.81
N GLU A 707 -20.34 27.50 -26.61
CA GLU A 707 -19.49 28.65 -26.89
C GLU A 707 -19.33 29.51 -25.63
N VAL A 708 -18.10 29.96 -25.39
CA VAL A 708 -17.78 30.78 -24.24
C VAL A 708 -17.96 32.25 -24.59
N VAL A 709 -18.51 32.52 -25.77
CA VAL A 709 -18.74 33.89 -26.20
C VAL A 709 -19.80 34.54 -25.33
N THR A 710 -19.61 35.83 -25.03
CA THR A 710 -20.60 36.56 -24.27
C THR A 710 -21.90 36.67 -25.06
N LEU A 711 -23.01 36.39 -24.40
CA LEU A 711 -24.31 36.36 -25.07
C LEU A 711 -25.03 37.71 -24.98
N ARG A 712 -25.36 38.15 -23.76
CA ARG A 712 -25.97 39.44 -23.55
C ARG A 712 -25.10 40.35 -22.69
N CYS A 713 -24.72 39.89 -21.50
CA CYS A 713 -23.89 40.65 -20.57
C CYS A 713 -23.50 39.73 -19.42
N ASN A 714 -22.74 40.26 -18.47
CA ASN A 714 -22.33 39.51 -17.29
C ASN A 714 -23.33 39.64 -16.13
N HIS A 715 -24.34 40.49 -16.26
CA HIS A 715 -25.33 40.69 -15.20
C HIS A 715 -26.39 39.61 -15.30
N ARG A 716 -26.45 38.74 -14.31
CA ARG A 716 -27.44 37.67 -14.27
C ARG A 716 -28.74 38.20 -13.65
N ASP A 717 -29.67 37.30 -13.35
CA ASP A 717 -30.93 37.70 -12.72
C ASP A 717 -30.68 38.22 -11.31
N ALA A 718 -31.03 39.47 -11.08
CA ALA A 718 -30.81 40.10 -9.78
C ALA A 718 -31.91 41.13 -9.57
N SER A 719 -31.72 42.03 -8.60
CA SER A 719 -32.71 43.04 -8.28
C SER A 719 -32.79 44.14 -9.34
N MET A 720 -31.89 44.13 -10.34
CA MET A 720 -31.95 45.15 -11.38
C MET A 720 -33.22 45.01 -12.21
N LEU A 721 -33.54 43.79 -12.64
CA LEU A 721 -34.75 43.56 -13.41
C LEU A 721 -36.01 43.73 -12.58
N GLY A 722 -35.91 43.57 -11.26
CA GLY A 722 -37.08 43.73 -10.41
C GLY A 722 -37.56 45.17 -10.35
N SER A 723 -36.62 46.11 -10.19
CA SER A 723 -37.00 47.51 -10.12
C SER A 723 -37.56 48.02 -11.45
N LEU A 724 -36.93 47.62 -12.56
CA LEU A 724 -37.43 48.03 -13.87
C LEU A 724 -38.81 47.44 -14.15
N ALA A 725 -39.01 46.17 -13.78
CA ALA A 725 -40.33 45.56 -13.97
C ALA A 725 -41.38 46.24 -13.10
N TYR A 726 -41.00 46.60 -11.86
CA TYR A 726 -41.95 47.29 -10.99
C TYR A 726 -42.30 48.66 -11.54
N ASN A 727 -41.32 49.39 -12.07
CA ASN A 727 -41.59 50.70 -12.67
C ASN A 727 -42.48 50.57 -13.90
N VAL A 728 -42.22 49.56 -14.73
CA VAL A 728 -43.05 49.34 -15.92
C VAL A 728 -44.48 48.99 -15.51
N LEU A 729 -44.63 48.16 -14.47
CA LEU A 729 -45.97 47.80 -14.01
C LEU A 729 -46.69 49.00 -13.43
N LEU A 730 -45.98 49.87 -12.71
CA LEU A 730 -46.59 51.07 -12.18
C LEU A 730 -47.03 52.02 -13.29
N ILE A 731 -46.19 52.16 -14.34
CA ILE A 731 -46.56 53.00 -15.47
C ILE A 731 -47.78 52.43 -16.18
N ALA A 732 -47.82 51.11 -16.36
CA ALA A 732 -48.97 50.49 -17.01
C ALA A 732 -50.24 50.66 -16.19
N LEU A 733 -50.13 50.54 -14.86
CA LEU A 733 -51.28 50.73 -14.00
C LEU A 733 -51.78 52.16 -14.05
N CYS A 734 -50.85 53.13 -14.04
CA CYS A 734 -51.25 54.53 -14.16
C CYS A 734 -51.94 54.80 -15.50
N THR A 735 -51.41 54.22 -16.58
CA THR A 735 -52.04 54.39 -17.89
C THR A 735 -53.44 53.77 -17.91
N LEU A 736 -53.59 52.58 -17.33
CA LEU A 736 -54.91 51.94 -17.30
C LEU A 736 -55.89 52.73 -16.45
N TYR A 737 -55.41 53.32 -15.35
CA TYR A 737 -56.28 54.13 -14.51
C TYR A 737 -56.70 55.41 -15.21
N ALA A 738 -55.79 56.03 -15.95
CA ALA A 738 -56.14 57.23 -16.70
C ALA A 738 -57.04 56.91 -17.90
N PHE A 739 -56.97 55.68 -18.40
CA PHE A 739 -57.83 55.25 -19.50
C PHE A 739 -59.29 55.13 -19.08
N LYS A 740 -59.59 55.20 -17.78
CA LYS A 740 -60.96 55.01 -17.30
C LYS A 740 -61.95 55.99 -17.93
N THR A 741 -61.46 57.15 -18.41
CA THR A 741 -62.34 58.09 -19.07
C THR A 741 -62.78 57.56 -20.43
N ARG A 742 -64.08 57.70 -20.73
CA ARG A 742 -64.61 57.22 -22.00
C ARG A 742 -65.61 58.18 -22.62
N LYS A 743 -65.73 59.42 -22.11
CA LYS A 743 -66.68 60.40 -22.61
C LYS A 743 -65.98 61.52 -23.36
N CYS A 744 -64.94 61.19 -24.11
CA CYS A 744 -64.21 62.19 -24.86
C CYS A 744 -65.00 62.61 -26.09
N PRO A 745 -65.44 63.87 -26.18
CA PRO A 745 -66.20 64.29 -27.37
C PRO A 745 -65.31 64.67 -28.54
N GLU A 746 -64.08 65.08 -28.30
CA GLU A 746 -63.14 65.45 -29.35
C GLU A 746 -62.08 64.36 -29.49
N ASN A 747 -61.84 63.94 -30.74
CA ASN A 747 -60.87 62.87 -31.03
C ASN A 747 -61.21 61.59 -30.27
N PHE A 748 -62.48 61.21 -30.32
CA PHE A 748 -62.91 59.99 -29.64
C PHE A 748 -62.28 58.76 -30.29
N ASN A 749 -62.20 58.73 -31.62
CA ASN A 749 -61.56 57.61 -32.30
C ASN A 749 -60.07 57.54 -31.95
N GLU A 750 -59.40 58.70 -31.88
CA GLU A 750 -57.99 58.72 -31.50
C GLU A 750 -57.79 58.23 -30.07
N ALA A 751 -58.68 58.64 -29.15
CA ALA A 751 -58.57 58.17 -27.77
C ALA A 751 -58.80 56.67 -27.68
N LYS A 752 -59.78 56.16 -28.43
CA LYS A 752 -60.03 54.72 -28.42
C LYS A 752 -58.85 53.95 -29.00
N PHE A 753 -58.23 54.48 -30.06
CA PHE A 753 -57.05 53.85 -30.63
C PHE A 753 -55.89 53.86 -29.66
N ILE A 754 -55.70 54.97 -28.94
CA ILE A 754 -54.62 55.05 -27.95
C ILE A 754 -54.86 54.05 -26.82
N GLY A 755 -56.11 53.92 -26.38
CA GLY A 755 -56.42 52.94 -25.34
C GLY A 755 -56.20 51.52 -25.80
N PHE A 756 -56.60 51.21 -27.04
CA PHE A 756 -56.36 49.88 -27.59
C PHE A 756 -54.87 49.61 -27.71
N THR A 757 -54.09 50.61 -28.11
CA THR A 757 -52.64 50.44 -28.19
C THR A 757 -52.03 50.20 -26.82
N MET A 758 -52.50 50.93 -25.80
CA MET A 758 -52.01 50.71 -24.44
C MET A 758 -52.33 49.31 -23.96
N TYR A 759 -53.56 48.84 -24.23
CA TYR A 759 -53.94 47.48 -23.83
C TYR A 759 -53.10 46.45 -24.56
N THR A 760 -52.86 46.66 -25.85
CA THR A 760 -52.04 45.72 -26.61
C THR A 760 -50.60 45.70 -26.10
N THR A 761 -50.06 46.87 -25.75
CA THR A 761 -48.71 46.92 -25.20
C THR A 761 -48.63 46.22 -23.85
N CYS A 762 -49.65 46.39 -23.01
CA CYS A 762 -49.69 45.68 -21.73
C CYS A 762 -49.75 44.18 -21.94
N ILE A 763 -50.57 43.73 -22.90
CA ILE A 763 -50.68 42.30 -23.17
C ILE A 763 -49.35 41.77 -23.71
N ILE A 764 -48.67 42.55 -24.55
CA ILE A 764 -47.39 42.12 -25.12
C ILE A 764 -46.34 42.02 -24.02
N TRP A 765 -46.35 42.97 -23.08
CA TRP A 765 -45.42 42.91 -21.95
C TRP A 765 -45.71 41.71 -21.07
N LEU A 766 -46.98 41.42 -20.82
CA LEU A 766 -47.34 40.26 -20.01
C LEU A 766 -46.92 38.96 -20.70
N ALA A 767 -47.03 38.91 -22.03
CA ALA A 767 -46.61 37.73 -22.76
C ALA A 767 -45.10 37.58 -22.77
N PHE A 768 -44.38 38.70 -22.91
CA PHE A 768 -42.92 38.65 -22.89
C PHE A 768 -42.39 38.27 -21.52
N LEU A 769 -43.08 38.65 -20.45
CA LEU A 769 -42.68 38.23 -19.11
C LEU A 769 -42.70 36.72 -18.97
N PRO A 770 -43.78 36.01 -19.33
CA PRO A 770 -43.72 34.54 -19.27
C PRO A 770 -42.74 33.94 -20.27
N ILE A 771 -42.55 34.58 -21.43
CA ILE A 771 -41.59 34.09 -22.40
C ILE A 771 -40.17 34.23 -21.85
N PHE A 772 -39.88 35.35 -21.18
CA PHE A 772 -38.58 35.53 -20.56
C PHE A 772 -38.38 34.60 -19.37
N TYR A 773 -39.47 34.29 -18.66
CA TYR A 773 -39.36 33.37 -17.52
C TYR A 773 -39.11 31.95 -17.99
N VAL A 774 -39.76 31.53 -19.09
CA VAL A 774 -39.55 30.18 -19.60
C VAL A 774 -38.18 30.05 -20.25
N THR A 775 -37.74 31.08 -20.96
CA THR A 775 -36.45 31.09 -21.63
C THR A 775 -35.33 31.65 -20.76
N SER A 776 -35.47 31.58 -19.43
CA SER A 776 -34.44 32.09 -18.53
C SER A 776 -33.14 31.30 -18.64
N SER A 777 -33.19 30.08 -19.16
CA SER A 777 -32.00 29.25 -19.32
C SER A 777 -31.52 29.20 -20.77
N ASP A 778 -32.25 29.79 -21.71
CA ASP A 778 -31.85 29.76 -23.10
C ASP A 778 -30.60 30.60 -23.33
N TYR A 779 -29.89 30.30 -24.41
CA TYR A 779 -28.65 30.99 -24.74
C TYR A 779 -28.91 32.24 -25.59
N ARG A 780 -29.47 32.04 -26.79
CA ARG A 780 -29.81 33.14 -27.68
C ARG A 780 -31.29 33.25 -27.97
N VAL A 781 -32.06 32.20 -27.71
CA VAL A 781 -33.50 32.24 -27.99
C VAL A 781 -34.18 33.29 -27.11
N GLN A 782 -33.72 33.43 -25.86
CA GLN A 782 -34.30 34.44 -24.97
C GLN A 782 -34.06 35.84 -25.51
N THR A 783 -32.83 36.13 -25.94
CA THR A 783 -32.53 37.44 -26.49
C THR A 783 -33.31 37.69 -27.77
N THR A 784 -33.43 36.67 -28.63
CA THR A 784 -34.19 36.82 -29.86
C THR A 784 -35.67 37.11 -29.57
N THR A 785 -36.24 36.40 -28.60
CA THR A 785 -37.64 36.62 -28.24
C THR A 785 -37.83 38.00 -27.64
N MET A 786 -36.91 38.44 -26.79
CA MET A 786 -37.02 39.78 -26.20
C MET A 786 -36.93 40.86 -27.28
N CYS A 787 -36.01 40.70 -28.22
CA CYS A 787 -35.89 41.66 -29.32
C CYS A 787 -37.15 41.68 -30.17
N VAL A 788 -37.68 40.50 -30.50
CA VAL A 788 -38.90 40.43 -31.29
C VAL A 788 -40.05 41.09 -30.55
N SER A 789 -40.14 40.88 -29.24
CA SER A 789 -41.24 41.45 -28.47
C SER A 789 -41.15 42.97 -28.41
N VAL A 790 -39.95 43.50 -28.14
CA VAL A 790 -39.81 44.95 -28.05
C VAL A 790 -40.03 45.59 -29.42
N SER A 791 -39.57 44.94 -30.48
CA SER A 791 -39.78 45.47 -31.82
C SER A 791 -41.26 45.46 -32.18
N LEU A 792 -41.98 44.40 -31.83
CA LEU A 792 -43.41 44.33 -32.12
C LEU A 792 -44.18 45.38 -31.32
N SER A 793 -43.82 45.58 -30.05
CA SER A 793 -44.49 46.60 -29.25
C SER A 793 -44.23 47.99 -29.82
N GLY A 794 -42.98 48.28 -30.21
CA GLY A 794 -42.68 49.56 -30.82
C GLY A 794 -43.41 49.78 -32.12
N SER A 795 -43.48 48.75 -32.96
CA SER A 795 -44.18 48.86 -34.23
C SER A 795 -45.67 49.07 -34.02
N VAL A 796 -46.26 48.40 -33.03
CA VAL A 796 -47.68 48.58 -32.75
C VAL A 796 -47.94 49.99 -32.23
N VAL A 797 -47.09 50.48 -31.33
CA VAL A 797 -47.26 51.83 -30.80
C VAL A 797 -47.08 52.87 -31.89
N LEU A 798 -46.21 52.60 -32.87
CA LEU A 798 -46.02 53.55 -33.96
C LEU A 798 -47.21 53.53 -34.92
N GLY A 799 -47.66 52.34 -35.31
CA GLY A 799 -48.77 52.23 -36.23
C GLY A 799 -50.10 52.64 -35.65
N CYS A 800 -50.24 52.61 -34.33
CA CYS A 800 -51.47 53.08 -33.70
C CYS A 800 -51.67 54.57 -33.94
N LEU A 801 -50.61 55.36 -33.79
CA LEU A 801 -50.71 56.79 -34.06
C LEU A 801 -50.56 57.10 -35.55
N PHE A 802 -49.85 56.24 -36.29
CA PHE A 802 -49.71 56.46 -37.72
C PHE A 802 -51.00 56.19 -38.47
N ALA A 803 -51.87 55.32 -37.92
CA ALA A 803 -53.14 55.06 -38.58
C ALA A 803 -54.04 56.29 -38.56
N PRO A 804 -54.22 57.00 -37.44
CA PRO A 804 -55.04 58.21 -37.48
C PRO A 804 -54.47 59.29 -38.39
N LYS A 805 -53.15 59.47 -38.40
CA LYS A 805 -52.54 60.43 -39.32
C LYS A 805 -52.77 60.01 -40.77
N LEU A 806 -52.75 58.70 -41.04
CA LEU A 806 -53.01 58.23 -42.40
C LEU A 806 -54.46 58.47 -42.80
N TYR A 807 -55.40 58.28 -41.87
CA TYR A 807 -56.79 58.57 -42.18
C TYR A 807 -57.05 60.06 -42.34
N ILE A 808 -56.28 60.90 -41.65
CA ILE A 808 -56.50 62.34 -41.70
C ILE A 808 -55.87 62.93 -42.97
N ILE A 809 -54.69 62.46 -43.35
CA ILE A 809 -53.93 63.01 -44.47
C ILE A 809 -53.97 62.10 -45.69
N LEU A 810 -53.47 60.87 -45.55
CA LEU A 810 -53.42 59.97 -46.69
C LEU A 810 -54.81 59.52 -47.12
N PHE A 811 -55.67 59.22 -46.16
CA PHE A 811 -57.04 58.78 -46.48
C PHE A 811 -58.05 59.88 -46.17
N HIS B 42 44.05 -38.85 22.30
CA HIS B 42 43.68 -40.26 22.43
C HIS B 42 42.19 -40.40 22.74
N SER B 43 41.46 -41.04 21.83
CA SER B 43 40.02 -41.21 22.00
C SER B 43 39.73 -42.25 23.08
N ILE B 44 38.45 -42.36 23.43
CA ILE B 44 37.99 -43.29 24.45
C ILE B 44 37.24 -44.41 23.75
N ARG B 45 37.65 -45.66 23.99
CA ARG B 45 37.03 -46.83 23.42
C ARG B 45 36.35 -47.62 24.52
N ILE B 46 35.04 -47.83 24.38
CA ILE B 46 34.27 -48.64 25.32
C ILE B 46 33.53 -49.72 24.52
N GLU B 47 33.69 -50.97 24.94
CA GLU B 47 33.08 -52.08 24.22
C GLU B 47 31.56 -52.02 24.31
N GLY B 48 30.89 -52.43 23.23
CA GLY B 48 29.45 -52.44 23.17
C GLY B 48 28.93 -52.78 21.79
N ASP B 49 27.76 -53.43 21.74
CA ASP B 49 27.18 -53.78 20.45
C ASP B 49 26.79 -52.53 19.66
N VAL B 50 26.18 -51.56 20.33
CA VAL B 50 25.82 -50.28 19.72
C VAL B 50 26.55 -49.18 20.47
N THR B 51 27.29 -48.36 19.74
CA THR B 51 28.10 -47.30 20.34
C THR B 51 27.62 -45.93 19.86
N LEU B 52 27.93 -44.92 20.66
CA LEU B 52 27.56 -43.54 20.37
C LEU B 52 28.80 -42.67 20.31
N GLY B 53 28.74 -41.63 19.48
CA GLY B 53 29.84 -40.69 19.38
C GLY B 53 29.82 -39.66 20.48
N GLY B 54 30.95 -38.96 20.61
CA GLY B 54 31.07 -37.93 21.62
C GLY B 54 32.14 -36.92 21.32
N LEU B 55 31.79 -35.63 21.38
CA LEU B 55 32.73 -34.53 21.13
C LEU B 55 32.70 -33.63 22.37
N PHE B 56 33.73 -33.74 23.21
CA PHE B 56 33.78 -33.00 24.46
C PHE B 56 35.09 -32.21 24.53
N PRO B 57 35.03 -30.91 24.80
CA PRO B 57 36.24 -30.07 24.88
C PRO B 57 36.97 -30.16 26.21
N VAL B 58 37.82 -31.18 26.36
CA VAL B 58 38.65 -31.29 27.56
C VAL B 58 39.89 -30.42 27.48
N HIS B 59 40.07 -29.67 26.38
CA HIS B 59 41.21 -28.78 26.22
C HIS B 59 40.75 -27.38 25.85
N ALA B 60 41.70 -26.50 25.53
CA ALA B 60 41.40 -25.12 25.17
C ALA B 60 42.11 -24.76 23.87
N LYS B 61 41.68 -23.66 23.27
CA LYS B 61 42.24 -23.16 22.02
C LYS B 61 43.06 -21.89 22.22
N GLY B 62 43.76 -21.81 23.35
CA GLY B 62 44.57 -20.66 23.67
C GLY B 62 45.70 -20.43 22.69
N PRO B 63 46.69 -21.33 22.69
CA PRO B 63 47.79 -21.22 21.71
C PRO B 63 47.34 -21.69 20.33
N SER B 64 47.52 -20.83 19.34
CA SER B 64 47.09 -21.15 17.98
C SER B 64 48.08 -22.06 17.26
N GLY B 65 49.31 -22.18 17.75
CA GLY B 65 50.28 -23.04 17.09
C GLY B 65 49.92 -24.51 17.18
N VAL B 66 49.64 -24.99 18.39
CA VAL B 66 49.25 -26.38 18.60
C VAL B 66 47.76 -26.50 18.38
N PRO B 67 47.24 -27.69 18.05
CA PRO B 67 45.77 -27.82 17.86
C PRO B 67 44.98 -27.54 19.12
N CYS B 68 45.35 -28.16 20.24
CA CYS B 68 44.67 -27.94 21.50
C CYS B 68 45.68 -27.65 22.59
N GLY B 69 45.36 -26.69 23.45
CA GLY B 69 46.26 -26.32 24.52
C GLY B 69 46.34 -27.38 25.60
N ASP B 70 47.44 -27.32 26.37
CA ASP B 70 47.63 -28.26 27.46
C ASP B 70 46.61 -28.04 28.57
N ILE B 71 46.26 -26.78 28.83
CA ILE B 71 45.31 -26.48 29.90
C ILE B 71 43.94 -27.07 29.58
N LYS B 72 43.17 -27.36 30.62
CA LYS B 72 41.84 -27.91 30.50
C LYS B 72 40.82 -26.93 31.08
N ARG B 73 39.55 -27.22 30.81
CA ARG B 73 38.45 -26.38 31.28
C ARG B 73 37.53 -27.21 32.17
N GLU B 74 37.02 -26.57 33.24
CA GLU B 74 36.17 -27.28 34.18
C GLU B 74 34.80 -27.60 33.58
N ASN B 75 34.28 -26.71 32.72
CA ASN B 75 32.99 -26.97 32.11
C ASN B 75 33.06 -28.07 31.07
N GLY B 76 34.19 -28.17 30.37
CA GLY B 76 34.37 -29.22 29.36
C GLY B 76 34.77 -30.56 29.92
N ILE B 77 35.19 -30.63 31.18
CA ILE B 77 35.60 -31.90 31.79
C ILE B 77 34.48 -32.50 32.64
N HIS B 78 33.48 -31.72 33.03
CA HIS B 78 32.38 -32.21 33.85
C HIS B 78 31.22 -32.76 33.02
N ARG B 79 31.39 -32.87 31.70
CA ARG B 79 30.32 -33.33 30.81
C ARG B 79 30.57 -34.71 30.22
N LEU B 80 31.81 -35.04 29.87
CA LEU B 80 32.08 -36.36 29.31
C LEU B 80 31.98 -37.44 30.37
N GLU B 81 32.41 -37.14 31.60
CA GLU B 81 32.18 -38.06 32.70
C GLU B 81 30.69 -38.26 32.96
N ALA B 82 29.90 -37.20 32.79
CA ALA B 82 28.45 -37.35 32.93
C ALA B 82 27.88 -38.24 31.83
N MET B 83 28.42 -38.16 30.62
CA MET B 83 27.98 -39.06 29.55
C MET B 83 28.38 -40.50 29.85
N LEU B 84 29.59 -40.70 30.39
CA LEU B 84 30.00 -42.05 30.77
C LEU B 84 29.10 -42.61 31.85
N TYR B 85 28.72 -41.78 32.83
CA TYR B 85 27.79 -42.23 33.86
C TYR B 85 26.42 -42.55 33.27
N ALA B 86 25.94 -41.71 32.35
CA ALA B 86 24.67 -41.99 31.70
C ALA B 86 24.72 -43.31 30.96
N LEU B 87 25.82 -43.60 30.29
CA LEU B 87 25.92 -44.83 29.52
C LEU B 87 26.01 -46.05 30.41
N ASP B 88 26.83 -45.99 31.47
CA ASP B 88 26.97 -47.13 32.36
C ASP B 88 25.76 -47.30 33.29
N GLN B 89 24.87 -46.31 33.36
CA GLN B 89 23.59 -46.49 34.02
C GLN B 89 22.51 -46.94 33.05
N ILE B 90 22.66 -46.63 31.77
CA ILE B 90 21.71 -47.09 30.77
C ILE B 90 21.89 -48.58 30.50
N ASN B 91 23.13 -49.03 30.35
CA ASN B 91 23.37 -50.46 30.16
C ASN B 91 23.56 -51.17 31.49
N SER B 92 22.64 -50.91 32.43
CA SER B 92 22.66 -51.57 33.72
C SER B 92 21.28 -52.00 34.21
N ASP B 93 20.19 -51.53 33.61
CA ASP B 93 18.85 -51.83 34.07
C ASP B 93 18.06 -52.55 32.98
N PRO B 94 17.11 -53.42 33.36
CA PRO B 94 16.35 -54.18 32.36
C PRO B 94 15.26 -53.39 31.65
N ASN B 95 14.94 -52.18 32.11
CA ASN B 95 13.89 -51.39 31.49
C ASN B 95 14.40 -50.46 30.39
N LEU B 96 15.71 -50.45 30.13
CA LEU B 96 16.29 -49.61 29.09
C LEU B 96 17.44 -50.38 28.46
N LEU B 97 17.22 -50.86 27.22
CA LEU B 97 18.19 -51.65 26.47
C LEU B 97 18.66 -52.85 27.28
N PRO B 98 17.78 -53.81 27.56
CA PRO B 98 18.20 -54.96 28.39
C PRO B 98 18.98 -56.00 27.60
N ASN B 99 18.65 -56.16 26.32
CA ASN B 99 19.25 -57.19 25.48
C ASN B 99 20.49 -56.70 24.72
N VAL B 100 20.74 -55.40 24.71
CA VAL B 100 21.89 -54.83 23.99
C VAL B 100 22.60 -53.84 24.90
N THR B 101 23.92 -53.89 24.90
CA THR B 101 24.73 -52.94 25.65
C THR B 101 25.04 -51.72 24.79
N LEU B 102 25.20 -50.58 25.45
CA LEU B 102 25.45 -49.31 24.78
C LEU B 102 26.91 -48.94 24.93
N GLY B 103 27.62 -48.82 23.80
CA GLY B 103 29.01 -48.43 23.80
C GLY B 103 29.18 -46.93 23.74
N ALA B 104 30.44 -46.51 23.69
CA ALA B 104 30.79 -45.10 23.66
C ALA B 104 31.99 -44.87 22.77
N ARG B 105 32.04 -43.68 22.16
CA ARG B 105 33.16 -43.25 21.32
C ARG B 105 33.36 -41.76 21.59
N ILE B 106 34.23 -41.45 22.54
CA ILE B 106 34.46 -40.08 22.99
C ILE B 106 35.74 -39.56 22.36
N LEU B 107 35.65 -38.38 21.74
CA LEU B 107 36.78 -37.72 21.13
C LEU B 107 36.81 -36.26 21.57
N ASP B 108 38.02 -35.71 21.67
CA ASP B 108 38.19 -34.33 22.13
C ASP B 108 38.14 -33.35 20.97
N THR B 109 37.41 -32.26 21.17
CA THR B 109 37.32 -31.17 20.20
C THR B 109 37.37 -29.87 20.98
N CYS B 110 38.49 -29.14 20.86
CA CYS B 110 38.71 -27.92 21.64
C CYS B 110 38.31 -26.67 20.88
N SER B 111 37.25 -26.76 20.07
CA SER B 111 36.71 -25.64 19.31
C SER B 111 37.74 -25.11 18.32
N ARG B 112 38.17 -25.98 17.42
CA ARG B 112 39.09 -25.65 16.35
C ARG B 112 38.43 -25.91 15.01
N ASP B 113 38.81 -25.10 14.00
CA ASP B 113 38.19 -25.22 12.69
C ASP B 113 38.64 -26.47 11.94
N THR B 114 39.77 -27.06 12.31
CA THR B 114 40.31 -28.22 11.60
C THR B 114 40.46 -29.45 12.48
N TYR B 115 40.95 -29.30 13.71
CA TYR B 115 41.17 -30.45 14.58
C TYR B 115 39.84 -31.07 14.99
N ALA B 116 38.90 -30.25 15.45
CA ALA B 116 37.56 -30.74 15.74
C ALA B 116 36.94 -31.38 14.51
N LEU B 117 37.23 -30.83 13.33
CA LEU B 117 36.73 -31.41 12.09
C LEU B 117 37.34 -32.79 11.84
N GLU B 118 38.62 -32.96 12.17
CA GLU B 118 39.25 -34.27 12.04
C GLU B 118 38.62 -35.28 12.97
N GLN B 119 38.39 -34.89 14.23
CA GLN B 119 37.77 -35.81 15.18
C GLN B 119 36.35 -36.17 14.77
N SER B 120 35.61 -35.20 14.20
CA SER B 120 34.26 -35.52 13.73
C SER B 120 34.30 -36.41 12.50
N LEU B 121 35.31 -36.25 11.65
CA LEU B 121 35.46 -37.12 10.49
C LEU B 121 35.94 -38.52 10.87
N THR B 122 36.49 -38.67 12.09
CA THR B 122 36.93 -39.99 12.53
C THR B 122 35.76 -40.96 12.67
N PHE B 123 34.54 -40.45 12.85
CA PHE B 123 33.38 -41.32 13.00
C PHE B 123 33.01 -42.01 11.70
N VAL B 124 32.95 -41.25 10.60
CA VAL B 124 32.53 -41.82 9.33
C VAL B 124 33.64 -42.63 8.66
N GLN B 125 34.89 -42.41 9.06
CA GLN B 125 35.98 -43.20 8.50
C GLN B 125 35.88 -44.66 8.91
N ALA B 126 35.45 -44.92 10.14
CA ALA B 126 35.24 -46.30 10.59
C ALA B 126 33.99 -46.92 9.98
N LEU B 127 33.03 -46.10 9.55
CA LEU B 127 31.84 -46.65 8.91
C LEU B 127 32.18 -47.28 7.56
N ILE B 128 32.99 -46.61 6.75
CA ILE B 128 33.45 -47.20 5.50
C ILE B 128 34.52 -48.25 5.79
N GLN B 129 35.63 -47.82 6.39
CA GLN B 129 36.71 -48.71 6.83
C GLN B 129 37.26 -49.56 5.68
N LYS B 130 37.39 -48.94 4.50
CA LYS B 130 37.96 -49.63 3.35
C LYS B 130 39.40 -50.00 3.63
N ASP B 131 40.26 -48.98 3.78
CA ASP B 131 41.67 -49.17 4.14
C ASP B 131 42.35 -50.24 3.28
N THR B 132 42.06 -50.21 1.98
CA THR B 132 42.63 -51.19 1.06
C THR B 132 44.00 -50.81 0.55
N SER B 133 44.36 -49.54 0.59
CA SER B 133 45.66 -49.12 0.08
C SER B 133 46.77 -49.29 1.12
N ASP B 134 46.47 -48.98 2.37
CA ASP B 134 47.48 -49.00 3.42
C ASP B 134 47.79 -50.44 3.82
N VAL B 135 49.05 -50.84 3.68
CA VAL B 135 49.54 -52.16 4.05
C VAL B 135 50.81 -51.98 4.88
N ARG B 136 50.88 -52.65 6.03
CA ARG B 136 51.97 -52.46 6.97
C ARG B 136 53.11 -53.46 6.76
N CYS B 137 52.81 -54.75 6.87
CA CYS B 137 53.85 -55.78 6.74
C CYS B 137 54.19 -56.03 5.27
N PHE B 145 42.05 -56.07 9.11
CA PHE B 145 43.05 -56.30 10.14
C PHE B 145 42.56 -55.81 11.51
N VAL B 146 41.51 -54.99 11.49
CA VAL B 146 40.83 -54.55 12.70
C VAL B 146 39.33 -54.71 12.51
N LYS B 147 38.61 -54.66 13.63
CA LYS B 147 37.16 -54.79 13.61
C LYS B 147 36.53 -53.42 13.84
N PRO B 148 36.04 -52.76 12.80
CA PRO B 148 35.42 -51.43 13.00
C PRO B 148 33.99 -51.55 13.51
N GLU B 149 33.54 -50.45 14.11
CA GLU B 149 32.19 -50.37 14.66
C GLU B 149 31.56 -49.06 14.22
N LYS B 150 30.36 -49.14 13.63
CA LYS B 150 29.66 -47.95 13.20
C LYS B 150 29.10 -47.19 14.40
N VAL B 151 28.85 -45.90 14.20
CA VAL B 151 28.28 -45.04 15.22
C VAL B 151 26.86 -44.67 14.80
N VAL B 152 25.94 -44.72 15.76
CA VAL B 152 24.55 -44.39 15.47
C VAL B 152 24.27 -42.90 15.64
N GLY B 153 25.01 -42.22 16.50
CA GLY B 153 24.81 -40.79 16.70
C GLY B 153 25.93 -40.22 17.51
N VAL B 154 25.89 -38.89 17.66
CA VAL B 154 26.92 -38.15 18.40
C VAL B 154 26.24 -37.32 19.47
N ILE B 155 26.84 -37.25 20.64
CA ILE B 155 26.33 -36.47 21.76
C ILE B 155 27.30 -35.31 21.97
N GLY B 156 27.95 -34.89 20.89
CA GLY B 156 28.97 -33.86 20.94
C GLY B 156 28.43 -32.49 20.56
N ALA B 157 29.23 -31.75 19.80
CA ALA B 157 28.90 -30.39 19.36
C ALA B 157 28.63 -29.48 20.56
N SER B 158 29.66 -29.33 21.40
CA SER B 158 29.56 -28.48 22.57
C SER B 158 29.59 -27.01 22.21
N GLY B 159 30.65 -26.58 21.53
CA GLY B 159 30.78 -25.18 21.16
C GLY B 159 29.74 -24.76 20.15
N SER B 160 29.51 -23.45 20.08
CA SER B 160 28.53 -22.91 19.14
C SER B 160 29.00 -23.09 17.70
N SER B 161 30.25 -22.75 17.41
CA SER B 161 30.76 -22.85 16.05
C SER B 161 31.06 -24.29 15.64
N VAL B 162 31.37 -25.16 16.61
CA VAL B 162 31.68 -26.55 16.27
C VAL B 162 30.43 -27.26 15.77
N SER B 163 29.24 -26.86 16.25
CA SER B 163 28.01 -27.51 15.84
C SER B 163 27.80 -27.42 14.33
N ILE B 164 28.06 -26.25 13.75
CA ILE B 164 27.85 -26.06 12.31
C ILE B 164 28.77 -26.96 11.51
N MET B 165 30.08 -26.91 11.80
CA MET B 165 31.03 -27.68 11.02
C MET B 165 30.87 -29.18 11.23
N VAL B 166 30.34 -29.60 12.38
CA VAL B 166 30.12 -31.02 12.58
C VAL B 166 28.84 -31.48 11.89
N ALA B 167 27.77 -30.71 12.00
CA ALA B 167 26.50 -31.10 11.38
C ALA B 167 26.56 -31.02 9.86
N ASN B 168 27.44 -30.16 9.31
CA ASN B 168 27.52 -30.05 7.86
C ASN B 168 28.00 -31.35 7.22
N ILE B 169 28.98 -32.02 7.85
CA ILE B 169 29.40 -33.32 7.33
C ILE B 169 28.50 -34.43 7.87
N LEU B 170 27.93 -34.26 9.06
CA LEU B 170 27.02 -35.26 9.60
C LEU B 170 25.66 -35.26 8.91
N ARG B 171 25.33 -34.19 8.17
CA ARG B 171 24.11 -34.19 7.38
C ARG B 171 24.25 -35.09 6.16
N LEU B 172 25.44 -35.09 5.54
CA LEU B 172 25.65 -35.92 4.35
C LEU B 172 25.50 -37.39 4.67
N PHE B 173 26.04 -37.84 5.80
CA PHE B 173 25.94 -39.22 6.21
C PHE B 173 24.72 -39.43 7.11
N GLN B 174 24.40 -40.69 7.36
CA GLN B 174 23.21 -41.05 8.14
C GLN B 174 23.55 -41.18 9.62
N ILE B 175 24.12 -40.11 10.17
CA ILE B 175 24.47 -40.05 11.59
C ILE B 175 24.06 -38.70 12.17
N PRO B 176 23.11 -38.67 13.10
CA PRO B 176 22.69 -37.40 13.69
C PRO B 176 23.69 -36.87 14.70
N GLN B 177 23.43 -35.66 15.17
CA GLN B 177 24.26 -34.99 16.17
C GLN B 177 23.34 -34.39 17.22
N ILE B 178 23.47 -34.84 18.47
CA ILE B 178 22.63 -34.35 19.55
C ILE B 178 23.45 -33.41 20.42
N SER B 179 23.40 -32.11 20.13
CA SER B 179 24.20 -31.14 20.85
C SER B 179 23.62 -30.89 22.24
N TYR B 180 24.45 -30.30 23.11
CA TYR B 180 24.04 -30.01 24.48
C TYR B 180 24.40 -28.61 24.95
N ALA B 181 25.37 -27.93 24.33
CA ALA B 181 25.77 -26.59 24.76
C ALA B 181 25.76 -25.61 23.60
N SER B 182 25.09 -25.94 22.51
CA SER B 182 25.00 -25.02 21.38
C SER B 182 24.13 -23.82 21.72
N THR B 183 24.58 -22.64 21.33
CA THR B 183 23.87 -21.39 21.59
C THR B 183 23.46 -20.65 20.33
N ALA B 184 24.23 -20.77 19.26
CA ALA B 184 23.92 -20.07 18.01
C ALA B 184 22.60 -20.56 17.43
N PRO B 185 21.63 -19.68 17.20
CA PRO B 185 20.32 -20.14 16.71
C PRO B 185 20.22 -20.26 15.20
N GLU B 186 21.23 -19.85 14.44
CA GLU B 186 21.16 -19.95 12.99
C GLU B 186 21.21 -21.38 12.48
N LEU B 187 21.55 -22.35 13.34
CA LEU B 187 21.57 -23.75 12.97
C LEU B 187 20.27 -24.47 13.29
N SER B 188 19.22 -23.73 13.68
CA SER B 188 17.94 -24.33 14.01
C SER B 188 17.11 -24.69 12.78
N ASP B 189 17.53 -24.27 11.59
CA ASP B 189 16.78 -24.57 10.37
C ASP B 189 16.98 -26.02 9.97
N ASP B 190 15.94 -26.60 9.38
CA ASP B 190 15.99 -27.99 8.91
C ASP B 190 16.49 -28.11 7.48
N ARG B 191 16.37 -27.05 6.68
CA ARG B 191 16.85 -27.11 5.29
C ARG B 191 18.35 -27.25 5.22
N ARG B 192 19.08 -26.68 6.18
CA ARG B 192 20.53 -26.77 6.22
C ARG B 192 21.05 -27.85 7.16
N TYR B 193 20.31 -28.15 8.23
CA TYR B 193 20.70 -29.18 9.19
C TYR B 193 19.46 -30.02 9.52
N ASP B 194 19.27 -31.09 8.76
CA ASP B 194 18.16 -32.00 9.00
C ASP B 194 18.54 -33.19 9.88
N PHE B 195 19.82 -33.33 10.20
CA PHE B 195 20.32 -34.39 11.07
C PHE B 195 20.86 -33.82 12.38
N PHE B 196 20.17 -32.81 12.91
CA PHE B 196 20.59 -32.11 14.12
C PHE B 196 19.41 -32.02 15.08
N SER B 197 19.69 -32.17 16.36
CA SER B 197 18.65 -32.08 17.38
C SER B 197 19.26 -31.50 18.65
N ARG B 198 18.90 -30.27 18.97
CA ARG B 198 19.39 -29.61 20.18
C ARG B 198 18.56 -30.03 21.38
N VAL B 199 19.25 -30.30 22.50
CA VAL B 199 18.55 -30.58 23.76
C VAL B 199 18.34 -29.32 24.58
N VAL B 200 19.03 -28.23 24.25
CA VAL B 200 18.86 -26.94 24.93
C VAL B 200 18.11 -26.01 24.00
N PRO B 201 17.29 -25.10 24.52
CA PRO B 201 16.56 -24.17 23.67
C PRO B 201 17.50 -23.16 23.02
N PRO B 202 17.30 -22.86 21.73
CA PRO B 202 18.17 -21.88 21.07
C PRO B 202 17.89 -20.45 21.52
N ASP B 203 18.63 -19.50 20.97
CA ASP B 203 18.41 -18.09 21.31
C ASP B 203 17.09 -17.57 20.77
N SER B 204 16.51 -18.22 19.76
CA SER B 204 15.19 -17.81 19.29
C SER B 204 14.12 -18.03 20.34
N PHE B 205 14.22 -19.13 21.09
CA PHE B 205 13.30 -19.35 22.20
C PHE B 205 13.50 -18.30 23.29
N GLN B 206 14.74 -17.89 23.53
CA GLN B 206 15.00 -16.82 24.48
C GLN B 206 14.37 -15.52 24.02
N ALA B 207 14.47 -15.22 22.72
CA ALA B 207 13.85 -14.00 22.20
C ALA B 207 12.34 -14.06 22.32
N GLN B 208 11.75 -15.23 22.07
CA GLN B 208 10.31 -15.38 22.24
C GLN B 208 9.91 -15.20 23.70
N ALA B 209 10.72 -15.71 24.62
CA ALA B 209 10.43 -15.50 26.03
C ALA B 209 10.55 -14.03 26.42
N MET B 210 11.53 -13.33 25.85
CA MET B 210 11.64 -11.89 26.09
C MET B 210 10.41 -11.15 25.56
N VAL B 211 9.94 -11.52 24.38
CA VAL B 211 8.73 -10.90 23.81
C VAL B 211 7.54 -11.15 24.73
N ASP B 212 7.38 -12.40 25.18
CA ASP B 212 6.24 -12.75 26.02
C ASP B 212 6.31 -12.05 27.39
N ILE B 213 7.51 -11.86 27.93
CA ILE B 213 7.64 -11.23 29.22
C ILE B 213 7.57 -9.71 29.13
N VAL B 214 7.85 -9.13 27.97
CA VAL B 214 7.67 -7.68 27.80
C VAL B 214 6.20 -7.36 27.54
N LYS B 215 5.54 -8.18 26.72
CA LYS B 215 4.12 -7.96 26.46
C LYS B 215 3.28 -8.10 27.71
N ALA B 216 3.71 -8.93 28.66
CA ALA B 216 2.95 -9.20 29.87
C ALA B 216 3.47 -8.41 31.08
N LEU B 217 4.24 -7.34 30.84
CA LEU B 217 4.77 -6.53 31.92
C LEU B 217 4.58 -5.05 31.63
N GLY B 218 3.46 -4.70 31.00
CA GLY B 218 3.10 -3.31 30.79
C GLY B 218 3.73 -2.65 29.59
N TRP B 219 5.02 -2.38 29.65
CA TRP B 219 5.67 -1.58 28.61
C TRP B 219 5.71 -2.33 27.29
N ASN B 220 5.73 -1.56 26.19
CA ASN B 220 5.74 -2.11 24.85
C ASN B 220 6.98 -1.76 24.04
N TYR B 221 7.68 -0.68 24.38
CA TYR B 221 8.90 -0.27 23.69
C TYR B 221 10.10 -0.51 24.60
N VAL B 222 11.17 -1.04 24.00
CA VAL B 222 12.38 -1.38 24.75
C VAL B 222 13.59 -1.12 23.85
N SER B 223 14.62 -0.50 24.42
CA SER B 223 15.87 -0.23 23.70
C SER B 223 16.78 -1.45 23.87
N THR B 224 17.08 -2.12 22.75
CA THR B 224 17.89 -3.32 22.80
C THR B 224 19.38 -2.97 22.81
N LEU B 225 20.16 -3.83 23.46
CA LEU B 225 21.60 -3.65 23.57
C LEU B 225 22.27 -5.02 23.51
N ALA B 226 23.12 -5.21 22.51
CA ALA B 226 23.83 -6.47 22.33
C ALA B 226 25.25 -6.19 21.84
N SER B 227 26.10 -7.20 21.97
CA SER B 227 27.50 -7.11 21.55
C SER B 227 27.74 -8.03 20.37
N GLU B 228 28.41 -7.52 19.35
CA GLU B 228 28.72 -8.31 18.16
C GLU B 228 29.91 -9.24 18.45
N GLY B 229 30.14 -10.15 17.50
CA GLY B 229 31.23 -11.11 17.64
C GLY B 229 30.97 -12.22 18.63
N SER B 230 29.72 -12.44 19.01
CA SER B 230 29.36 -13.48 19.97
C SER B 230 27.90 -13.85 19.74
N TYR B 231 27.32 -14.56 20.71
CA TYR B 231 25.91 -14.93 20.64
C TYR B 231 24.97 -13.74 20.74
N GLY B 232 25.47 -12.58 21.20
CA GLY B 232 24.61 -11.42 21.33
C GLY B 232 24.08 -10.90 20.02
N GLU B 233 24.91 -10.95 18.97
CA GLU B 233 24.49 -10.48 17.66
C GLU B 233 23.35 -11.34 17.11
N LYS B 234 23.51 -12.67 17.15
CA LYS B 234 22.44 -13.55 16.68
C LYS B 234 21.22 -13.43 17.57
N GLY B 235 21.43 -13.22 18.88
CA GLY B 235 20.30 -13.05 19.78
C GLY B 235 19.47 -11.83 19.46
N VAL B 236 20.14 -10.69 19.24
CA VAL B 236 19.40 -9.47 18.91
C VAL B 236 18.80 -9.57 17.51
N GLU B 237 19.45 -10.29 16.60
CA GLU B 237 18.87 -10.50 15.28
C GLU B 237 17.56 -11.28 15.38
N SER B 238 17.57 -12.37 16.13
CA SER B 238 16.35 -13.13 16.35
C SER B 238 15.30 -12.32 17.10
N PHE B 239 15.74 -11.46 18.04
CA PHE B 239 14.80 -10.62 18.77
C PHE B 239 14.09 -9.65 17.83
N THR B 240 14.84 -8.99 16.95
CA THR B 240 14.20 -8.10 15.98
C THR B 240 13.30 -8.87 15.02
N GLN B 241 13.76 -10.05 14.57
CA GLN B 241 12.96 -10.84 13.63
C GLN B 241 11.65 -11.29 14.24
N ILE B 242 11.65 -11.61 15.54
CA ILE B 242 10.43 -12.05 16.20
C ILE B 242 9.58 -10.88 16.71
N SER B 243 10.17 -9.70 16.88
CA SER B 243 9.39 -8.54 17.31
C SER B 243 8.73 -7.82 16.13
N LYS B 244 9.32 -7.90 14.94
CA LYS B 244 8.69 -7.31 13.76
C LYS B 244 7.35 -7.96 13.47
N GLU B 245 7.29 -9.29 13.57
CA GLU B 245 6.03 -9.99 13.35
C GLU B 245 5.08 -9.88 14.54
N ALA B 246 5.62 -9.71 15.74
CA ALA B 246 4.79 -9.64 16.93
C ALA B 246 3.99 -8.33 16.94
N GLY B 247 2.72 -8.44 17.36
CA GLY B 247 1.84 -7.29 17.44
C GLY B 247 1.78 -6.75 18.86
N GLY B 248 1.96 -5.43 18.99
CA GLY B 248 1.96 -4.78 20.28
C GLY B 248 3.33 -4.59 20.89
N LEU B 249 4.39 -5.07 20.26
CA LEU B 249 5.75 -4.92 20.75
C LEU B 249 6.48 -3.88 19.89
N CYS B 250 7.26 -3.03 20.56
CA CYS B 250 7.93 -1.93 19.90
C CYS B 250 9.41 -1.92 20.28
N ILE B 251 10.21 -1.31 19.41
CA ILE B 251 11.65 -1.15 19.63
C ILE B 251 11.94 0.35 19.73
N ALA B 252 12.55 0.76 20.84
CA ALA B 252 12.83 2.18 21.04
C ALA B 252 14.16 2.57 20.41
N GLN B 253 15.20 1.76 20.61
CA GLN B 253 16.52 2.05 20.10
C GLN B 253 17.31 0.75 19.98
N SER B 254 18.27 0.75 19.07
CA SER B 254 19.16 -0.39 18.85
C SER B 254 20.59 0.10 18.80
N VAL B 255 21.40 -0.30 19.77
CA VAL B 255 22.79 0.13 19.88
C VAL B 255 23.68 -1.09 19.98
N ARG B 256 24.84 -1.01 19.34
CA ARG B 256 25.82 -2.10 19.36
C ARG B 256 26.84 -1.86 20.46
N ILE B 257 27.40 -2.94 20.97
CA ILE B 257 28.42 -2.90 22.01
C ILE B 257 29.74 -3.36 21.40
N PRO B 258 30.73 -2.47 21.26
CA PRO B 258 32.01 -2.90 20.66
C PRO B 258 32.88 -3.61 21.69
N GLN B 259 33.38 -4.79 21.32
CA GLN B 259 34.24 -5.59 22.17
C GLN B 259 35.71 -5.43 21.84
N GLU B 260 36.06 -4.46 21.00
CA GLU B 260 37.46 -4.27 20.63
C GLU B 260 38.26 -3.66 21.77
N ARG B 261 37.73 -2.60 22.40
CA ARG B 261 38.39 -1.92 23.49
C ARG B 261 37.37 -1.55 24.54
N LYS B 262 37.54 -2.07 25.76
CA LYS B 262 36.64 -1.78 26.86
C LYS B 262 37.33 -1.23 28.10
N ASP B 263 38.66 -1.24 28.16
CA ASP B 263 39.35 -0.71 29.33
C ASP B 263 39.27 0.81 29.40
N ARG B 264 39.22 1.48 28.25
CA ARG B 264 39.12 2.94 28.24
C ARG B 264 37.76 3.42 28.74
N THR B 265 36.72 2.62 28.52
CA THR B 265 35.34 2.93 28.93
C THR B 265 34.85 4.27 28.37
N ILE B 266 35.46 4.74 27.27
CA ILE B 266 35.00 5.98 26.65
C ILE B 266 33.74 5.77 25.83
N ASP B 267 33.48 4.53 25.39
CA ASP B 267 32.26 4.26 24.63
C ASP B 267 31.04 4.12 25.54
N PHE B 268 31.21 3.47 26.69
CA PHE B 268 30.08 3.24 27.59
C PHE B 268 29.54 4.54 28.17
N ASP B 269 30.41 5.54 28.37
CA ASP B 269 29.94 6.84 28.83
C ASP B 269 29.05 7.50 27.79
N ARG B 270 29.36 7.29 26.51
CA ARG B 270 28.55 7.87 25.44
C ARG B 270 27.28 7.07 25.19
N ILE B 271 27.32 5.75 25.41
CA ILE B 271 26.14 4.92 25.15
C ILE B 271 25.01 5.28 26.11
N ILE B 272 25.32 5.41 27.39
CA ILE B 272 24.29 5.72 28.37
C ILE B 272 23.73 7.11 28.16
N LYS B 273 24.50 8.00 27.53
CA LYS B 273 24.01 9.36 27.29
C LYS B 273 22.99 9.38 26.17
N GLN B 274 23.28 8.73 25.04
CA GLN B 274 22.34 8.70 23.92
C GLN B 274 21.12 7.84 24.22
N LEU B 275 21.23 6.87 25.14
CA LEU B 275 20.07 6.10 25.54
C LEU B 275 19.08 6.95 26.32
N LEU B 276 19.57 7.92 27.09
CA LEU B 276 18.70 8.83 27.83
C LEU B 276 18.11 9.93 26.96
N ASP B 277 18.61 10.10 25.73
CA ASP B 277 18.10 11.16 24.86
C ASP B 277 16.63 10.93 24.53
N THR B 278 16.27 9.70 24.15
CA THR B 278 14.89 9.40 23.83
C THR B 278 14.02 9.52 25.09
N PRO B 279 12.81 10.06 24.97
CA PRO B 279 11.98 10.29 26.16
C PRO B 279 11.30 9.03 26.65
N ASN B 280 11.06 9.01 27.98
CA ASN B 280 10.30 7.98 28.69
C ASN B 280 10.61 6.55 28.23
N SER B 281 11.88 6.26 27.96
CA SER B 281 12.33 4.92 27.62
C SER B 281 13.15 4.39 28.77
N ARG B 282 12.56 3.48 29.55
CA ARG B 282 13.20 2.93 30.74
C ARG B 282 13.49 1.44 30.64
N ALA B 283 13.08 0.78 29.55
CA ALA B 283 13.30 -0.64 29.38
C ALA B 283 14.48 -0.88 28.44
N VAL B 284 15.44 -1.67 28.91
CA VAL B 284 16.60 -2.04 28.10
C VAL B 284 16.88 -3.52 28.31
N VAL B 285 17.11 -4.24 27.21
CA VAL B 285 17.44 -5.65 27.24
C VAL B 285 18.91 -5.82 26.87
N ILE B 286 19.60 -6.71 27.57
CA ILE B 286 21.03 -6.95 27.36
C ILE B 286 21.21 -8.40 26.94
N PHE B 287 21.89 -8.60 25.82
CA PHE B 287 22.20 -9.95 25.33
C PHE B 287 23.71 -10.20 25.27
N ALA B 288 24.52 -9.32 25.84
CA ALA B 288 25.96 -9.46 25.83
C ALA B 288 26.44 -10.31 27.00
N ASN B 289 27.74 -10.58 27.01
CA ASN B 289 28.34 -11.36 28.07
C ASN B 289 28.52 -10.51 29.33
N ASP B 290 28.94 -11.15 30.41
CA ASP B 290 29.05 -10.48 31.70
C ASP B 290 30.18 -9.45 31.71
N GLU B 291 31.20 -9.65 30.86
CA GLU B 291 32.40 -8.82 30.93
C GLU B 291 32.07 -7.34 30.73
N ASP B 292 31.36 -7.01 29.67
CA ASP B 292 30.97 -5.62 29.47
C ASP B 292 29.74 -5.23 30.27
N ILE B 293 29.00 -6.22 30.80
CA ILE B 293 27.87 -5.91 31.67
C ILE B 293 28.37 -5.27 32.97
N LYS B 294 29.44 -5.81 33.55
CA LYS B 294 30.01 -5.18 34.74
C LYS B 294 30.38 -3.73 34.46
N GLN B 295 31.02 -3.47 33.32
CA GLN B 295 31.46 -2.11 33.01
C GLN B 295 30.29 -1.18 32.75
N ILE B 296 29.23 -1.67 32.09
CA ILE B 296 28.10 -0.79 31.83
C ILE B 296 27.32 -0.50 33.10
N LEU B 297 27.23 -1.47 34.02
CA LEU B 297 26.59 -1.18 35.30
C LEU B 297 27.44 -0.22 36.14
N ALA B 298 28.77 -0.38 36.11
CA ALA B 298 29.63 0.57 36.81
C ALA B 298 29.50 1.97 36.23
N ALA B 299 29.37 2.08 34.91
CA ALA B 299 29.21 3.39 34.27
C ALA B 299 27.86 4.00 34.65
N ALA B 300 26.79 3.21 34.64
CA ALA B 300 25.50 3.72 35.05
C ALA B 300 25.49 4.13 36.52
N LYS B 301 26.27 3.44 37.35
CA LYS B 301 26.35 3.81 38.77
C LYS B 301 27.10 5.12 38.96
N ARG B 302 28.26 5.26 38.30
CA ARG B 302 29.04 6.48 38.48
C ARG B 302 28.38 7.68 37.80
N ALA B 303 27.57 7.44 36.77
CA ALA B 303 26.91 8.55 36.07
C ALA B 303 25.74 9.08 36.89
N ASP B 304 25.02 8.20 37.60
CA ASP B 304 23.86 8.58 38.40
C ASP B 304 22.81 9.30 37.55
N GLN B 305 22.31 8.59 36.55
CA GLN B 305 21.34 9.16 35.63
C GLN B 305 20.02 9.43 36.34
N VAL B 306 19.32 10.46 35.87
CA VAL B 306 18.01 10.80 36.42
C VAL B 306 16.91 9.94 35.82
N GLY B 307 17.17 9.25 34.72
CA GLY B 307 16.14 8.41 34.11
C GLY B 307 15.90 7.14 34.90
N HIS B 308 16.97 6.51 35.39
CA HIS B 308 16.90 5.28 36.17
C HIS B 308 16.18 4.18 35.38
N PHE B 309 16.69 3.92 34.19
CA PHE B 309 16.07 2.92 33.31
C PHE B 309 16.35 1.52 33.83
N LEU B 310 15.29 0.70 33.89
CA LEU B 310 15.41 -0.66 34.39
C LEU B 310 16.07 -1.57 33.35
N TRP B 311 16.82 -2.54 33.84
CA TRP B 311 17.58 -3.45 32.99
C TRP B 311 16.87 -4.79 32.86
N VAL B 312 17.10 -5.45 31.73
CA VAL B 312 16.60 -6.80 31.48
C VAL B 312 17.76 -7.66 31.01
N GLY B 313 18.10 -8.69 31.79
CA GLY B 313 19.26 -9.50 31.49
C GLY B 313 18.92 -10.75 30.68
N SER B 314 19.97 -11.45 30.29
CA SER B 314 19.88 -12.66 29.49
C SER B 314 20.43 -13.85 30.28
N ASP B 315 20.57 -14.99 29.60
CA ASP B 315 21.11 -16.17 30.25
C ASP B 315 22.54 -15.95 30.73
N SER B 316 23.27 -15.03 30.10
CA SER B 316 24.62 -14.72 30.54
C SER B 316 24.62 -14.11 31.94
N TRP B 317 23.65 -13.25 32.24
CA TRP B 317 23.55 -12.65 33.56
C TRP B 317 23.04 -13.67 34.58
N GLY B 318 21.83 -14.18 34.37
CA GLY B 318 21.25 -15.17 35.25
C GLY B 318 21.06 -14.71 36.68
N SER B 319 21.77 -15.36 37.60
CA SER B 319 21.64 -15.09 39.03
C SER B 319 23.01 -15.06 39.71
N LYS B 320 23.97 -14.38 39.09
CA LYS B 320 25.33 -14.32 39.59
C LYS B 320 25.57 -13.01 40.32
N ILE B 321 26.48 -13.03 41.30
CA ILE B 321 26.84 -11.85 42.07
C ILE B 321 28.05 -11.12 41.49
N ASN B 322 28.73 -11.71 40.50
CA ASN B 322 29.96 -11.12 39.99
C ASN B 322 29.79 -9.72 39.41
N PRO B 323 28.81 -9.43 38.54
CA PRO B 323 28.81 -8.12 37.88
C PRO B 323 28.58 -6.95 38.82
N LEU B 324 27.68 -7.10 39.79
CA LEU B 324 27.30 -6.01 40.68
C LEU B 324 27.95 -6.20 42.04
N HIS B 325 28.44 -5.10 42.62
CA HIS B 325 29.02 -5.11 43.95
C HIS B 325 28.56 -3.86 44.69
N GLN B 326 27.71 -4.05 45.71
CA GLN B 326 27.19 -2.95 46.52
C GLN B 326 26.49 -1.90 45.66
N HIS B 327 25.78 -2.36 44.63
CA HIS B 327 25.05 -1.50 43.72
C HIS B 327 23.57 -1.78 43.89
N GLU B 328 22.88 -0.92 44.64
CA GLU B 328 21.46 -1.11 44.90
C GLU B 328 20.58 -0.38 43.89
N ASP B 329 21.00 0.82 43.45
CA ASP B 329 20.19 1.60 42.53
C ASP B 329 20.13 0.94 41.15
N ILE B 330 21.28 0.53 40.62
CA ILE B 330 21.31 -0.06 39.29
C ILE B 330 20.71 -1.46 39.29
N ALA B 331 20.70 -2.14 40.43
CA ALA B 331 20.18 -3.49 40.50
C ALA B 331 18.65 -3.53 40.60
N GLU B 332 18.02 -2.47 41.08
CA GLU B 332 16.57 -2.46 41.24
C GLU B 332 15.88 -2.59 39.89
N GLY B 333 15.05 -3.62 39.74
CA GLY B 333 14.33 -3.85 38.51
C GLY B 333 15.07 -4.67 37.48
N ALA B 334 16.23 -5.23 37.82
CA ALA B 334 17.03 -6.01 36.87
C ALA B 334 16.40 -7.39 36.72
N ILE B 335 15.31 -7.43 35.94
CA ILE B 335 14.60 -8.68 35.69
C ILE B 335 15.36 -9.47 34.62
N THR B 336 15.86 -10.64 35.01
CA THR B 336 16.79 -11.41 34.19
C THR B 336 16.23 -12.82 33.99
N ILE B 337 16.61 -13.45 32.88
CA ILE B 337 16.12 -14.77 32.52
C ILE B 337 17.25 -15.77 32.66
N GLN B 338 16.88 -17.03 32.89
CA GLN B 338 17.81 -18.13 33.08
C GLN B 338 17.08 -19.47 32.95
N PRO B 339 17.58 -20.41 32.17
CA PRO B 339 16.91 -21.71 32.04
C PRO B 339 16.98 -22.50 33.33
N LYS B 340 16.25 -23.62 33.34
CA LYS B 340 16.17 -24.48 34.52
C LYS B 340 17.53 -25.11 34.79
N ARG B 341 18.12 -24.78 35.94
CA ARG B 341 19.41 -25.33 36.35
C ARG B 341 19.15 -26.45 37.36
N ALA B 342 19.02 -27.67 36.84
CA ALA B 342 18.74 -28.83 37.68
C ALA B 342 20.05 -29.47 38.14
N THR B 343 19.94 -30.29 39.19
CA THR B 343 21.08 -30.99 39.77
C THR B 343 20.77 -32.48 39.82
N VAL B 344 21.65 -33.29 39.25
CA VAL B 344 21.49 -34.74 39.22
C VAL B 344 22.30 -35.31 40.37
N GLU B 345 21.62 -35.79 41.42
CA GLU B 345 22.30 -36.32 42.58
C GLU B 345 23.12 -37.57 42.24
N GLY B 346 22.69 -38.33 41.24
CA GLY B 346 23.46 -39.49 40.84
C GLY B 346 24.82 -39.12 40.29
N PHE B 347 24.88 -38.05 39.49
CA PHE B 347 26.17 -37.62 38.95
C PHE B 347 27.09 -37.12 40.06
N ASP B 348 26.55 -36.42 41.05
CA ASP B 348 27.37 -35.98 42.18
C ASP B 348 27.86 -37.17 43.00
N ALA B 349 27.01 -38.19 43.18
CA ALA B 349 27.43 -39.37 43.93
C ALA B 349 28.50 -40.15 43.17
N TYR B 350 28.41 -40.18 41.84
CA TYR B 350 29.40 -40.90 41.05
C TYR B 350 30.71 -40.13 40.93
N PHE B 351 30.66 -38.79 40.92
CA PHE B 351 31.84 -37.96 40.74
C PHE B 351 32.63 -37.76 42.03
N THR B 352 32.16 -38.27 43.17
CA THR B 352 32.93 -38.19 44.40
C THR B 352 33.76 -39.44 44.64
N SER B 353 33.24 -40.60 44.27
CA SER B 353 33.95 -41.87 44.47
C SER B 353 34.76 -42.24 43.22
N ARG B 354 35.72 -41.38 42.91
CA ARG B 354 36.62 -41.57 41.77
C ARG B 354 38.03 -41.80 42.27
N THR B 355 38.76 -42.68 41.59
CA THR B 355 40.13 -43.00 41.91
C THR B 355 40.93 -43.15 40.61
N LEU B 356 42.26 -43.15 40.75
CA LEU B 356 43.14 -43.37 39.61
C LEU B 356 43.27 -44.83 39.22
N GLU B 357 42.67 -45.74 39.99
CA GLU B 357 42.76 -47.17 39.72
C GLU B 357 41.53 -47.72 39.01
N ASN B 358 40.35 -47.15 39.26
CA ASN B 358 39.11 -47.63 38.64
C ASN B 358 38.69 -46.82 37.43
N ASN B 359 39.10 -45.56 37.34
CA ASN B 359 38.72 -44.70 36.21
C ASN B 359 39.78 -44.78 35.10
N ARG B 360 39.96 -45.99 34.58
CA ARG B 360 40.91 -46.23 33.51
C ARG B 360 40.27 -46.21 32.13
N ARG B 361 38.95 -46.01 32.05
CA ARG B 361 38.28 -45.98 30.75
C ARG B 361 38.65 -44.72 29.98
N ASN B 362 38.76 -43.59 30.66
CA ASN B 362 39.14 -42.33 30.03
C ASN B 362 40.64 -42.07 30.20
N VAL B 363 41.23 -41.44 29.19
CA VAL B 363 42.66 -41.16 29.21
C VAL B 363 42.98 -39.74 29.67
N TRP B 364 42.01 -38.84 29.69
CA TRP B 364 42.24 -37.47 30.10
C TRP B 364 42.10 -37.26 31.60
N PHE B 365 41.54 -38.22 32.32
CA PHE B 365 41.40 -38.07 33.77
C PHE B 365 42.73 -38.23 34.49
N ALA B 366 43.69 -38.94 33.90
CA ALA B 366 45.01 -39.06 34.53
C ALA B 366 45.71 -37.71 34.59
N GLU B 367 45.63 -36.93 33.53
CA GLU B 367 46.21 -35.59 33.49
C GLU B 367 45.23 -34.51 33.91
N TYR B 368 44.01 -34.87 34.31
CA TYR B 368 43.05 -33.88 34.76
C TYR B 368 43.40 -33.34 36.14
N TRP B 369 44.06 -34.15 36.96
CA TRP B 369 44.43 -33.72 38.31
C TRP B 369 45.42 -32.56 38.32
N GLU B 370 46.04 -32.26 37.17
CA GLU B 370 46.97 -31.13 37.11
C GLU B 370 46.25 -29.79 37.23
N GLU B 371 44.94 -29.75 37.01
CA GLU B 371 44.16 -28.53 37.13
C GLU B 371 43.73 -28.25 38.56
N ASN B 372 44.15 -29.06 39.52
CA ASN B 372 43.81 -28.85 40.92
C ASN B 372 44.73 -27.80 41.53
N PHE B 373 44.70 -27.67 42.85
CA PHE B 373 45.47 -26.64 43.54
C PHE B 373 46.96 -26.96 43.54
N ASN B 374 47.60 -26.80 42.38
CA ASN B 374 49.05 -26.95 42.23
C ASN B 374 49.52 -28.34 42.68
N CYS B 375 49.04 -29.36 41.98
CA CYS B 375 49.47 -30.73 42.21
C CYS B 375 49.56 -31.46 40.88
N LYS B 376 50.51 -32.39 40.79
CA LYS B 376 50.73 -33.12 39.56
C LYS B 376 50.80 -34.63 39.82
N LEU B 377 51.19 -35.39 38.81
CA LEU B 377 51.25 -36.85 38.88
C LEU B 377 52.61 -37.33 38.41
N THR B 378 53.13 -38.36 39.08
CA THR B 378 54.44 -38.91 38.76
C THR B 378 54.40 -40.34 38.24
N ILE B 379 53.23 -40.97 38.19
CA ILE B 379 53.14 -42.35 37.72
C ILE B 379 53.46 -42.42 36.23
N SER B 380 52.98 -41.45 35.45
CA SER B 380 53.21 -41.42 34.01
C SER B 380 54.04 -40.22 33.58
N GLY B 381 53.64 -39.01 34.00
CA GLY B 381 54.36 -37.81 33.62
C GLY B 381 55.48 -37.46 34.58
N SER B 382 56.20 -36.40 34.24
CA SER B 382 57.31 -35.90 35.04
C SER B 382 56.86 -34.73 35.91
N LYS B 383 57.29 -34.74 37.17
CA LYS B 383 56.92 -33.67 38.08
C LYS B 383 57.57 -32.35 37.67
N LYS B 384 56.85 -31.26 37.91
CA LYS B 384 57.35 -29.93 37.60
C LYS B 384 58.34 -29.47 38.65
N GLU B 385 59.25 -28.59 38.24
CA GLU B 385 60.25 -28.06 39.16
C GLU B 385 59.65 -27.06 40.15
N ASP B 386 58.50 -26.47 39.83
CA ASP B 386 57.90 -25.50 40.73
C ASP B 386 57.32 -26.16 41.98
N THR B 387 56.59 -27.27 41.80
CA THR B 387 55.94 -27.95 42.91
C THR B 387 56.16 -29.45 42.77
N ASP B 388 56.50 -30.10 43.89
CA ASP B 388 56.74 -31.53 43.92
C ASP B 388 55.68 -32.29 44.70
N ARG B 389 54.74 -31.58 45.33
CA ARG B 389 53.70 -32.24 46.12
C ARG B 389 52.76 -33.03 45.22
N LYS B 390 52.40 -34.23 45.67
CA LYS B 390 51.52 -35.13 44.94
C LYS B 390 50.15 -35.15 45.59
N CYS B 391 49.11 -35.20 44.75
CA CYS B 391 47.73 -35.24 45.23
C CYS B 391 47.03 -36.55 44.88
N THR B 392 47.77 -37.58 44.45
CA THR B 392 47.15 -38.85 44.09
C THR B 392 46.79 -39.66 45.32
N GLY B 393 47.51 -39.45 46.43
CA GLY B 393 47.27 -40.26 47.63
C GLY B 393 45.89 -40.09 48.21
N GLN B 394 45.25 -38.94 47.98
CA GLN B 394 43.93 -38.68 48.54
C GLN B 394 43.14 -37.83 47.56
N GLU B 395 41.81 -38.00 47.60
CA GLU B 395 40.90 -37.24 46.75
C GLU B 395 40.12 -36.20 47.52
N ARG B 396 40.43 -36.00 48.81
CA ARG B 396 39.73 -34.99 49.60
C ARG B 396 40.06 -33.57 49.17
N ILE B 397 41.20 -33.37 48.50
CA ILE B 397 41.54 -32.04 47.99
C ILE B 397 40.55 -31.62 46.92
N GLY B 398 40.05 -32.57 46.13
CA GLY B 398 39.03 -32.25 45.15
C GLY B 398 37.73 -31.78 45.80
N LYS B 399 37.33 -32.46 46.88
CA LYS B 399 36.14 -32.02 47.61
C LYS B 399 36.37 -30.66 48.25
N ASP B 400 37.58 -30.41 48.75
CA ASP B 400 37.89 -29.10 49.33
C ASP B 400 38.02 -28.01 48.27
N SER B 401 38.15 -28.39 46.99
CA SER B 401 38.24 -27.42 45.92
C SER B 401 36.93 -26.70 45.63
N ASN B 402 35.84 -27.07 46.32
CA ASN B 402 34.55 -26.38 46.19
C ASN B 402 34.03 -26.42 44.76
N TYR B 403 34.10 -27.59 44.13
CA TYR B 403 33.57 -27.74 42.78
C TYR B 403 32.05 -27.82 42.82
N GLU B 404 31.42 -27.37 41.73
CA GLU B 404 29.97 -27.38 41.62
C GLU B 404 29.57 -27.93 40.25
N GLN B 405 28.53 -28.76 40.24
CA GLN B 405 28.05 -29.34 39.00
C GLN B 405 27.41 -28.27 38.13
N GLU B 406 27.94 -28.08 36.93
CA GLU B 406 27.44 -27.05 36.04
C GLU B 406 26.03 -27.40 35.55
N GLY B 407 25.30 -26.36 35.12
CA GLY B 407 23.97 -26.58 34.60
C GLY B 407 23.96 -27.38 33.30
N LYS B 408 24.99 -27.23 32.48
CA LYS B 408 25.09 -27.98 31.23
C LYS B 408 25.49 -29.43 31.45
N VAL B 409 25.83 -29.82 32.68
CA VAL B 409 26.20 -31.21 32.95
C VAL B 409 25.01 -32.13 32.77
N GLN B 410 23.84 -31.73 33.29
CA GLN B 410 22.63 -32.52 33.12
C GLN B 410 22.07 -32.45 31.72
N PHE B 411 22.67 -31.66 30.84
CA PHE B 411 22.22 -31.55 29.46
C PHE B 411 22.91 -32.53 28.53
N VAL B 412 23.89 -33.30 29.03
CA VAL B 412 24.47 -34.40 28.26
C VAL B 412 23.88 -35.74 28.66
N ILE B 413 23.25 -35.83 29.84
CA ILE B 413 22.66 -37.09 30.27
C ILE B 413 21.32 -37.31 29.58
N ASP B 414 20.49 -36.26 29.48
CA ASP B 414 19.20 -36.40 28.83
C ASP B 414 19.35 -36.68 27.34
N ALA B 415 20.42 -36.19 26.71
CA ALA B 415 20.65 -36.48 25.31
C ALA B 415 20.95 -37.96 25.08
N VAL B 416 21.84 -38.51 25.90
CA VAL B 416 22.15 -39.94 25.80
C VAL B 416 20.92 -40.78 26.12
N TYR B 417 20.12 -40.33 27.09
CA TYR B 417 18.89 -41.05 27.43
C TYR B 417 17.90 -41.00 26.28
N ALA B 418 17.81 -39.86 25.58
CA ALA B 418 16.91 -39.75 24.45
C ALA B 418 17.35 -40.65 23.30
N MET B 419 18.66 -40.70 23.03
CA MET B 419 19.13 -41.61 21.99
C MET B 419 18.93 -43.07 22.39
N ALA B 420 19.09 -43.39 23.67
CA ALA B 420 18.82 -44.76 24.12
C ALA B 420 17.34 -45.10 23.97
N HIS B 421 16.46 -44.15 24.24
CA HIS B 421 15.03 -44.39 24.05
C HIS B 421 14.68 -44.52 22.57
N ALA B 422 15.36 -43.78 21.70
CA ALA B 422 15.16 -43.96 20.27
C ALA B 422 15.60 -45.34 19.81
N LEU B 423 16.75 -45.81 20.33
CA LEU B 423 17.20 -47.16 20.00
C LEU B 423 16.25 -48.21 20.54
N HIS B 424 15.67 -47.96 21.73
CA HIS B 424 14.69 -48.88 22.29
C HIS B 424 13.43 -48.93 21.43
N HIS B 425 12.98 -47.77 20.93
CA HIS B 425 11.85 -47.76 20.01
C HIS B 425 12.18 -48.51 18.73
N MET B 426 13.41 -48.35 18.22
CA MET B 426 13.85 -49.11 17.06
C MET B 426 13.75 -50.61 17.32
N ASN B 427 14.26 -51.06 18.48
CA ASN B 427 14.23 -52.48 18.80
C ASN B 427 12.80 -52.98 18.94
N LYS B 428 11.93 -52.18 19.56
CA LYS B 428 10.56 -52.61 19.77
C LYS B 428 9.76 -52.65 18.48
N ASP B 429 10.08 -51.78 17.52
CA ASP B 429 9.31 -51.71 16.28
C ASP B 429 9.91 -52.56 15.16
N LEU B 430 11.15 -53.01 15.29
CA LEU B 430 11.81 -53.75 14.23
C LEU B 430 12.16 -55.18 14.62
N CYS B 431 12.85 -55.37 15.75
CA CYS B 431 13.36 -56.68 16.14
C CYS B 431 13.03 -56.98 17.60
N ALA B 432 11.77 -56.77 17.97
CA ALA B 432 11.33 -57.03 19.34
C ALA B 432 11.31 -58.51 19.70
N ASP B 433 11.58 -59.40 18.76
CA ASP B 433 11.56 -60.84 19.00
C ASP B 433 12.94 -61.46 18.77
N TYR B 434 13.98 -60.80 19.27
CA TYR B 434 15.34 -61.29 19.14
C TYR B 434 15.99 -61.36 20.52
N ARG B 435 17.00 -62.23 20.63
CA ARG B 435 17.66 -62.43 21.91
C ARG B 435 18.51 -61.22 22.29
N GLY B 436 19.27 -60.69 21.35
CA GLY B 436 20.10 -59.52 21.61
C GLY B 436 19.92 -58.42 20.59
N VAL B 437 21.01 -57.89 20.06
CA VAL B 437 20.94 -56.85 19.05
C VAL B 437 20.66 -57.48 17.70
N CYS B 438 19.76 -56.87 16.94
CA CYS B 438 19.38 -57.44 15.65
C CYS B 438 20.28 -56.91 14.53
N PRO B 439 20.50 -57.72 13.49
CA PRO B 439 21.30 -57.25 12.35
C PRO B 439 20.64 -56.14 11.54
N GLU B 440 19.39 -55.80 11.84
CA GLU B 440 18.69 -54.74 11.12
C GLU B 440 19.17 -53.35 11.48
N MET B 441 20.20 -53.22 12.32
CA MET B 441 20.73 -51.92 12.68
C MET B 441 21.88 -51.47 11.79
N GLU B 442 22.68 -52.41 11.28
CA GLU B 442 23.79 -52.05 10.41
C GLU B 442 23.28 -51.64 9.03
N GLN B 443 22.25 -52.32 8.53
CA GLN B 443 21.69 -52.03 7.21
C GLN B 443 20.63 -50.94 7.24
N ALA B 444 20.32 -50.38 8.42
CA ALA B 444 19.32 -49.34 8.53
C ALA B 444 19.91 -47.99 8.12
N GLY B 445 19.09 -46.95 8.25
CA GLY B 445 19.50 -45.60 7.90
C GLY B 445 19.31 -44.64 9.06
N GLY B 446 19.69 -43.39 8.82
CA GLY B 446 19.58 -42.36 9.83
C GLY B 446 18.24 -41.65 9.82
N LYS B 447 17.48 -41.80 8.74
CA LYS B 447 16.18 -41.15 8.65
C LYS B 447 15.22 -41.66 9.72
N LYS B 448 15.15 -42.99 9.87
CA LYS B 448 14.30 -43.57 10.91
C LYS B 448 14.77 -43.16 12.30
N LEU B 449 16.09 -43.04 12.51
CA LEU B 449 16.59 -42.60 13.80
C LEU B 449 16.19 -41.16 14.08
N LEU B 450 16.25 -40.28 13.08
CA LEU B 450 15.78 -38.92 13.27
C LEU B 450 14.29 -38.88 13.57
N LYS B 451 13.51 -39.69 12.85
CA LYS B 451 12.06 -39.72 13.09
C LYS B 451 11.74 -40.21 14.50
N TYR B 452 12.52 -41.18 15.00
CA TYR B 452 12.28 -41.69 16.34
C TYR B 452 12.78 -40.71 17.41
N ILE B 453 13.82 -39.93 17.10
CA ILE B 453 14.30 -38.94 18.04
C ILE B 453 13.34 -37.76 18.13
N ARG B 454 12.67 -37.44 17.03
CA ARG B 454 11.78 -36.29 17.01
C ARG B 454 10.61 -36.48 17.98
N ASN B 455 9.99 -37.66 17.96
CA ASN B 455 8.84 -37.93 18.83
C ASN B 455 9.31 -38.59 20.12
N VAL B 456 10.04 -37.80 20.91
CA VAL B 456 10.56 -38.23 22.20
C VAL B 456 10.00 -37.29 23.27
N ASN B 457 9.24 -37.85 24.21
CA ASN B 457 8.57 -37.07 25.24
C ASN B 457 8.70 -37.74 26.60
N PHE B 458 9.90 -38.20 26.92
CA PHE B 458 10.16 -38.86 28.20
C PHE B 458 10.71 -37.87 29.22
N ASN B 459 10.72 -38.30 30.48
CA ASN B 459 11.24 -37.50 31.58
C ASN B 459 12.72 -37.81 31.77
N GLY B 460 13.57 -36.79 31.67
CA GLY B 460 15.01 -36.99 31.70
C GLY B 460 15.57 -37.29 33.07
N SER B 461 16.81 -36.85 33.32
CA SER B 461 17.46 -37.14 34.58
C SER B 461 16.76 -36.48 35.75
N ALA B 462 16.35 -35.21 35.60
CA ALA B 462 15.66 -34.50 36.64
C ALA B 462 14.15 -34.71 36.49
N GLY B 463 13.36 -33.99 37.29
CA GLY B 463 11.92 -34.10 37.22
C GLY B 463 11.28 -33.42 36.03
N THR B 464 12.05 -32.71 35.22
CA THR B 464 11.51 -32.01 34.06
C THR B 464 11.58 -32.91 32.82
N PRO B 465 10.53 -32.92 32.01
CA PRO B 465 10.55 -33.72 30.78
C PRO B 465 11.33 -33.02 29.67
N VAL B 466 11.88 -33.84 28.77
CA VAL B 466 12.64 -33.35 27.63
C VAL B 466 11.94 -33.81 26.35
N MET B 467 11.84 -32.90 25.39
CA MET B 467 11.20 -33.20 24.12
C MET B 467 11.84 -32.37 23.02
N PHE B 468 11.59 -32.76 21.79
CA PHE B 468 12.15 -32.10 20.61
C PHE B 468 11.01 -31.64 19.69
N ASN B 469 11.15 -30.44 19.15
CA ASN B 469 10.16 -29.90 18.22
C ASN B 469 10.43 -30.44 16.82
N LYS B 470 9.76 -29.86 15.82
CA LYS B 470 9.94 -30.32 14.44
C LYS B 470 11.33 -29.96 13.92
N ASN B 471 11.90 -28.84 14.39
CA ASN B 471 13.21 -28.41 13.96
C ASN B 471 14.34 -28.99 14.80
N GLY B 472 14.04 -29.91 15.71
CA GLY B 472 15.06 -30.49 16.56
C GLY B 472 15.50 -29.62 17.70
N ASP B 473 14.62 -28.76 18.22
CA ASP B 473 14.94 -27.87 19.31
C ASP B 473 14.03 -28.18 20.50
N ALA B 474 14.61 -28.20 21.69
CA ALA B 474 13.83 -28.45 22.89
C ALA B 474 13.08 -27.20 23.31
N PRO B 475 11.88 -27.34 23.87
CA PRO B 475 11.13 -26.16 24.33
C PRO B 475 11.86 -25.44 25.44
N GLY B 476 11.75 -24.12 25.45
CA GLY B 476 12.44 -23.31 26.43
C GLY B 476 11.79 -23.33 27.79
N ARG B 477 12.50 -23.84 28.79
CA ARG B 477 12.03 -23.86 30.17
C ARG B 477 12.94 -22.92 30.96
N TYR B 478 12.56 -21.63 30.96
CA TYR B 478 13.36 -20.58 31.57
C TYR B 478 12.77 -20.16 32.91
N ASP B 479 13.63 -19.61 33.77
CA ASP B 479 13.25 -19.10 35.07
C ASP B 479 13.51 -17.60 35.11
N ILE B 480 12.55 -16.84 35.61
CA ILE B 480 12.63 -15.38 35.63
C ILE B 480 13.23 -14.94 36.96
N PHE B 481 14.36 -14.23 36.89
CA PHE B 481 15.07 -13.76 38.07
C PHE B 481 15.01 -12.24 38.12
N GLN B 482 14.66 -11.70 39.28
CA GLN B 482 14.65 -10.26 39.51
C GLN B 482 15.39 -9.96 40.81
N TYR B 483 16.23 -8.91 40.77
CA TYR B 483 16.97 -8.47 41.94
C TYR B 483 16.11 -7.52 42.76
N GLN B 484 16.07 -7.74 44.07
CA GLN B 484 15.31 -6.88 44.97
C GLN B 484 16.12 -6.66 46.25
N THR B 485 16.09 -5.42 46.75
CA THR B 485 16.83 -5.05 47.95
C THR B 485 15.93 -4.46 49.03
N THR B 486 14.67 -4.16 48.73
CA THR B 486 13.79 -3.55 49.73
C THR B 486 13.26 -4.60 50.71
N ASN B 487 12.85 -5.76 50.22
CA ASN B 487 12.27 -6.77 51.10
C ASN B 487 13.34 -7.51 51.90
N THR B 488 14.51 -7.72 51.32
CA THR B 488 15.61 -8.41 51.99
C THR B 488 16.90 -7.61 51.82
N SER B 489 17.77 -7.69 52.82
CA SER B 489 19.02 -6.96 52.79
C SER B 489 20.13 -7.71 52.05
N ASN B 490 20.16 -9.03 52.17
CA ASN B 490 21.19 -9.80 51.49
C ASN B 490 20.95 -9.79 49.98
N PRO B 491 22.02 -9.92 49.19
CA PRO B 491 21.84 -9.98 47.73
C PRO B 491 21.12 -11.26 47.33
N GLY B 492 20.05 -11.10 46.56
CA GLY B 492 19.23 -12.23 46.16
C GLY B 492 18.66 -12.07 44.77
N TYR B 493 18.27 -13.20 44.20
CA TYR B 493 17.64 -13.30 42.88
C TYR B 493 16.34 -14.09 42.99
N ARG B 494 15.48 -13.69 43.92
CA ARG B 494 14.25 -14.42 44.20
C ARG B 494 13.45 -14.67 42.94
N LEU B 495 13.09 -15.94 42.73
CA LEU B 495 12.40 -16.35 41.52
C LEU B 495 11.01 -15.76 41.46
N ILE B 496 10.60 -15.35 40.25
CA ILE B 496 9.26 -14.81 40.04
C ILE B 496 8.35 -15.94 39.56
N GLY B 497 8.69 -16.55 38.43
CA GLY B 497 7.88 -17.63 37.89
C GLY B 497 8.64 -18.41 36.85
N GLN B 498 7.99 -19.47 36.37
CA GLN B 498 8.55 -20.37 35.37
C GLN B 498 8.00 -20.03 33.99
N TRP B 499 8.82 -20.24 32.97
CA TRP B 499 8.45 -20.03 31.57
C TRP B 499 8.71 -21.32 30.80
N THR B 500 7.70 -22.18 30.70
CA THR B 500 7.77 -23.37 29.87
C THR B 500 7.02 -23.16 28.55
N ASP B 501 5.73 -22.85 28.63
CA ASP B 501 4.94 -22.49 27.46
C ASP B 501 4.09 -21.25 27.66
N GLU B 502 3.80 -20.86 28.90
CA GLU B 502 3.04 -19.64 29.17
C GLU B 502 3.72 -18.85 30.28
N LEU B 503 3.05 -17.81 30.78
CA LEU B 503 3.60 -16.95 31.83
C LEU B 503 2.86 -17.23 33.13
N GLN B 504 3.55 -17.93 34.05
CA GLN B 504 3.03 -18.19 35.40
C GLN B 504 4.00 -17.53 36.38
N LEU B 505 3.79 -16.25 36.65
CA LEU B 505 4.67 -15.47 37.51
C LEU B 505 3.83 -14.72 38.54
N ASN B 506 4.51 -13.96 39.39
CA ASN B 506 3.86 -13.18 40.44
C ASN B 506 3.97 -11.71 40.08
N ILE B 507 2.84 -11.09 39.73
CA ILE B 507 2.83 -9.67 39.40
C ILE B 507 3.14 -8.83 40.63
N GLU B 508 2.58 -9.22 41.78
CA GLU B 508 2.78 -8.50 43.03
C GLU B 508 4.00 -9.00 43.80
N ASP B 509 4.98 -9.58 43.11
CA ASP B 509 6.18 -10.06 43.80
C ASP B 509 7.01 -8.89 44.35
N MET B 510 7.01 -7.76 43.66
CA MET B 510 7.74 -6.59 44.14
C MET B 510 7.05 -6.02 45.37
N GLN B 511 7.86 -5.38 46.23
CA GLN B 511 7.31 -4.81 47.46
C GLN B 511 6.40 -3.62 47.17
N TRP B 512 6.81 -2.74 46.25
CA TRP B 512 6.00 -1.58 45.92
C TRP B 512 4.78 -1.99 45.12
N GLY B 513 5.00 -2.52 43.91
CA GLY B 513 3.92 -3.03 43.07
C GLY B 513 2.82 -2.04 42.75
N LYS B 514 3.05 -0.74 42.97
CA LYS B 514 2.01 0.24 42.73
C LYS B 514 1.93 0.63 41.25
N GLY B 515 3.01 1.20 40.71
CA GLY B 515 3.04 1.59 39.32
C GLY B 515 4.39 1.42 38.67
N VAL B 516 5.32 0.77 39.38
CA VAL B 516 6.67 0.62 38.86
C VAL B 516 6.74 -0.28 37.64
N ARG B 517 5.72 -1.11 37.41
CA ARG B 517 5.64 -1.96 36.23
C ARG B 517 4.88 -1.29 35.09
N GLU B 518 4.52 -0.02 35.23
CA GLU B 518 3.79 0.71 34.20
C GLU B 518 4.43 2.04 33.86
N ILE B 519 5.49 2.44 34.55
CA ILE B 519 6.16 3.72 34.29
C ILE B 519 6.85 3.79 32.93
N PRO B 520 7.35 2.72 32.33
CA PRO B 520 7.90 2.85 30.98
C PRO B 520 6.92 2.53 29.85
N ALA B 521 5.67 2.23 30.18
CA ALA B 521 4.64 2.00 29.17
C ALA B 521 4.11 3.33 28.69
N SER B 522 4.52 3.74 27.48
CA SER B 522 4.14 5.05 26.95
C SER B 522 3.88 4.91 25.45
N VAL B 523 3.52 6.03 24.84
CA VAL B 523 3.21 6.10 23.41
C VAL B 523 4.19 7.08 22.77
N CYS B 524 5.41 7.11 23.32
CA CYS B 524 6.50 8.04 23.01
C CYS B 524 6.24 9.41 23.63
N THR B 525 5.11 9.60 24.31
CA THR B 525 4.79 10.83 25.02
C THR B 525 3.91 10.47 26.21
N LEU B 526 3.28 11.48 26.79
CA LEU B 526 2.34 11.23 27.88
C LEU B 526 1.11 10.50 27.33
N PRO B 527 0.53 9.59 28.12
CA PRO B 527 -0.67 8.88 27.65
C PRO B 527 -1.82 9.84 27.45
N CYS B 528 -2.35 9.88 26.23
CA CYS B 528 -3.38 10.83 25.83
C CYS B 528 -4.58 10.05 25.29
N LYS B 529 -5.55 9.78 26.18
CA LYS B 529 -6.81 9.14 25.78
C LYS B 529 -7.93 9.66 26.67
N PRO B 530 -8.28 10.93 26.54
CA PRO B 530 -9.41 11.49 27.31
C PRO B 530 -10.75 11.48 26.59
N GLY B 531 -10.82 10.90 25.40
CA GLY B 531 -12.03 10.88 24.61
C GLY B 531 -11.99 11.75 23.38
N GLN B 532 -10.97 12.59 23.21
CA GLN B 532 -10.83 13.46 22.05
C GLN B 532 -9.36 13.46 21.62
N ARG B 533 -9.02 12.55 20.70
CA ARG B 533 -7.67 12.45 20.19
C ARG B 533 -7.73 12.10 18.71
N LYS B 534 -6.56 11.94 18.10
CA LYS B 534 -6.45 11.55 16.70
C LYS B 534 -5.11 10.85 16.51
N LYS B 535 -5.15 9.54 16.32
CA LYS B 535 -3.93 8.73 16.21
C LYS B 535 -3.38 8.83 14.79
N THR B 536 -2.45 9.77 14.60
CA THR B 536 -1.79 9.96 13.32
C THR B 536 -0.32 9.54 13.47
N GLN B 537 0.07 8.48 12.79
CA GLN B 537 1.42 7.93 12.87
C GLN B 537 2.15 8.25 11.57
N LYS B 538 3.30 8.92 11.69
CA LYS B 538 4.11 9.29 10.54
C LYS B 538 5.58 9.20 10.94
N GLY B 539 6.31 8.28 10.31
CA GLY B 539 7.73 8.13 10.58
C GLY B 539 8.03 7.37 11.85
N THR B 540 7.61 7.91 12.98
CA THR B 540 7.88 7.26 14.26
C THR B 540 7.04 5.99 14.38
N PRO B 541 7.63 4.88 14.83
CA PRO B 541 6.88 3.64 14.96
C PRO B 541 6.13 3.53 16.27
N CYS B 542 4.98 2.83 16.21
CA CYS B 542 4.16 2.50 17.37
C CYS B 542 3.80 3.72 18.22
N CYS B 543 3.87 4.92 17.65
CA CYS B 543 3.66 6.14 18.42
C CYS B 543 2.94 7.15 17.54
N TRP B 544 2.25 8.08 18.19
CA TRP B 544 1.57 9.17 17.49
C TRP B 544 1.58 10.40 18.38
N THR B 545 1.65 11.57 17.75
CA THR B 545 1.67 12.83 18.50
C THR B 545 0.29 13.08 19.11
N CYS B 546 0.28 13.45 20.39
CA CYS B 546 -0.98 13.72 21.08
C CYS B 546 -1.58 15.05 20.62
N GLU B 547 -2.38 14.99 19.56
CA GLU B 547 -3.00 16.18 19.01
C GLU B 547 -4.47 15.91 18.71
N PRO B 548 -5.34 16.87 19.00
CA PRO B 548 -6.76 16.70 18.72
C PRO B 548 -7.12 17.11 17.30
N CYS B 549 -8.32 16.69 16.88
CA CYS B 549 -8.82 17.00 15.55
C CYS B 549 -9.65 18.29 15.61
N ASP B 550 -10.28 18.64 14.50
CA ASP B 550 -11.06 19.86 14.41
C ASP B 550 -12.32 19.76 15.28
N GLY B 551 -12.83 20.93 15.67
CA GLY B 551 -14.02 20.97 16.50
C GLY B 551 -15.31 20.67 15.76
N TYR B 552 -15.28 20.69 14.43
CA TYR B 552 -16.45 20.39 13.62
C TYR B 552 -16.57 18.91 13.29
N GLN B 553 -15.61 18.08 13.71
CA GLN B 553 -15.63 16.65 13.45
C GLN B 553 -15.47 15.89 14.75
N TYR B 554 -16.19 14.78 14.88
CA TYR B 554 -16.14 13.93 16.05
C TYR B 554 -15.42 12.63 15.71
N GLN B 555 -14.67 12.11 16.68
CA GLN B 555 -13.90 10.90 16.47
C GLN B 555 -14.81 9.68 16.37
N PHE B 556 -14.29 8.64 15.75
CA PHE B 556 -15.00 7.36 15.59
C PHE B 556 -14.03 6.25 15.95
N ASP B 557 -14.30 5.55 17.06
CA ASP B 557 -13.46 4.46 17.56
C ASP B 557 -12.03 4.92 17.80
N GLU B 558 -11.85 6.19 18.17
CA GLU B 558 -10.56 6.79 18.49
C GLU B 558 -9.58 6.71 17.33
N MET B 559 -10.07 6.51 16.11
CA MET B 559 -9.20 6.40 14.93
C MET B 559 -9.15 7.70 14.13
N THR B 560 -10.31 8.18 13.67
CA THR B 560 -10.36 9.38 12.85
C THR B 560 -11.61 10.18 13.21
N CYS B 561 -11.58 11.47 12.88
CA CYS B 561 -12.69 12.38 13.10
C CYS B 561 -13.33 12.71 11.76
N GLN B 562 -14.64 12.49 11.67
CA GLN B 562 -15.41 12.76 10.46
C GLN B 562 -16.55 13.73 10.79
N HIS B 563 -17.14 14.28 9.74
CA HIS B 563 -18.17 15.31 9.86
C HIS B 563 -19.55 14.67 9.83
N CYS B 564 -20.39 15.04 10.79
CA CYS B 564 -21.77 14.58 10.84
C CYS B 564 -22.65 15.44 9.95
N PRO B 565 -23.87 14.97 9.61
CA PRO B 565 -24.76 15.78 8.75
C PRO B 565 -25.17 17.10 9.38
N TYR B 566 -25.92 17.89 8.63
CA TYR B 566 -26.28 19.24 9.06
C TYR B 566 -27.13 19.20 10.33
N ASP B 567 -27.22 20.36 10.99
CA ASP B 567 -27.95 20.54 12.24
C ASP B 567 -27.39 19.68 13.37
N GLN B 568 -26.18 19.15 13.20
CA GLN B 568 -25.51 18.34 14.22
C GLN B 568 -24.07 18.78 14.35
N ARG B 569 -23.56 18.79 15.58
CA ARG B 569 -22.19 19.19 15.86
C ARG B 569 -21.67 18.34 17.01
N PRO B 570 -20.36 18.09 17.06
CA PRO B 570 -19.81 17.26 18.13
C PRO B 570 -20.03 17.89 19.50
N ASN B 571 -20.11 17.03 20.52
CA ASN B 571 -20.35 17.47 21.89
C ASN B 571 -19.03 17.90 22.52
N GLU B 572 -19.05 18.11 23.84
CA GLU B 572 -17.83 18.53 24.54
C GLU B 572 -16.79 17.43 24.60
N ASN B 573 -17.19 16.16 24.45
CA ASN B 573 -16.25 15.05 24.46
C ASN B 573 -15.73 14.70 23.07
N ARG B 574 -16.28 15.32 22.02
CA ARG B 574 -15.88 15.05 20.63
C ARG B 574 -15.99 13.58 20.29
N THR B 575 -17.06 12.94 20.77
CA THR B 575 -17.31 11.53 20.54
C THR B 575 -18.48 11.26 19.60
N GLY B 576 -19.48 12.15 19.56
CA GLY B 576 -20.61 11.96 18.69
C GLY B 576 -21.52 13.18 18.61
N CYS B 577 -22.05 13.44 17.42
CA CYS B 577 -22.97 14.56 17.20
C CYS B 577 -24.33 14.17 17.77
N GLN B 578 -24.57 14.51 19.03
CA GLN B 578 -25.80 14.16 19.70
C GLN B 578 -26.96 14.99 19.17
N ASP B 579 -28.17 14.57 19.52
CA ASP B 579 -29.39 15.24 19.11
C ASP B 579 -30.09 15.84 20.33
N ILE B 580 -30.60 17.05 20.17
CA ILE B 580 -31.27 17.75 21.27
C ILE B 580 -32.49 18.48 20.72
N PRO B 581 -33.53 18.61 21.54
CA PRO B 581 -34.73 19.32 21.10
C PRO B 581 -34.43 20.79 20.81
N ILE B 582 -35.08 21.32 19.78
CA ILE B 582 -34.83 22.70 19.37
C ILE B 582 -35.46 23.66 20.38
N ILE B 583 -35.05 24.93 20.27
CA ILE B 583 -35.55 25.95 21.18
C ILE B 583 -36.95 26.37 20.74
N LYS B 584 -37.65 27.07 21.65
CA LYS B 584 -38.99 27.56 21.40
C LYS B 584 -39.05 29.06 21.63
N LEU B 585 -39.98 29.71 20.92
CA LEU B 585 -40.16 31.15 21.00
C LEU B 585 -41.30 31.56 21.94
N GLU B 586 -41.72 30.65 22.82
CA GLU B 586 -42.82 30.91 23.74
C GLU B 586 -42.30 31.38 25.08
N TRP B 587 -42.96 32.40 25.63
CA TRP B 587 -42.63 32.95 26.96
C TRP B 587 -41.19 33.42 27.02
N HIS B 588 -40.86 34.41 26.19
CA HIS B 588 -39.56 35.04 26.19
C HIS B 588 -39.64 36.37 26.93
N SER B 589 -38.91 36.46 28.04
CA SER B 589 -38.94 37.62 28.92
C SER B 589 -38.12 38.81 28.42
N PRO B 590 -36.88 38.62 27.94
CA PRO B 590 -36.05 39.81 27.62
C PRO B 590 -36.64 40.73 26.57
N TRP B 591 -37.15 40.20 25.47
CA TRP B 591 -37.59 41.03 24.36
C TRP B 591 -39.04 40.81 23.94
N ALA B 592 -39.56 39.59 24.01
CA ALA B 592 -40.91 39.32 23.53
C ALA B 592 -42.00 39.83 24.47
N VAL B 593 -41.63 40.38 25.63
CA VAL B 593 -42.63 40.84 26.58
C VAL B 593 -43.43 42.00 26.01
N ILE B 594 -42.76 42.95 25.37
CA ILE B 594 -43.43 44.13 24.82
C ILE B 594 -44.38 43.74 23.69
N PRO B 595 -43.97 42.96 22.69
CA PRO B 595 -44.95 42.54 21.67
C PRO B 595 -46.05 41.64 22.22
N VAL B 596 -45.74 40.81 23.23
CA VAL B 596 -46.78 39.98 23.83
C VAL B 596 -47.84 40.87 24.48
N PHE B 597 -47.40 41.89 25.22
CA PHE B 597 -48.36 42.80 25.83
C PHE B 597 -49.12 43.60 24.79
N LEU B 598 -48.45 44.00 23.71
CA LEU B 598 -49.12 44.76 22.66
C LEU B 598 -50.19 43.92 21.98
N ALA B 599 -49.92 42.62 21.80
CA ALA B 599 -50.90 41.74 21.20
C ALA B 599 -52.03 41.40 22.16
N MET B 600 -51.74 41.29 23.45
CA MET B 600 -52.79 40.99 24.43
C MET B 600 -53.68 42.19 24.70
N LEU B 601 -53.16 43.41 24.49
CA LEU B 601 -53.96 44.61 24.72
C LEU B 601 -55.08 44.77 23.70
N GLY B 602 -54.99 44.09 22.55
CA GLY B 602 -56.02 44.21 21.54
C GLY B 602 -57.27 43.38 21.78
N ILE B 603 -57.24 42.49 22.78
CA ILE B 603 -58.40 41.65 23.06
C ILE B 603 -59.57 42.50 23.54
N ILE B 604 -59.30 43.50 24.38
CA ILE B 604 -60.37 44.37 24.87
C ILE B 604 -60.96 45.17 23.73
N ALA B 605 -60.13 45.67 22.83
CA ALA B 605 -60.62 46.44 21.69
C ALA B 605 -61.43 45.56 20.74
N THR B 606 -61.02 44.30 20.57
CA THR B 606 -61.77 43.39 19.70
C THR B 606 -63.10 43.02 20.33
N ILE B 607 -63.14 42.85 21.66
CA ILE B 607 -64.39 42.50 22.32
C ILE B 607 -65.34 43.69 22.34
N PHE B 608 -64.80 44.89 22.48
CA PHE B 608 -65.66 46.08 22.49
C PHE B 608 -66.23 46.36 21.11
N VAL B 609 -65.44 46.15 20.05
CA VAL B 609 -65.92 46.39 18.70
C VAL B 609 -66.94 45.33 18.29
N MET B 610 -66.78 44.10 18.77
CA MET B 610 -67.71 43.03 18.41
C MET B 610 -69.08 43.26 19.04
N ALA B 611 -69.11 43.64 20.32
CA ALA B 611 -70.38 43.90 20.98
C ALA B 611 -71.06 45.15 20.44
N THR B 612 -70.28 46.17 20.07
CA THR B 612 -70.84 47.41 19.54
C THR B 612 -71.27 47.27 18.09
N PHE B 613 -70.75 46.28 17.36
CA PHE B 613 -71.09 46.12 15.96
C PHE B 613 -72.58 45.87 15.77
N ILE B 614 -73.07 44.73 16.27
CA ILE B 614 -74.51 44.42 16.21
C ILE B 614 -75.10 44.94 17.51
N ARG B 615 -75.39 46.25 17.53
CA ARG B 615 -75.97 46.94 18.67
C ARG B 615 -76.22 48.38 18.27
N TYR B 616 -77.11 49.04 19.01
CA TYR B 616 -77.40 50.47 18.84
C TYR B 616 -77.79 50.78 17.39
N ASN B 617 -78.72 49.97 16.87
CA ASN B 617 -79.19 50.17 15.49
C ASN B 617 -80.18 51.32 15.37
N ASP B 618 -80.56 51.96 16.48
CA ASP B 618 -81.53 53.04 16.42
C ASP B 618 -80.88 54.38 16.09
N THR B 619 -79.67 54.62 16.56
CA THR B 619 -79.01 55.90 16.33
C THR B 619 -78.62 56.04 14.86
N PRO B 620 -78.74 57.24 14.29
CA PRO B 620 -78.43 57.42 12.87
C PRO B 620 -76.95 57.52 12.54
N ILE B 621 -76.09 57.73 13.55
CA ILE B 621 -74.66 57.83 13.28
C ILE B 621 -74.12 56.53 12.72
N VAL B 622 -74.47 55.40 13.34
CA VAL B 622 -74.04 54.11 12.82
C VAL B 622 -74.86 53.68 11.60
N ARG B 623 -76.04 54.28 11.40
CA ARG B 623 -76.84 53.95 10.23
C ARG B 623 -76.32 54.62 8.97
N ALA B 624 -75.75 55.83 9.10
CA ALA B 624 -75.18 56.51 7.94
C ALA B 624 -73.97 55.75 7.40
N SER B 625 -73.12 55.25 8.29
CA SER B 625 -71.97 54.47 7.88
C SER B 625 -72.37 53.05 7.51
N GLY B 626 -71.51 52.39 6.74
CA GLY B 626 -71.80 51.02 6.32
C GLY B 626 -71.72 50.07 7.49
N ARG B 627 -72.77 49.25 7.66
CA ARG B 627 -72.78 48.29 8.75
C ARG B 627 -71.76 47.17 8.51
N GLU B 628 -71.58 46.77 7.26
CA GLU B 628 -70.59 45.74 6.94
C GLU B 628 -69.17 46.26 7.00
N LEU B 629 -68.97 47.57 6.90
CA LEU B 629 -67.61 48.12 6.95
C LEU B 629 -67.00 47.94 8.33
N SER B 630 -67.77 48.24 9.38
CA SER B 630 -67.27 48.06 10.74
C SER B 630 -67.01 46.59 11.04
N TYR B 631 -67.91 45.71 10.58
CA TYR B 631 -67.71 44.28 10.79
C TYR B 631 -66.48 43.79 10.03
N VAL B 632 -66.26 44.30 8.81
CA VAL B 632 -65.07 43.92 8.04
C VAL B 632 -63.81 44.40 8.74
N LEU B 633 -63.83 45.61 9.27
CA LEU B 633 -62.67 46.13 9.99
C LEU B 633 -62.39 45.31 11.25
N LEU B 634 -63.44 44.94 11.98
CA LEU B 634 -63.25 44.12 13.17
C LEU B 634 -62.70 42.75 12.82
N THR B 635 -63.20 42.15 11.73
CA THR B 635 -62.68 40.85 11.30
C THR B 635 -61.23 40.94 10.87
N GLY B 636 -60.87 42.03 10.17
CA GLY B 636 -59.48 42.22 9.79
C GLY B 636 -58.56 42.40 10.98
N ILE B 637 -59.03 43.17 11.99
CA ILE B 637 -58.22 43.36 13.19
C ILE B 637 -58.05 42.05 13.93
N PHE B 638 -59.12 41.25 14.01
CA PHE B 638 -59.03 39.95 14.68
C PHE B 638 -58.08 39.01 13.93
N LEU B 639 -58.14 39.01 12.59
CA LEU B 639 -57.23 38.18 11.82
C LEU B 639 -55.78 38.62 11.99
N CYS B 640 -55.54 39.93 12.04
CA CYS B 640 -54.18 40.43 12.26
C CYS B 640 -53.69 40.04 13.65
N TYR B 641 -54.55 40.12 14.66
CA TYR B 641 -54.15 39.72 16.00
C TYR B 641 -53.85 38.22 16.06
N ILE B 642 -54.67 37.42 15.38
CA ILE B 642 -54.43 35.97 15.36
C ILE B 642 -53.13 35.64 14.64
N ILE B 643 -52.83 36.37 13.56
CA ILE B 643 -51.58 36.14 12.83
C ILE B 643 -50.38 36.55 13.68
N THR B 644 -50.52 37.64 14.43
CA THR B 644 -49.43 38.07 15.31
C THR B 644 -49.22 37.08 16.44
N PHE B 645 -50.30 36.52 16.99
CA PHE B 645 -50.18 35.56 18.08
C PHE B 645 -49.76 34.18 17.60
N LEU B 646 -49.92 33.88 16.32
CA LEU B 646 -49.54 32.57 15.80
C LEU B 646 -48.04 32.37 15.75
N MET B 647 -47.26 33.46 15.75
CA MET B 647 -45.81 33.33 15.71
C MET B 647 -45.23 32.77 17.00
N ILE B 648 -45.99 32.81 18.09
CA ILE B 648 -45.49 32.28 19.37
C ILE B 648 -45.42 30.76 19.33
N ALA B 649 -46.40 30.12 18.68
CA ALA B 649 -46.42 28.67 18.61
C ALA B 649 -45.32 28.17 17.68
N LYS B 650 -44.79 26.99 18.00
CA LYS B 650 -43.74 26.40 17.20
C LYS B 650 -44.32 25.83 15.91
N PRO B 651 -43.84 26.23 14.74
CA PRO B 651 -44.39 25.68 13.48
C PRO B 651 -44.05 24.21 13.32
N ASP B 652 -44.97 23.50 12.68
CA ASP B 652 -44.79 22.07 12.40
C ASP B 652 -45.33 21.80 11.00
N VAL B 653 -45.52 20.52 10.68
CA VAL B 653 -46.00 20.14 9.36
C VAL B 653 -47.46 20.57 9.17
N ALA B 654 -48.27 20.42 10.20
CA ALA B 654 -49.70 20.72 10.11
C ALA B 654 -50.05 22.14 10.54
N VAL B 655 -49.13 22.86 11.19
CA VAL B 655 -49.45 24.20 11.66
C VAL B 655 -49.46 25.19 10.50
N CYS B 656 -48.36 25.25 9.74
CA CYS B 656 -48.29 26.17 8.61
C CYS B 656 -49.08 25.69 7.40
N SER B 657 -49.70 24.51 7.48
CA SER B 657 -50.63 24.11 6.43
C SER B 657 -51.85 25.01 6.41
N PHE B 658 -52.19 25.62 7.56
CA PHE B 658 -53.25 26.61 7.64
C PHE B 658 -52.77 27.98 8.10
N ARG B 659 -51.60 28.08 8.72
CA ARG B 659 -51.06 29.36 9.14
C ARG B 659 -50.37 30.13 8.02
N ARG B 660 -50.15 29.50 6.87
CA ARG B 660 -49.49 30.18 5.76
C ARG B 660 -50.41 31.17 5.06
N VAL B 661 -51.72 31.09 5.30
CA VAL B 661 -52.68 31.99 4.69
C VAL B 661 -53.38 32.89 5.70
N PHE B 662 -53.13 32.71 7.00
CA PHE B 662 -53.78 33.55 8.00
C PHE B 662 -53.16 34.95 8.04
N LEU B 663 -51.87 35.05 7.76
CA LEU B 663 -51.22 36.36 7.80
C LEU B 663 -51.62 37.22 6.62
N GLY B 664 -51.71 36.63 5.43
CA GLY B 664 -52.06 37.40 4.25
C GLY B 664 -53.51 37.85 4.23
N LEU B 665 -54.40 37.06 4.83
CA LEU B 665 -55.82 37.41 4.81
C LEU B 665 -56.13 38.58 5.74
N GLY B 666 -55.30 38.77 6.78
CA GLY B 666 -55.58 39.85 7.73
C GLY B 666 -55.27 41.22 7.16
N MET B 667 -54.20 41.33 6.37
CA MET B 667 -53.81 42.63 5.84
C MET B 667 -54.78 43.11 4.77
N CYS B 668 -55.27 42.19 3.93
CA CYS B 668 -56.16 42.57 2.85
C CYS B 668 -57.57 42.89 3.33
N ILE B 669 -57.97 42.34 4.49
CA ILE B 669 -59.33 42.58 4.99
C ILE B 669 -59.45 44.00 5.54
N SER B 670 -58.37 44.55 6.10
CA SER B 670 -58.44 45.89 6.67
C SER B 670 -58.54 46.96 5.61
N TYR B 671 -57.85 46.77 4.48
CA TYR B 671 -57.87 47.77 3.42
C TYR B 671 -59.19 47.78 2.65
N ALA B 672 -60.00 46.74 2.77
CA ALA B 672 -61.26 46.68 2.03
C ALA B 672 -62.26 47.72 2.55
N ALA B 673 -62.31 47.91 3.87
CA ALA B 673 -63.24 48.88 4.43
C ALA B 673 -62.90 50.29 4.00
N LEU B 674 -61.60 50.63 3.97
CA LEU B 674 -61.19 51.96 3.53
C LEU B 674 -61.52 52.18 2.06
N LEU B 675 -61.29 51.17 1.23
CA LEU B 675 -61.63 51.27 -0.19
C LEU B 675 -63.13 51.46 -0.37
N THR B 676 -63.93 50.72 0.40
CA THR B 676 -65.39 50.88 0.32
C THR B 676 -65.81 52.27 0.75
N LYS B 677 -65.17 52.81 1.79
CA LYS B 677 -65.51 54.16 2.25
C LYS B 677 -65.17 55.20 1.19
N THR B 678 -64.00 55.07 0.55
CA THR B 678 -63.64 56.00 -0.51
C THR B 678 -64.58 55.88 -1.69
N ASN B 679 -64.96 54.65 -2.06
CA ASN B 679 -65.92 54.47 -3.15
C ASN B 679 -67.27 55.12 -2.82
N ARG B 680 -67.72 54.98 -1.57
CA ARG B 680 -69.01 55.55 -1.18
C ARG B 680 -68.94 57.08 -1.20
N ILE B 681 -67.88 57.67 -0.64
CA ILE B 681 -67.78 59.12 -0.61
C ILE B 681 -67.52 59.70 -2.00
N TYR B 682 -66.98 58.89 -2.92
CA TYR B 682 -66.82 59.36 -4.29
C TYR B 682 -68.13 59.26 -5.07
N ARG B 683 -68.93 58.22 -4.80
CA ARG B 683 -70.25 58.14 -5.42
C ARG B 683 -71.18 59.23 -4.90
N ILE B 684 -71.05 59.59 -3.62
CA ILE B 684 -71.87 60.65 -3.06
C ILE B 684 -71.40 62.04 -3.51
N PHE B 685 -70.14 62.18 -3.91
CA PHE B 685 -69.59 63.46 -4.35
C PHE B 685 -69.60 63.48 -5.87
N GLU B 686 -70.60 64.14 -6.44
CA GLU B 686 -70.74 64.26 -7.89
C GLU B 686 -71.21 65.67 -8.21
N GLN B 687 -71.57 65.88 -9.49
CA GLN B 687 -72.04 67.18 -9.93
C GLN B 687 -73.50 67.11 -10.37
N SER B 699 -73.49 52.09 -2.00
CA SER B 699 -73.69 50.73 -2.46
C SER B 699 -72.89 49.74 -1.63
N PRO B 700 -73.42 49.35 -0.47
CA PRO B 700 -72.70 48.40 0.38
C PRO B 700 -72.67 47.00 -0.18
N THR B 701 -73.64 46.63 -1.01
CA THR B 701 -73.65 45.28 -1.58
C THR B 701 -72.52 45.07 -2.56
N SER B 702 -72.27 46.05 -3.45
CA SER B 702 -71.17 45.93 -4.38
C SER B 702 -69.82 46.04 -3.69
N GLN B 703 -69.76 46.80 -2.59
CA GLN B 703 -68.51 46.89 -1.84
C GLN B 703 -68.14 45.54 -1.22
N LEU B 704 -69.13 44.81 -0.70
CA LEU B 704 -68.86 43.49 -0.15
C LEU B 704 -68.38 42.53 -1.24
N ALA B 705 -68.99 42.61 -2.42
CA ALA B 705 -68.53 41.76 -3.53
C ALA B 705 -67.11 42.11 -3.96
N ILE B 706 -66.78 43.40 -3.98
CA ILE B 706 -65.42 43.81 -4.33
C ILE B 706 -64.43 43.32 -3.28
N THR B 707 -64.81 43.40 -2.00
CA THR B 707 -63.93 42.91 -0.94
C THR B 707 -63.74 41.40 -1.04
N SER B 708 -64.81 40.67 -1.35
CA SER B 708 -64.69 39.22 -1.51
C SER B 708 -63.83 38.86 -2.70
N SER B 709 -63.94 39.62 -3.79
CA SER B 709 -63.11 39.37 -4.97
C SER B 709 -61.65 39.67 -4.67
N LEU B 710 -61.38 40.74 -3.91
CA LEU B 710 -60.01 41.05 -3.52
C LEU B 710 -59.45 39.97 -2.60
N ILE B 711 -60.29 39.42 -1.71
CA ILE B 711 -59.85 38.32 -0.86
C ILE B 711 -59.71 37.04 -1.68
N SER B 712 -60.59 36.84 -2.65
CA SER B 712 -60.48 35.66 -3.51
C SER B 712 -59.26 35.72 -4.40
N VAL B 713 -58.83 36.93 -4.80
CA VAL B 713 -57.58 37.07 -5.54
C VAL B 713 -56.41 36.68 -4.67
N GLN B 714 -56.50 36.96 -3.36
CA GLN B 714 -55.44 36.55 -2.43
C GLN B 714 -55.55 35.07 -2.08
N LEU B 715 -56.76 34.51 -2.09
CA LEU B 715 -56.92 33.11 -1.72
C LEU B 715 -56.36 32.20 -2.82
N LEU B 716 -56.77 32.43 -4.06
CA LEU B 716 -56.19 31.68 -5.17
C LEU B 716 -54.69 31.90 -5.24
N GLY B 717 -54.23 33.11 -4.90
CA GLY B 717 -52.81 33.39 -4.94
C GLY B 717 -52.02 32.60 -3.91
N VAL B 718 -52.49 32.59 -2.65
CA VAL B 718 -51.78 31.83 -1.64
C VAL B 718 -51.89 30.33 -1.93
N PHE B 719 -53.00 29.89 -2.52
CA PHE B 719 -53.08 28.49 -2.94
C PHE B 719 -52.04 28.17 -4.01
N ILE B 720 -51.84 29.10 -4.95
CA ILE B 720 -50.86 28.87 -6.02
C ILE B 720 -49.45 28.84 -5.45
N TRP B 721 -49.08 29.84 -4.66
CA TRP B 721 -47.74 29.85 -4.08
C TRP B 721 -47.56 28.81 -2.98
N PHE B 722 -48.63 28.13 -2.55
CA PHE B 722 -48.50 27.02 -1.62
C PHE B 722 -48.39 25.68 -2.34
N ILE B 723 -49.00 25.56 -3.51
CA ILE B 723 -48.95 24.31 -4.27
C ILE B 723 -47.58 24.16 -4.92
N VAL B 724 -46.71 25.14 -4.75
CA VAL B 724 -45.38 25.08 -5.34
C VAL B 724 -44.52 24.04 -4.63
N ASP B 725 -44.54 24.03 -3.30
CA ASP B 725 -43.78 23.09 -2.50
C ASP B 725 -44.62 22.61 -1.33
N PRO B 726 -44.44 21.35 -0.91
CA PRO B 726 -45.23 20.85 0.22
C PRO B 726 -44.84 21.57 1.50
N PRO B 727 -45.77 21.70 2.45
CA PRO B 727 -45.45 22.38 3.71
C PRO B 727 -44.50 21.53 4.56
N ASN B 728 -43.29 22.05 4.76
CA ASN B 728 -42.26 21.35 5.52
C ASN B 728 -41.59 22.33 6.47
N ILE B 729 -40.62 21.83 7.22
CA ILE B 729 -39.84 22.63 8.16
C ILE B 729 -38.45 22.84 7.57
N ILE B 730 -37.90 24.03 7.78
CA ILE B 730 -36.58 24.37 7.26
C ILE B 730 -35.55 24.10 8.35
N ILE B 731 -34.33 23.79 7.94
CA ILE B 731 -33.25 23.55 8.89
C ILE B 731 -32.71 24.89 9.39
N ASP B 732 -31.92 24.81 10.47
CA ASP B 732 -31.31 26.01 11.03
C ASP B 732 -30.25 26.57 10.09
N TYR B 733 -30.12 27.89 10.09
CA TYR B 733 -29.16 28.60 9.24
C TYR B 733 -28.19 29.35 10.14
N ASP B 734 -26.96 28.84 10.23
CA ASP B 734 -25.93 29.45 11.07
C ASP B 734 -24.57 28.97 10.59
N GLU B 735 -23.55 29.77 10.90
CA GLU B 735 -22.17 29.46 10.53
C GLU B 735 -21.24 29.78 11.69
N HIS B 736 -21.65 29.44 12.90
CA HIS B 736 -20.88 29.70 14.10
C HIS B 736 -20.16 28.43 14.55
N LYS B 737 -19.25 28.61 15.51
CA LYS B 737 -18.45 27.50 16.02
C LYS B 737 -19.26 26.68 17.03
N THR B 738 -18.64 25.63 17.55
CA THR B 738 -19.27 24.73 18.50
C THR B 738 -18.75 25.01 19.90
N MET B 739 -19.67 25.22 20.84
CA MET B 739 -19.36 25.46 22.24
C MET B 739 -19.87 24.30 23.10
N ASN B 740 -19.70 24.44 24.41
CA ASN B 740 -20.11 23.38 25.32
C ASN B 740 -21.61 23.09 25.28
N PRO B 741 -22.51 24.09 25.28
CA PRO B 741 -23.94 23.77 25.09
C PRO B 741 -24.23 23.38 23.65
N GLU B 742 -24.04 22.10 23.33
CA GLU B 742 -24.25 21.60 21.97
C GLU B 742 -25.61 21.98 21.42
N GLN B 743 -26.62 22.11 22.27
CA GLN B 743 -27.96 22.54 21.86
C GLN B 743 -27.95 24.06 21.74
N ALA B 744 -27.60 24.54 20.55
CA ALA B 744 -27.52 25.97 20.29
C ALA B 744 -28.90 26.52 19.98
N ARG B 745 -28.96 27.79 19.54
CA ARG B 745 -30.22 28.45 19.21
C ARG B 745 -30.69 27.95 17.84
N GLY B 746 -31.36 26.81 17.85
CA GLY B 746 -31.85 26.21 16.62
C GLY B 746 -33.23 26.69 16.24
N VAL B 747 -33.35 27.94 15.80
CA VAL B 747 -34.63 28.48 15.39
C VAL B 747 -35.02 27.88 14.05
N LEU B 748 -36.28 27.47 13.93
CA LEU B 748 -36.80 26.84 12.72
C LEU B 748 -38.19 27.35 12.43
N LYS B 749 -38.58 27.26 11.16
CA LYS B 749 -39.90 27.69 10.70
C LYS B 749 -40.24 26.92 9.44
N CYS B 750 -41.40 27.25 8.86
CA CYS B 750 -41.82 26.65 7.60
C CYS B 750 -41.22 27.44 6.44
N ASP B 751 -41.72 27.19 5.23
CA ASP B 751 -41.17 27.79 4.01
C ASP B 751 -41.62 29.24 3.92
N ILE B 752 -40.95 30.10 4.69
CA ILE B 752 -41.18 31.53 4.69
C ILE B 752 -39.84 32.23 4.57
N THR B 753 -39.67 33.03 3.52
CA THR B 753 -38.43 33.74 3.26
C THR B 753 -38.73 35.21 2.98
N ASP B 754 -37.69 35.96 2.61
CA ASP B 754 -37.86 37.38 2.31
C ASP B 754 -38.67 37.58 1.04
N LEU B 755 -38.41 36.76 0.01
CA LEU B 755 -39.15 36.89 -1.24
C LEU B 755 -40.63 36.56 -1.04
N GLN B 756 -40.92 35.52 -0.27
CA GLN B 756 -42.31 35.17 -0.01
C GLN B 756 -43.02 36.26 0.79
N ILE B 757 -42.34 36.83 1.78
CA ILE B 757 -42.94 37.91 2.57
C ILE B 757 -43.18 39.13 1.70
N ILE B 758 -42.24 39.43 0.79
CA ILE B 758 -42.41 40.58 -0.09
C ILE B 758 -43.57 40.35 -1.05
N CYS B 759 -43.71 39.14 -1.58
CA CYS B 759 -44.82 38.83 -2.47
C CYS B 759 -46.16 38.87 -1.73
N SER B 760 -46.16 38.48 -0.44
CA SER B 760 -47.40 38.53 0.33
C SER B 760 -47.79 39.95 0.68
N LEU B 761 -46.81 40.79 1.00
CA LEU B 761 -47.07 42.18 1.37
C LEU B 761 -47.18 43.12 0.18
N GLY B 762 -46.91 42.64 -1.03
CA GLY B 762 -47.02 43.49 -2.20
C GLY B 762 -48.45 43.92 -2.50
N TYR B 763 -49.42 43.04 -2.20
CA TYR B 763 -50.81 43.39 -2.44
C TYR B 763 -51.28 44.50 -1.51
N SER B 764 -50.77 44.53 -0.28
CA SER B 764 -51.17 45.57 0.66
C SER B 764 -50.54 46.91 0.31
N ILE B 765 -49.40 46.90 -0.39
CA ILE B 765 -48.74 48.14 -0.76
C ILE B 765 -49.60 48.94 -1.74
N LEU B 766 -50.15 48.27 -2.76
CA LEU B 766 -51.01 48.94 -3.72
C LEU B 766 -52.28 49.44 -3.06
N LEU B 767 -52.85 48.65 -2.14
CA LEU B 767 -54.04 49.10 -1.43
C LEU B 767 -53.76 50.33 -0.59
N MET B 768 -52.63 50.35 0.11
CA MET B 768 -52.26 51.52 0.91
C MET B 768 -52.01 52.73 0.01
N VAL B 769 -51.39 52.53 -1.14
CA VAL B 769 -51.14 53.64 -2.06
C VAL B 769 -52.46 54.21 -2.58
N THR B 770 -53.40 53.34 -2.93
CA THR B 770 -54.70 53.80 -3.39
C THR B 770 -55.46 54.53 -2.28
N CYS B 771 -55.38 54.01 -1.06
CA CYS B 771 -56.03 54.67 0.07
C CYS B 771 -55.44 56.05 0.32
N THR B 772 -54.11 56.18 0.21
CA THR B 772 -53.48 57.47 0.40
C THR B 772 -53.85 58.44 -0.73
N VAL B 773 -53.92 57.93 -1.96
CA VAL B 773 -54.30 58.79 -3.09
C VAL B 773 -55.73 59.27 -2.94
N TYR B 774 -56.61 58.42 -2.42
CA TYR B 774 -57.99 58.83 -2.20
C TYR B 774 -58.10 59.81 -1.04
N ALA B 775 -57.32 59.61 0.02
CA ALA B 775 -57.36 60.49 1.18
C ALA B 775 -56.76 61.85 0.86
N PHE B 776 -55.82 61.92 -0.10
CA PHE B 776 -55.26 63.20 -0.50
C PHE B 776 -56.35 64.14 -1.03
N LYS B 777 -57.33 63.58 -1.73
CA LYS B 777 -58.45 64.38 -2.23
C LYS B 777 -59.61 64.45 -1.25
N THR B 778 -59.75 63.46 -0.38
CA THR B 778 -60.84 63.47 0.60
C THR B 778 -60.64 64.56 1.65
N ARG B 779 -59.38 64.81 2.01
CA ARG B 779 -59.09 65.82 3.02
C ARG B 779 -59.27 67.25 2.51
N GLY B 780 -59.50 67.43 1.21
CA GLY B 780 -59.66 68.78 0.68
C GLY B 780 -60.97 69.41 1.09
N VAL B 781 -62.06 68.65 1.06
CA VAL B 781 -63.39 69.14 1.40
C VAL B 781 -63.71 68.65 2.82
N PRO B 782 -63.77 69.52 3.81
CA PRO B 782 -64.10 69.08 5.17
C PRO B 782 -65.61 69.04 5.41
N GLU B 783 -66.12 67.90 5.83
CA GLU B 783 -67.54 67.74 6.08
C GLU B 783 -67.76 66.57 7.04
N ASN B 784 -68.96 66.53 7.62
CA ASN B 784 -69.36 65.47 8.56
C ASN B 784 -68.40 65.40 9.75
N PHE B 785 -68.27 66.53 10.44
CA PHE B 785 -67.42 66.65 11.62
C PHE B 785 -65.97 66.29 11.31
N ASN B 786 -65.52 66.60 10.09
CA ASN B 786 -64.15 66.32 9.65
C ASN B 786 -63.81 64.84 9.76
N GLU B 787 -64.79 63.99 9.44
CA GLU B 787 -64.54 62.55 9.46
C GLU B 787 -63.59 62.13 8.34
N ALA B 788 -63.72 62.76 7.16
CA ALA B 788 -62.82 62.48 6.07
C ALA B 788 -61.38 62.88 6.42
N LYS B 789 -61.22 63.98 7.15
CA LYS B 789 -59.88 64.39 7.57
C LYS B 789 -59.28 63.38 8.53
N TYR B 790 -60.08 62.85 9.47
CA TYR B 790 -59.58 61.83 10.39
C TYR B 790 -59.23 60.55 9.64
N ILE B 791 -60.05 60.16 8.67
CA ILE B 791 -59.74 58.97 7.89
C ILE B 791 -58.46 59.16 7.10
N GLY B 792 -58.26 60.35 6.54
CA GLY B 792 -57.03 60.63 5.82
C GLY B 792 -55.80 60.62 6.72
N PHE B 793 -55.94 61.19 7.92
CA PHE B 793 -54.82 61.15 8.88
C PHE B 793 -54.49 59.71 9.28
N THR B 794 -55.52 58.88 9.50
CA THR B 794 -55.28 57.49 9.84
C THR B 794 -54.61 56.74 8.69
N MET B 795 -55.05 57.01 7.46
CA MET B 795 -54.42 56.36 6.30
C MET B 795 -52.97 56.80 6.14
N TYR B 796 -52.69 58.09 6.36
CA TYR B 796 -51.32 58.56 6.27
C TYR B 796 -50.44 57.94 7.36
N THR B 797 -50.98 57.81 8.59
CA THR B 797 -50.23 57.18 9.65
C THR B 797 -49.96 55.71 9.34
N THR B 798 -50.96 55.01 8.78
CA THR B 798 -50.76 53.61 8.42
C THR B 798 -49.71 53.47 7.32
N CYS B 799 -49.74 54.37 6.33
CA CYS B 799 -48.74 54.33 5.27
C CYS B 799 -47.35 54.63 5.80
N ILE B 800 -47.23 55.56 6.74
CA ILE B 800 -45.93 55.89 7.32
C ILE B 800 -45.42 54.72 8.15
N VAL B 801 -46.32 54.02 8.84
CA VAL B 801 -45.90 52.86 9.63
C VAL B 801 -45.48 51.72 8.71
N TRP B 802 -46.19 51.53 7.60
CA TRP B 802 -45.81 50.47 6.66
C TRP B 802 -44.51 50.79 5.94
N LEU B 803 -44.21 52.08 5.73
CA LEU B 803 -42.96 52.46 5.07
C LEU B 803 -41.76 52.17 5.97
N ALA B 804 -41.91 52.37 7.28
CA ALA B 804 -40.82 52.09 8.19
C ALA B 804 -40.57 50.59 8.35
N PHE B 805 -41.61 49.77 8.15
CA PHE B 805 -41.44 48.33 8.27
C PHE B 805 -40.60 47.76 7.15
N ILE B 806 -40.67 48.35 5.96
CA ILE B 806 -39.90 47.89 4.80
C ILE B 806 -38.43 48.15 5.04
N PRO B 807 -38.07 49.28 5.68
CA PRO B 807 -36.64 49.53 5.92
C PRO B 807 -36.03 48.62 6.96
N ILE B 808 -36.83 48.09 7.89
CA ILE B 808 -36.30 47.19 8.91
C ILE B 808 -35.94 45.84 8.29
N PHE B 809 -36.77 45.35 7.37
CA PHE B 809 -36.53 44.06 6.73
C PHE B 809 -35.59 44.15 5.54
N PHE B 810 -35.14 45.34 5.17
CA PHE B 810 -34.24 45.55 4.05
C PHE B 810 -32.86 45.93 4.57
N GLY B 811 -31.84 45.19 4.14
CA GLY B 811 -30.48 45.46 4.55
C GLY B 811 -30.09 44.90 5.91
N THR B 812 -30.99 44.17 6.57
CA THR B 812 -30.71 43.61 7.88
C THR B 812 -30.06 42.23 7.71
N ALA B 813 -28.88 42.23 7.12
CA ALA B 813 -28.11 41.02 6.86
C ALA B 813 -26.92 40.87 7.78
N GLN B 814 -26.77 41.74 8.78
CA GLN B 814 -25.67 41.70 9.72
C GLN B 814 -26.12 41.28 11.12
N SER B 815 -27.08 40.35 11.18
CA SER B 815 -27.60 39.89 12.46
C SER B 815 -28.07 38.45 12.29
N ALA B 816 -27.53 37.55 13.10
CA ALA B 816 -27.92 36.14 13.05
C ALA B 816 -29.21 35.85 13.80
N GLU B 817 -29.75 36.83 14.53
CA GLU B 817 -31.00 36.68 15.27
C GLU B 817 -32.14 37.41 14.58
N LYS B 818 -32.14 37.39 13.24
CA LYS B 818 -33.17 38.09 12.48
C LYS B 818 -34.55 37.47 12.70
N LEU B 819 -34.61 36.15 12.84
CA LEU B 819 -35.89 35.47 13.03
C LEU B 819 -36.58 35.86 14.33
N TYR B 820 -35.84 36.43 15.29
CA TYR B 820 -36.40 36.86 16.55
C TYR B 820 -36.44 38.37 16.70
N ILE B 821 -36.07 39.12 15.67
CA ILE B 821 -36.03 40.58 15.71
C ILE B 821 -36.89 41.20 14.62
N GLN B 822 -36.65 40.80 13.37
CA GLN B 822 -37.38 41.41 12.25
C GLN B 822 -38.86 41.04 12.27
N THR B 823 -39.17 39.77 12.53
CA THR B 823 -40.56 39.36 12.63
C THR B 823 -41.27 40.05 13.78
N THR B 824 -40.58 40.19 14.92
CA THR B 824 -41.16 40.89 16.06
C THR B 824 -41.43 42.35 15.74
N THR B 825 -40.48 43.00 15.05
CA THR B 825 -40.68 44.41 14.68
C THR B 825 -41.82 44.57 13.70
N LEU B 826 -41.94 43.67 12.73
CA LEU B 826 -43.04 43.74 11.78
C LEU B 826 -44.38 43.52 12.47
N THR B 827 -44.44 42.55 13.39
CA THR B 827 -45.68 42.31 14.12
C THR B 827 -46.03 43.50 15.00
N ILE B 828 -45.03 44.14 15.61
CA ILE B 828 -45.30 45.30 16.44
C ILE B 828 -45.81 46.47 15.61
N SER B 829 -45.21 46.67 14.42
CA SER B 829 -45.69 47.74 13.54
C SER B 829 -47.13 47.48 13.08
N MET B 830 -47.42 46.23 12.71
CA MET B 830 -48.79 45.91 12.28
C MET B 830 -49.78 46.09 13.42
N ASN B 831 -49.41 45.68 14.64
CA ASN B 831 -50.30 45.85 15.78
C ASN B 831 -50.51 47.32 16.12
N LEU B 832 -49.45 48.14 15.99
CA LEU B 832 -49.59 49.56 16.24
C LEU B 832 -50.50 50.21 15.21
N SER B 833 -50.36 49.84 13.94
CA SER B 833 -51.24 50.37 12.90
C SER B 833 -52.69 49.97 13.16
N ALA B 834 -52.91 48.69 13.52
CA ALA B 834 -54.27 48.23 13.78
C ALA B 834 -54.87 48.94 15.00
N SER B 835 -54.07 49.16 16.04
CA SER B 835 -54.57 49.86 17.23
C SER B 835 -54.88 51.32 16.91
N VAL B 836 -54.05 51.97 16.10
CA VAL B 836 -54.33 53.34 15.71
C VAL B 836 -55.62 53.41 14.90
N ALA B 837 -55.81 52.47 13.97
CA ALA B 837 -57.04 52.45 13.19
C ALA B 837 -58.26 52.22 14.07
N LEU B 838 -58.15 51.30 15.03
CA LEU B 838 -59.28 51.02 15.93
C LEU B 838 -59.59 52.22 16.82
N GLY B 839 -58.55 52.92 17.28
CA GLY B 839 -58.79 54.10 18.11
C GLY B 839 -59.39 55.24 17.31
N MET B 840 -58.98 55.39 16.05
CA MET B 840 -59.56 56.44 15.20
C MET B 840 -60.99 56.10 14.81
N LEU B 841 -61.32 54.81 14.68
CA LEU B 841 -62.67 54.42 14.29
C LEU B 841 -63.64 54.48 15.47
N TYR B 842 -63.20 54.05 16.65
CA TYR B 842 -64.06 53.99 17.82
C TYR B 842 -64.16 55.32 18.57
N MET B 843 -63.53 56.39 18.07
CA MET B 843 -63.57 57.67 18.75
C MET B 843 -64.95 58.29 18.66
N PRO B 844 -65.60 58.23 17.49
CA PRO B 844 -66.94 58.84 17.39
C PRO B 844 -67.98 58.14 18.25
N LYS B 845 -67.93 56.81 18.33
CA LYS B 845 -68.87 56.10 19.18
C LYS B 845 -68.66 56.46 20.65
N VAL B 846 -67.40 56.59 21.07
CA VAL B 846 -67.12 56.97 22.45
C VAL B 846 -67.60 58.39 22.73
N TYR B 847 -67.38 59.31 21.78
CA TYR B 847 -67.85 60.67 21.97
C TYR B 847 -69.37 60.75 22.01
N ILE B 848 -70.05 59.89 21.24
CA ILE B 848 -71.51 59.89 21.25
C ILE B 848 -72.03 59.28 22.56
N ILE B 849 -71.35 58.25 23.08
CA ILE B 849 -71.77 57.63 24.32
C ILE B 849 -71.53 58.57 25.50
N ILE B 850 -70.44 59.34 25.46
CA ILE B 850 -70.15 60.27 26.54
C ILE B 850 -71.12 61.45 26.50
N PHE B 851 -71.39 61.98 25.31
CA PHE B 851 -72.31 63.10 25.17
C PHE B 851 -73.61 62.67 24.49
#